data_2ZG1
# 
_entry.id   2ZG1 
# 
_audit_conform.dict_name       mmcif_pdbx.dic 
_audit_conform.dict_version    5.397 
_audit_conform.dict_location   http://mmcif.pdb.org/dictionaries/ascii/mmcif_pdbx.dic 
# 
loop_
_database_2.database_id 
_database_2.database_code 
_database_2.pdbx_database_accession 
_database_2.pdbx_DOI 
PDB   2ZG1         pdb_00002zg1 10.2210/pdb2zg1/pdb 
RCSB  RCSB027925   ?            ?                   
WWPDB D_1000027925 ?            ?                   
# 
loop_
_pdbx_audit_revision_history.ordinal 
_pdbx_audit_revision_history.data_content_type 
_pdbx_audit_revision_history.major_revision 
_pdbx_audit_revision_history.minor_revision 
_pdbx_audit_revision_history.revision_date 
1 'Structure model' 1 0 2008-02-05 
2 'Structure model' 1 1 2011-07-13 
3 'Structure model' 1 2 2020-07-29 
4 'Structure model' 1 3 2023-11-01 
5 'Structure model' 1 4 2024-10-30 
# 
loop_
_pdbx_audit_revision_details.ordinal 
_pdbx_audit_revision_details.revision_ordinal 
_pdbx_audit_revision_details.data_content_type 
_pdbx_audit_revision_details.provider 
_pdbx_audit_revision_details.type 
_pdbx_audit_revision_details.description 
_pdbx_audit_revision_details.details 
1 1 'Structure model' repository 'Initial release' ?                          ? 
2 3 'Structure model' repository Remediation       'Carbohydrate remediation' ? 
# 
loop_
_pdbx_audit_revision_group.ordinal 
_pdbx_audit_revision_group.revision_ordinal 
_pdbx_audit_revision_group.data_content_type 
_pdbx_audit_revision_group.group 
1  2 'Structure model' 'Version format compliance' 
2  3 'Structure model' Advisory                    
3  3 'Structure model' 'Data collection'           
4  3 'Structure model' 'Derived calculations'      
5  3 'Structure model' 'Structure summary'         
6  4 'Structure model' Advisory                    
7  4 'Structure model' 'Data collection'           
8  4 'Structure model' 'Database references'       
9  4 'Structure model' 'Refinement description'    
10 4 'Structure model' 'Structure summary'         
11 5 'Structure model' 'Structure summary'         
# 
loop_
_pdbx_audit_revision_category.ordinal 
_pdbx_audit_revision_category.revision_ordinal 
_pdbx_audit_revision_category.data_content_type 
_pdbx_audit_revision_category.category 
1  3 'Structure model' chem_comp                     
2  3 'Structure model' entity                        
3  3 'Structure model' pdbx_chem_comp_identifier     
4  3 'Structure model' pdbx_entity_nonpoly           
5  3 'Structure model' pdbx_unobs_or_zero_occ_atoms  
6  3 'Structure model' struct_site                   
7  3 'Structure model' struct_site_gen               
8  4 'Structure model' chem_comp                     
9  4 'Structure model' chem_comp_atom                
10 4 'Structure model' chem_comp_bond                
11 4 'Structure model' database_2                    
12 4 'Structure model' pdbx_initial_refinement_model 
13 4 'Structure model' pdbx_unobs_or_zero_occ_atoms  
14 5 'Structure model' pdbx_entry_details            
15 5 'Structure model' pdbx_modification_feature     
# 
loop_
_pdbx_audit_revision_item.ordinal 
_pdbx_audit_revision_item.revision_ordinal 
_pdbx_audit_revision_item.data_content_type 
_pdbx_audit_revision_item.item 
1 3 'Structure model' '_chem_comp.name'                     
2 3 'Structure model' '_chem_comp.type'                     
3 3 'Structure model' '_entity.pdbx_description'            
4 3 'Structure model' '_pdbx_entity_nonpoly.name'           
5 4 'Structure model' '_chem_comp.pdbx_synonyms'            
6 4 'Structure model' '_database_2.pdbx_DOI'                
7 4 'Structure model' '_database_2.pdbx_database_accession' 
# 
_pdbx_database_status.status_code                     REL 
_pdbx_database_status.entry_id                        2ZG1 
_pdbx_database_status.recvd_initial_deposition_date   2008-01-17 
_pdbx_database_status.deposit_site                    PDBJ 
_pdbx_database_status.process_site                    PDBJ 
_pdbx_database_status.status_code_sf                  REL 
_pdbx_database_status.status_code_mr                  ? 
_pdbx_database_status.SG_entry                        ? 
_pdbx_database_status.pdb_format_compatible           Y 
_pdbx_database_status.status_code_cs                  ? 
_pdbx_database_status.status_code_nmr_data            ? 
_pdbx_database_status.methods_development_category    ? 
# 
loop_
_pdbx_database_related.db_name 
_pdbx_database_related.db_id 
_pdbx_database_related.details 
_pdbx_database_related.content_type 
PDB 1O7S Siglec-7                                                                                    unspecified 
PDB 1QFO Siglec-1                                                                                    unspecified 
PDB 2ZG2 'N-terminal V-set and C2-set domain structure of native Siglec-5'                           unspecified 
PDB 2ZG3 
;N-terminal V-set and C2-set domain structure of Siglec-5 in complex with 3'-sialyllactose
;
unspecified 
# 
loop_
_audit_author.name 
_audit_author.pdbx_ordinal 
'Zhuravleva, M.A.' 1 
'Sun, P.D.'        2 
# 
_citation.id                        primary 
_citation.title                     'Structural implications of Siglec-5-mediated sialoglycan recognition' 
_citation.journal_abbrev            J.Mol.Biol. 
_citation.journal_volume            375 
_citation.page_first                437 
_citation.page_last                 447 
_citation.year                      2008 
_citation.journal_id_ASTM           JMOBAK 
_citation.country                   UK 
_citation.journal_id_ISSN           0022-2836 
_citation.journal_id_CSD            0070 
_citation.book_publisher            ? 
_citation.pdbx_database_id_PubMed   18022638 
_citation.pdbx_database_id_DOI      10.1016/j.jmb.2007.10.009 
# 
loop_
_citation_author.citation_id 
_citation_author.name 
_citation_author.ordinal 
_citation_author.identifier_ORCID 
primary 'Zhuravleva, M.A.' 1 ? 
primary 'Trandem, K.'      2 ? 
primary 'Sun, P.D.'        3 ? 
# 
loop_
_entity.id 
_entity.type 
_entity.src_method 
_entity.pdbx_description 
_entity.formula_weight 
_entity.pdbx_number_of_molecules 
_entity.pdbx_ec 
_entity.pdbx_mutation 
_entity.pdbx_fragment 
_entity.details 
1 polymer     man 'Sialic acid-binding Ig-like lectin 5' 24332.354 1  ? ? 
'N-terminal V-set and C2-set domain, UNP residues 20-233' ? 
2 non-polymer man 'N-acetyl-alpha-neuraminic acid'       309.270   1  ? ? ? ? 
3 water       nat water                                  18.015    41 ? ? ? ? 
# 
_entity_name_com.entity_id   1 
_entity_name_com.name        
'Siglec-5, Obesity-binding protein 2, OB-binding protein 2, OB-BP2, CD33 antigen-like 2, CD170 antigen' 
# 
_entity_poly.entity_id                      1 
_entity_poly.type                           'polypeptide(L)' 
_entity_poly.nstd_linkage                   no 
_entity_poly.nstd_monomer                   no 
_entity_poly.pdbx_seq_one_letter_code       
;VYELQVQKSVTVQEGLCVLVPCSFSYPWRSWYSSPPLYVYWFRDGEIPYYAEVVATNNPDRRVKPETQGRFRLLGDVQKK
NCSLSIGDARMEDTGSYFFRVERGRDVKYSYQQNKLNLEVTALIEKPDIHFLEPLESGRPTRLSCSLPGSCEAGPPLTFS
WTGNALSPLDPETTRSSELTLTPRPEDHGTNLTCQMKRQGAQVTTERTVQLNVS
;
_entity_poly.pdbx_seq_one_letter_code_can   
;VYELQVQKSVTVQEGLCVLVPCSFSYPWRSWYSSPPLYVYWFRDGEIPYYAEVVATNNPDRRVKPETQGRFRLLGDVQKK
NCSLSIGDARMEDTGSYFFRVERGRDVKYSYQQNKLNLEVTALIEKPDIHFLEPLESGRPTRLSCSLPGSCEAGPPLTFS
WTGNALSPLDPETTRSSELTLTPRPEDHGTNLTCQMKRQGAQVTTERTVQLNVS
;
_entity_poly.pdbx_strand_id                 A 
_entity_poly.pdbx_target_identifier         ? 
# 
loop_
_pdbx_entity_nonpoly.entity_id 
_pdbx_entity_nonpoly.name 
_pdbx_entity_nonpoly.comp_id 
2 'N-acetyl-alpha-neuraminic acid' SIA 
3 water                            HOH 
# 
loop_
_entity_poly_seq.entity_id 
_entity_poly_seq.num 
_entity_poly_seq.mon_id 
_entity_poly_seq.hetero 
1 1   VAL n 
1 2   TYR n 
1 3   GLU n 
1 4   LEU n 
1 5   GLN n 
1 6   VAL n 
1 7   GLN n 
1 8   LYS n 
1 9   SER n 
1 10  VAL n 
1 11  THR n 
1 12  VAL n 
1 13  GLN n 
1 14  GLU n 
1 15  GLY n 
1 16  LEU n 
1 17  CYS n 
1 18  VAL n 
1 19  LEU n 
1 20  VAL n 
1 21  PRO n 
1 22  CYS n 
1 23  SER n 
1 24  PHE n 
1 25  SER n 
1 26  TYR n 
1 27  PRO n 
1 28  TRP n 
1 29  ARG n 
1 30  SER n 
1 31  TRP n 
1 32  TYR n 
1 33  SER n 
1 34  SER n 
1 35  PRO n 
1 36  PRO n 
1 37  LEU n 
1 38  TYR n 
1 39  VAL n 
1 40  TYR n 
1 41  TRP n 
1 42  PHE n 
1 43  ARG n 
1 44  ASP n 
1 45  GLY n 
1 46  GLU n 
1 47  ILE n 
1 48  PRO n 
1 49  TYR n 
1 50  TYR n 
1 51  ALA n 
1 52  GLU n 
1 53  VAL n 
1 54  VAL n 
1 55  ALA n 
1 56  THR n 
1 57  ASN n 
1 58  ASN n 
1 59  PRO n 
1 60  ASP n 
1 61  ARG n 
1 62  ARG n 
1 63  VAL n 
1 64  LYS n 
1 65  PRO n 
1 66  GLU n 
1 67  THR n 
1 68  GLN n 
1 69  GLY n 
1 70  ARG n 
1 71  PHE n 
1 72  ARG n 
1 73  LEU n 
1 74  LEU n 
1 75  GLY n 
1 76  ASP n 
1 77  VAL n 
1 78  GLN n 
1 79  LYS n 
1 80  LYS n 
1 81  ASN n 
1 82  CYS n 
1 83  SER n 
1 84  LEU n 
1 85  SER n 
1 86  ILE n 
1 87  GLY n 
1 88  ASP n 
1 89  ALA n 
1 90  ARG n 
1 91  MET n 
1 92  GLU n 
1 93  ASP n 
1 94  THR n 
1 95  GLY n 
1 96  SER n 
1 97  TYR n 
1 98  PHE n 
1 99  PHE n 
1 100 ARG n 
1 101 VAL n 
1 102 GLU n 
1 103 ARG n 
1 104 GLY n 
1 105 ARG n 
1 106 ASP n 
1 107 VAL n 
1 108 LYS n 
1 109 TYR n 
1 110 SER n 
1 111 TYR n 
1 112 GLN n 
1 113 GLN n 
1 114 ASN n 
1 115 LYS n 
1 116 LEU n 
1 117 ASN n 
1 118 LEU n 
1 119 GLU n 
1 120 VAL n 
1 121 THR n 
1 122 ALA n 
1 123 LEU n 
1 124 ILE n 
1 125 GLU n 
1 126 LYS n 
1 127 PRO n 
1 128 ASP n 
1 129 ILE n 
1 130 HIS n 
1 131 PHE n 
1 132 LEU n 
1 133 GLU n 
1 134 PRO n 
1 135 LEU n 
1 136 GLU n 
1 137 SER n 
1 138 GLY n 
1 139 ARG n 
1 140 PRO n 
1 141 THR n 
1 142 ARG n 
1 143 LEU n 
1 144 SER n 
1 145 CYS n 
1 146 SER n 
1 147 LEU n 
1 148 PRO n 
1 149 GLY n 
1 150 SER n 
1 151 CYS n 
1 152 GLU n 
1 153 ALA n 
1 154 GLY n 
1 155 PRO n 
1 156 PRO n 
1 157 LEU n 
1 158 THR n 
1 159 PHE n 
1 160 SER n 
1 161 TRP n 
1 162 THR n 
1 163 GLY n 
1 164 ASN n 
1 165 ALA n 
1 166 LEU n 
1 167 SER n 
1 168 PRO n 
1 169 LEU n 
1 170 ASP n 
1 171 PRO n 
1 172 GLU n 
1 173 THR n 
1 174 THR n 
1 175 ARG n 
1 176 SER n 
1 177 SER n 
1 178 GLU n 
1 179 LEU n 
1 180 THR n 
1 181 LEU n 
1 182 THR n 
1 183 PRO n 
1 184 ARG n 
1 185 PRO n 
1 186 GLU n 
1 187 ASP n 
1 188 HIS n 
1 189 GLY n 
1 190 THR n 
1 191 ASN n 
1 192 LEU n 
1 193 THR n 
1 194 CYS n 
1 195 GLN n 
1 196 MET n 
1 197 LYS n 
1 198 ARG n 
1 199 GLN n 
1 200 GLY n 
1 201 ALA n 
1 202 GLN n 
1 203 VAL n 
1 204 THR n 
1 205 THR n 
1 206 GLU n 
1 207 ARG n 
1 208 THR n 
1 209 VAL n 
1 210 GLN n 
1 211 LEU n 
1 212 ASN n 
1 213 VAL n 
1 214 SER n 
# 
_entity_src_gen.entity_id                          1 
_entity_src_gen.pdbx_src_id                        1 
_entity_src_gen.pdbx_alt_source_flag               sample 
_entity_src_gen.pdbx_seq_type                      ? 
_entity_src_gen.pdbx_beg_seq_num                   ? 
_entity_src_gen.pdbx_end_seq_num                   ? 
_entity_src_gen.gene_src_common_name               human 
_entity_src_gen.gene_src_genus                     Homo 
_entity_src_gen.pdbx_gene_src_gene                 SIGLEC5 
_entity_src_gen.gene_src_species                   ? 
_entity_src_gen.gene_src_strain                    ? 
_entity_src_gen.gene_src_tissue                    ? 
_entity_src_gen.gene_src_tissue_fraction           ? 
_entity_src_gen.gene_src_details                   ? 
_entity_src_gen.pdbx_gene_src_fragment             ? 
_entity_src_gen.pdbx_gene_src_scientific_name      'Homo sapiens' 
_entity_src_gen.pdbx_gene_src_ncbi_taxonomy_id     9606 
_entity_src_gen.pdbx_gene_src_variant              ? 
_entity_src_gen.pdbx_gene_src_cell_line            ? 
_entity_src_gen.pdbx_gene_src_atcc                 ? 
_entity_src_gen.pdbx_gene_src_organ                ? 
_entity_src_gen.pdbx_gene_src_organelle            ? 
_entity_src_gen.pdbx_gene_src_cell                 ? 
_entity_src_gen.pdbx_gene_src_cellular_location    ? 
_entity_src_gen.host_org_common_name               ? 
_entity_src_gen.pdbx_host_org_scientific_name      'Escherichia coli BL21(DE3)' 
_entity_src_gen.pdbx_host_org_ncbi_taxonomy_id     469008 
_entity_src_gen.host_org_genus                     Escherichia 
_entity_src_gen.pdbx_host_org_gene                 ? 
_entity_src_gen.pdbx_host_org_organ                ? 
_entity_src_gen.host_org_species                   'Escherichia coli' 
_entity_src_gen.pdbx_host_org_tissue               ? 
_entity_src_gen.pdbx_host_org_tissue_fraction      ? 
_entity_src_gen.pdbx_host_org_strain               'BL21(DE3)' 
_entity_src_gen.pdbx_host_org_variant              ? 
_entity_src_gen.pdbx_host_org_cell_line            ? 
_entity_src_gen.pdbx_host_org_atcc                 ? 
_entity_src_gen.pdbx_host_org_culture_collection   ? 
_entity_src_gen.pdbx_host_org_cell                 ? 
_entity_src_gen.pdbx_host_org_organelle            ? 
_entity_src_gen.pdbx_host_org_cellular_location    ? 
_entity_src_gen.pdbx_host_org_vector_type          plasmid 
_entity_src_gen.pdbx_host_org_vector               ? 
_entity_src_gen.host_org_details                   ? 
_entity_src_gen.expression_system_id               ? 
_entity_src_gen.plasmid_name                       pET30a 
_entity_src_gen.plasmid_details                    ? 
_entity_src_gen.pdbx_description                   ? 
# 
loop_
_chem_comp.id 
_chem_comp.type 
_chem_comp.mon_nstd_flag 
_chem_comp.name 
_chem_comp.pdbx_synonyms 
_chem_comp.formula 
_chem_comp.formula_weight 
ALA 'L-peptide linking'           y ALANINE                          ? 'C3 H7 N O2'     89.093  
ARG 'L-peptide linking'           y ARGININE                         ? 'C6 H15 N4 O2 1' 175.209 
ASN 'L-peptide linking'           y ASPARAGINE                       ? 'C4 H8 N2 O3'    132.118 
ASP 'L-peptide linking'           y 'ASPARTIC ACID'                  ? 'C4 H7 N O4'     133.103 
CYS 'L-peptide linking'           y CYSTEINE                         ? 'C3 H7 N O2 S'   121.158 
GLN 'L-peptide linking'           y GLUTAMINE                        ? 'C5 H10 N2 O3'   146.144 
GLU 'L-peptide linking'           y 'GLUTAMIC ACID'                  ? 'C5 H9 N O4'     147.129 
GLY 'peptide linking'             y GLYCINE                          ? 'C2 H5 N O2'     75.067  
HIS 'L-peptide linking'           y HISTIDINE                        ? 'C6 H10 N3 O2 1' 156.162 
HOH non-polymer                   . WATER                            ? 'H2 O'           18.015  
ILE 'L-peptide linking'           y ISOLEUCINE                       ? 'C6 H13 N O2'    131.173 
LEU 'L-peptide linking'           y LEUCINE                          ? 'C6 H13 N O2'    131.173 
LYS 'L-peptide linking'           y LYSINE                           ? 'C6 H15 N2 O2 1' 147.195 
MET 'L-peptide linking'           y METHIONINE                       ? 'C5 H11 N O2 S'  149.211 
PHE 'L-peptide linking'           y PHENYLALANINE                    ? 'C9 H11 N O2'    165.189 
PRO 'L-peptide linking'           y PROLINE                          ? 'C5 H9 N O2'     115.130 
SER 'L-peptide linking'           y SERINE                           ? 'C3 H7 N O3'     105.093 
SIA 'D-saccharide, alpha linking' . 'N-acetyl-alpha-neuraminic acid' 
'N-acetylneuraminic acid; sialic acid; alpha-sialic acid; O-SIALIC ACID' 'C11 H19 N O9'   309.270 
THR 'L-peptide linking'           y THREONINE                        ? 'C4 H9 N O3'     119.119 
TRP 'L-peptide linking'           y TRYPTOPHAN                       ? 'C11 H12 N2 O2'  204.225 
TYR 'L-peptide linking'           y TYROSINE                         ? 'C9 H11 N O3'    181.189 
VAL 'L-peptide linking'           y VALINE                           ? 'C5 H11 N O2'    117.146 
# 
loop_
_pdbx_chem_comp_identifier.comp_id 
_pdbx_chem_comp_identifier.type 
_pdbx_chem_comp_identifier.program 
_pdbx_chem_comp_identifier.program_version 
_pdbx_chem_comp_identifier.identifier 
SIA 'CONDENSED IUPAC CARBOHYDRATE SYMBOL' GMML     1.0 DNeup5Aca                      
SIA 'COMMON NAME'                         GMML     1.0 'N-acetyl-a-D-neuraminic acid' 
SIA 'IUPAC CARBOHYDRATE SYMBOL'           PDB-CARE 1.0 a-D-Neup5Ac                    
SIA 'SNFG CARBOHYDRATE SYMBOL'            GMML     1.0 Neu5Ac                         
# 
loop_
_pdbx_poly_seq_scheme.asym_id 
_pdbx_poly_seq_scheme.entity_id 
_pdbx_poly_seq_scheme.seq_id 
_pdbx_poly_seq_scheme.mon_id 
_pdbx_poly_seq_scheme.ndb_seq_num 
_pdbx_poly_seq_scheme.pdb_seq_num 
_pdbx_poly_seq_scheme.auth_seq_num 
_pdbx_poly_seq_scheme.pdb_mon_id 
_pdbx_poly_seq_scheme.auth_mon_id 
_pdbx_poly_seq_scheme.pdb_strand_id 
_pdbx_poly_seq_scheme.pdb_ins_code 
_pdbx_poly_seq_scheme.hetero 
A 1 1   VAL 1   25  25  VAL VAL A . n 
A 1 2   TYR 2   26  26  TYR TYR A . n 
A 1 3   GLU 3   27  27  GLU GLU A . n 
A 1 4   LEU 4   28  28  LEU LEU A . n 
A 1 5   GLN 5   29  29  GLN GLN A . n 
A 1 6   VAL 6   30  30  VAL VAL A . n 
A 1 7   GLN 7   31  31  GLN GLN A . n 
A 1 8   LYS 8   32  32  LYS LYS A . n 
A 1 9   SER 9   33  33  SER SER A . n 
A 1 10  VAL 10  34  34  VAL VAL A . n 
A 1 11  THR 11  35  35  THR THR A . n 
A 1 12  VAL 12  36  36  VAL VAL A . n 
A 1 13  GLN 13  37  37  GLN GLN A . n 
A 1 14  GLU 14  38  38  GLU GLU A . n 
A 1 15  GLY 15  39  39  GLY GLY A . n 
A 1 16  LEU 16  40  40  LEU LEU A . n 
A 1 17  CYS 17  41  41  CYS CYS A . n 
A 1 18  VAL 18  42  42  VAL VAL A . n 
A 1 19  LEU 19  43  43  LEU LEU A . n 
A 1 20  VAL 20  44  44  VAL VAL A . n 
A 1 21  PRO 21  45  45  PRO PRO A . n 
A 1 22  CYS 22  46  46  CYS CYS A . n 
A 1 23  SER 23  47  47  SER SER A . n 
A 1 24  PHE 24  48  48  PHE PHE A . n 
A 1 25  SER 25  49  49  SER SER A . n 
A 1 26  TYR 26  50  50  TYR TYR A . n 
A 1 27  PRO 27  51  51  PRO PRO A . n 
A 1 28  TRP 28  52  52  TRP TRP A . n 
A 1 29  ARG 29  53  53  ARG ARG A . n 
A 1 30  SER 30  54  54  SER SER A . n 
A 1 31  TRP 31  55  55  TRP TRP A . n 
A 1 32  TYR 32  56  56  TYR TYR A . n 
A 1 33  SER 33  57  57  SER SER A . n 
A 1 34  SER 34  58  58  SER SER A . n 
A 1 35  PRO 35  59  59  PRO PRO A . n 
A 1 36  PRO 36  60  60  PRO PRO A . n 
A 1 37  LEU 37  61  61  LEU LEU A . n 
A 1 38  TYR 38  62  62  TYR TYR A . n 
A 1 39  VAL 39  63  63  VAL VAL A . n 
A 1 40  TYR 40  64  64  TYR TYR A . n 
A 1 41  TRP 41  65  65  TRP TRP A . n 
A 1 42  PHE 42  66  66  PHE PHE A . n 
A 1 43  ARG 43  67  67  ARG ARG A . n 
A 1 44  ASP 44  68  68  ASP ASP A . n 
A 1 45  GLY 45  69  69  GLY GLY A . n 
A 1 46  GLU 46  70  70  GLU GLU A . n 
A 1 47  ILE 47  71  71  ILE ILE A . n 
A 1 48  PRO 48  72  72  PRO PRO A . n 
A 1 49  TYR 49  73  73  TYR TYR A . n 
A 1 50  TYR 50  74  74  TYR TYR A . n 
A 1 51  ALA 51  75  75  ALA ALA A . n 
A 1 52  GLU 52  76  76  GLU GLU A . n 
A 1 53  VAL 53  77  77  VAL VAL A . n 
A 1 54  VAL 54  78  78  VAL VAL A . n 
A 1 55  ALA 55  79  79  ALA ALA A . n 
A 1 56  THR 56  80  80  THR THR A . n 
A 1 57  ASN 57  81  81  ASN ASN A . n 
A 1 58  ASN 58  82  82  ASN ASN A . n 
A 1 59  PRO 59  83  83  PRO PRO A . n 
A 1 60  ASP 60  84  84  ASP ASP A . n 
A 1 61  ARG 61  85  85  ARG ARG A . n 
A 1 62  ARG 62  86  86  ARG ARG A . n 
A 1 63  VAL 63  87  87  VAL VAL A . n 
A 1 64  LYS 64  88  88  LYS LYS A . n 
A 1 65  PRO 65  89  89  PRO PRO A . n 
A 1 66  GLU 66  90  90  GLU GLU A . n 
A 1 67  THR 67  91  91  THR THR A . n 
A 1 68  GLN 68  92  92  GLN GLN A . n 
A 1 69  GLY 69  93  93  GLY GLY A . n 
A 1 70  ARG 70  94  94  ARG ARG A . n 
A 1 71  PHE 71  95  95  PHE PHE A . n 
A 1 72  ARG 72  96  96  ARG ARG A . n 
A 1 73  LEU 73  97  97  LEU LEU A . n 
A 1 74  LEU 74  98  98  LEU LEU A . n 
A 1 75  GLY 75  99  99  GLY GLY A . n 
A 1 76  ASP 76  100 100 ASP ASP A . n 
A 1 77  VAL 77  101 101 VAL VAL A . n 
A 1 78  GLN 78  102 102 GLN GLN A . n 
A 1 79  LYS 79  103 103 LYS LYS A . n 
A 1 80  LYS 80  104 104 LYS LYS A . n 
A 1 81  ASN 81  105 105 ASN ASN A . n 
A 1 82  CYS 82  106 106 CYS CYS A . n 
A 1 83  SER 83  107 107 SER SER A . n 
A 1 84  LEU 84  108 108 LEU LEU A . n 
A 1 85  SER 85  109 109 SER SER A . n 
A 1 86  ILE 86  110 110 ILE ILE A . n 
A 1 87  GLY 87  111 111 GLY GLY A . n 
A 1 88  ASP 88  112 112 ASP ASP A . n 
A 1 89  ALA 89  113 113 ALA ALA A . n 
A 1 90  ARG 90  114 114 ARG ARG A . n 
A 1 91  MET 91  115 115 MET MET A . n 
A 1 92  GLU 92  116 116 GLU GLU A . n 
A 1 93  ASP 93  117 117 ASP ASP A . n 
A 1 94  THR 94  118 118 THR THR A . n 
A 1 95  GLY 95  119 119 GLY GLY A . n 
A 1 96  SER 96  120 120 SER SER A . n 
A 1 97  TYR 97  121 121 TYR TYR A . n 
A 1 98  PHE 98  122 122 PHE PHE A . n 
A 1 99  PHE 99  123 123 PHE PHE A . n 
A 1 100 ARG 100 124 124 ARG ARG A . n 
A 1 101 VAL 101 125 125 VAL VAL A . n 
A 1 102 GLU 102 126 126 GLU GLU A . n 
A 1 103 ARG 103 127 127 ARG ARG A . n 
A 1 104 GLY 104 128 128 GLY GLY A . n 
A 1 105 ARG 105 129 129 ARG ARG A . n 
A 1 106 ASP 106 130 130 ASP ASP A . n 
A 1 107 VAL 107 131 131 VAL VAL A . n 
A 1 108 LYS 108 132 132 LYS LYS A . n 
A 1 109 TYR 109 133 133 TYR TYR A . n 
A 1 110 SER 110 134 134 SER SER A . n 
A 1 111 TYR 111 135 135 TYR TYR A . n 
A 1 112 GLN 112 136 136 GLN GLN A . n 
A 1 113 GLN 113 137 137 GLN GLN A . n 
A 1 114 ASN 114 138 138 ASN ASN A . n 
A 1 115 LYS 115 139 139 LYS LYS A . n 
A 1 116 LEU 116 140 140 LEU LEU A . n 
A 1 117 ASN 117 141 141 ASN ASN A . n 
A 1 118 LEU 118 142 142 LEU LEU A . n 
A 1 119 GLU 119 143 143 GLU GLU A . n 
A 1 120 VAL 120 144 144 VAL VAL A . n 
A 1 121 THR 121 145 145 THR THR A . n 
A 1 122 ALA 122 146 146 ALA ALA A . n 
A 1 123 LEU 123 147 147 LEU LEU A . n 
A 1 124 ILE 124 148 148 ILE ILE A . n 
A 1 125 GLU 125 149 149 GLU GLU A . n 
A 1 126 LYS 126 150 150 LYS LYS A . n 
A 1 127 PRO 127 151 151 PRO PRO A . n 
A 1 128 ASP 128 152 152 ASP ASP A . n 
A 1 129 ILE 129 153 153 ILE ILE A . n 
A 1 130 HIS 130 154 154 HIS HIS A . n 
A 1 131 PHE 131 155 ?   ?   ?   A . n 
A 1 132 LEU 132 156 ?   ?   ?   A . n 
A 1 133 GLU 133 157 157 GLU GLU A . n 
A 1 134 PRO 134 158 158 PRO PRO A . n 
A 1 135 LEU 135 159 159 LEU LEU A . n 
A 1 136 GLU 136 160 160 GLU GLU A . n 
A 1 137 SER 137 161 161 SER SER A . n 
A 1 138 GLY 138 162 162 GLY GLY A . n 
A 1 139 ARG 139 163 163 ARG ARG A . n 
A 1 140 PRO 140 164 164 PRO PRO A . n 
A 1 141 THR 141 165 165 THR THR A . n 
A 1 142 ARG 142 166 166 ARG ARG A . n 
A 1 143 LEU 143 167 167 LEU LEU A . n 
A 1 144 SER 144 168 168 SER SER A . n 
A 1 145 CYS 145 169 169 CYS CYS A . n 
A 1 146 SER 146 170 170 SER SER A . n 
A 1 147 LEU 147 171 171 LEU LEU A . n 
A 1 148 PRO 148 172 172 PRO PRO A . n 
A 1 149 GLY 149 173 173 GLY GLY A . n 
A 1 150 SER 150 174 174 SER SER A . n 
A 1 151 CYS 151 175 175 CYS CYS A . n 
A 1 152 GLU 152 176 176 GLU GLU A . n 
A 1 153 ALA 153 177 177 ALA ALA A . n 
A 1 154 GLY 154 178 178 GLY GLY A . n 
A 1 155 PRO 155 179 179 PRO PRO A . n 
A 1 156 PRO 156 180 180 PRO PRO A . n 
A 1 157 LEU 157 181 181 LEU LEU A . n 
A 1 158 THR 158 182 182 THR THR A . n 
A 1 159 PHE 159 183 183 PHE PHE A . n 
A 1 160 SER 160 184 184 SER SER A . n 
A 1 161 TRP 161 185 185 TRP TRP A . n 
A 1 162 THR 162 186 186 THR THR A . n 
A 1 163 GLY 163 187 187 GLY GLY A . n 
A 1 164 ASN 164 188 188 ASN ASN A . n 
A 1 165 ALA 165 189 189 ALA ALA A . n 
A 1 166 LEU 166 190 190 LEU LEU A . n 
A 1 167 SER 167 191 191 SER SER A . n 
A 1 168 PRO 168 192 192 PRO PRO A . n 
A 1 169 LEU 169 193 193 LEU LEU A . n 
A 1 170 ASP 170 194 194 ASP ASP A . n 
A 1 171 PRO 171 195 195 PRO PRO A . n 
A 1 172 GLU 172 196 196 GLU GLU A . n 
A 1 173 THR 173 197 197 THR THR A . n 
A 1 174 THR 174 198 198 THR THR A . n 
A 1 175 ARG 175 199 199 ARG ARG A . n 
A 1 176 SER 176 200 200 SER SER A . n 
A 1 177 SER 177 201 201 SER SER A . n 
A 1 178 GLU 178 202 202 GLU GLU A . n 
A 1 179 LEU 179 203 203 LEU LEU A . n 
A 1 180 THR 180 204 204 THR THR A . n 
A 1 181 LEU 181 205 205 LEU LEU A . n 
A 1 182 THR 182 206 206 THR THR A . n 
A 1 183 PRO 183 207 207 PRO PRO A . n 
A 1 184 ARG 184 208 208 ARG ARG A . n 
A 1 185 PRO 185 209 209 PRO PRO A . n 
A 1 186 GLU 186 210 210 GLU GLU A . n 
A 1 187 ASP 187 211 211 ASP ASP A . n 
A 1 188 HIS 188 212 212 HIS HIS A . n 
A 1 189 GLY 189 213 213 GLY GLY A . n 
A 1 190 THR 190 214 214 THR THR A . n 
A 1 191 ASN 191 215 215 ASN ASN A . n 
A 1 192 LEU 192 216 216 LEU LEU A . n 
A 1 193 THR 193 217 217 THR THR A . n 
A 1 194 CYS 194 218 218 CYS CYS A . n 
A 1 195 GLN 195 219 219 GLN GLN A . n 
A 1 196 MET 196 220 220 MET MET A . n 
A 1 197 LYS 197 221 221 LYS LYS A . n 
A 1 198 ARG 198 222 222 ARG ARG A . n 
A 1 199 GLN 199 223 223 GLN GLN A . n 
A 1 200 GLY 200 224 ?   ?   ?   A . n 
A 1 201 ALA 201 225 ?   ?   ?   A . n 
A 1 202 GLN 202 226 ?   ?   ?   A . n 
A 1 203 VAL 203 227 ?   ?   ?   A . n 
A 1 204 THR 204 228 228 THR THR A . n 
A 1 205 THR 205 229 229 THR THR A . n 
A 1 206 GLU 206 230 230 GLU GLU A . n 
A 1 207 ARG 207 231 231 ARG ARG A . n 
A 1 208 THR 208 232 232 THR THR A . n 
A 1 209 VAL 209 233 233 VAL VAL A . n 
A 1 210 GLN 210 234 234 GLN GLN A . n 
A 1 211 LEU 211 235 235 LEU LEU A . n 
A 1 212 ASN 212 236 236 ASN ASN A . n 
A 1 213 VAL 213 237 237 VAL VAL A . n 
A 1 214 SER 214 238 238 SER SER A . n 
# 
loop_
_pdbx_nonpoly_scheme.asym_id 
_pdbx_nonpoly_scheme.entity_id 
_pdbx_nonpoly_scheme.mon_id 
_pdbx_nonpoly_scheme.ndb_seq_num 
_pdbx_nonpoly_scheme.pdb_seq_num 
_pdbx_nonpoly_scheme.auth_seq_num 
_pdbx_nonpoly_scheme.pdb_mon_id 
_pdbx_nonpoly_scheme.auth_mon_id 
_pdbx_nonpoly_scheme.pdb_strand_id 
_pdbx_nonpoly_scheme.pdb_ins_code 
B 2 SIA 1  241 241 SIA SIA A . 
C 3 HOH 1  242 242 HOH HOH A . 
C 3 HOH 2  243 243 HOH HOH A . 
C 3 HOH 3  244 244 HOH HOH A . 
C 3 HOH 4  245 245 HOH HOH A . 
C 3 HOH 5  246 246 HOH HOH A . 
C 3 HOH 6  247 247 HOH HOH A . 
C 3 HOH 7  248 248 HOH HOH A . 
C 3 HOH 8  249 249 HOH HOH A . 
C 3 HOH 9  250 250 HOH HOH A . 
C 3 HOH 10 251 251 HOH HOH A . 
C 3 HOH 11 252 252 HOH HOH A . 
C 3 HOH 12 253 253 HOH HOH A . 
C 3 HOH 13 254 254 HOH HOH A . 
C 3 HOH 14 255 255 HOH HOH A . 
C 3 HOH 15 256 256 HOH HOH A . 
C 3 HOH 16 257 257 HOH HOH A . 
C 3 HOH 17 258 258 HOH HOH A . 
C 3 HOH 18 259 259 HOH HOH A . 
C 3 HOH 19 260 260 HOH HOH A . 
C 3 HOH 20 261 261 HOH HOH A . 
C 3 HOH 21 262 262 HOH HOH A . 
C 3 HOH 22 263 263 HOH HOH A . 
C 3 HOH 23 264 264 HOH HOH A . 
C 3 HOH 24 265 265 HOH HOH A . 
C 3 HOH 25 266 266 HOH HOH A . 
C 3 HOH 26 267 267 HOH HOH A . 
C 3 HOH 27 268 268 HOH HOH A . 
C 3 HOH 28 269 269 HOH HOH A . 
C 3 HOH 29 270 270 HOH HOH A . 
C 3 HOH 30 271 271 HOH HOH A . 
C 3 HOH 31 272 272 HOH HOH A . 
C 3 HOH 32 273 273 HOH HOH A . 
C 3 HOH 33 274 274 HOH HOH A . 
C 3 HOH 34 275 275 HOH HOH A . 
C 3 HOH 35 276 276 HOH HOH A . 
C 3 HOH 36 277 277 HOH HOH A . 
C 3 HOH 37 278 278 HOH HOH A . 
C 3 HOH 38 279 279 HOH HOH A . 
C 3 HOH 39 280 280 HOH HOH A . 
C 3 HOH 40 281 281 HOH HOH A . 
C 3 HOH 41 282 282 HOH HOH A . 
# 
loop_
_pdbx_unobs_or_zero_occ_atoms.id 
_pdbx_unobs_or_zero_occ_atoms.PDB_model_num 
_pdbx_unobs_or_zero_occ_atoms.polymer_flag 
_pdbx_unobs_or_zero_occ_atoms.occupancy_flag 
_pdbx_unobs_or_zero_occ_atoms.auth_asym_id 
_pdbx_unobs_or_zero_occ_atoms.auth_comp_id 
_pdbx_unobs_or_zero_occ_atoms.auth_seq_id 
_pdbx_unobs_or_zero_occ_atoms.PDB_ins_code 
_pdbx_unobs_or_zero_occ_atoms.auth_atom_id 
_pdbx_unobs_or_zero_occ_atoms.label_alt_id 
_pdbx_unobs_or_zero_occ_atoms.label_asym_id 
_pdbx_unobs_or_zero_occ_atoms.label_comp_id 
_pdbx_unobs_or_zero_occ_atoms.label_seq_id 
_pdbx_unobs_or_zero_occ_atoms.label_atom_id 
1 1 Y 0 A ARG 129 ? CG  ? A ARG 105 CG  
2 1 Y 0 A ARG 129 ? CD  ? A ARG 105 CD  
3 1 Y 0 A ARG 129 ? NE  ? A ARG 105 NE  
4 1 Y 0 A ARG 129 ? CZ  ? A ARG 105 CZ  
5 1 Y 0 A ARG 129 ? NH1 ? A ARG 105 NH1 
6 1 Y 0 A ARG 129 ? NH2 ? A ARG 105 NH2 
# 
loop_
_software.name 
_software.classification 
_software.version 
_software.citation_id 
_software.pdbx_ordinal 
HKL-2000  'data collection' . ? 1 
PHASER    phasing           . ? 2 
CNS       refinement        . ? 3 
HKL-2000  'data reduction'  . ? 4 
SCALEPACK 'data scaling'    . ? 5 
# 
_cell.entry_id           2ZG1 
_cell.length_a           94.044 
_cell.length_b           94.044 
_cell.length_c           209.888 
_cell.angle_alpha        90.00 
_cell.angle_beta         90.00 
_cell.angle_gamma        120.00 
_cell.Z_PDB              18 
_cell.pdbx_unique_axis   ? 
_cell.length_a_esd       ? 
_cell.length_b_esd       ? 
_cell.length_c_esd       ? 
_cell.angle_alpha_esd    ? 
_cell.angle_beta_esd     ? 
_cell.angle_gamma_esd    ? 
# 
_symmetry.entry_id                         2ZG1 
_symmetry.space_group_name_H-M             'H 3 2' 
_symmetry.pdbx_full_space_group_name_H-M   ? 
_symmetry.cell_setting                     ? 
_symmetry.Int_Tables_number                155 
_symmetry.space_group_name_Hall            ? 
# 
_exptl.entry_id          2ZG1 
_exptl.method            'X-RAY DIFFRACTION' 
_exptl.crystals_number   1 
# 
_exptl_crystal.id                    1 
_exptl_crystal.density_meas          ? 
_exptl_crystal.density_Matthews      3.67 
_exptl_crystal.density_percent_sol   66.49 
_exptl_crystal.description           ? 
_exptl_crystal.F_000                 ? 
_exptl_crystal.preparation           ? 
# 
_exptl_crystal_grow.crystal_id      1 
_exptl_crystal_grow.method          'VAPOR DIFFUSION, HANGING DROP' 
_exptl_crystal_grow.temp            277 
_exptl_crystal_grow.temp_details    ? 
_exptl_crystal_grow.pH              8.0 
_exptl_crystal_grow.pdbx_details    '20% MPEG 550, 0.1M TRIS, pH 8.0, VAPOR DIFFUSION, HANGING DROP, temperature 277K' 
_exptl_crystal_grow.pdbx_pH_range   . 
# 
_diffrn.id                     1 
_diffrn.ambient_temp           100 
_diffrn.ambient_temp_details   ? 
_diffrn.crystal_id             1 
# 
_diffrn_detector.diffrn_id              1 
_diffrn_detector.detector               CCD 
_diffrn_detector.type                   'MARMOSAIC 300 mm CCD' 
_diffrn_detector.pdbx_collection_date   2005-11-12 
_diffrn_detector.details                ? 
# 
_diffrn_radiation.diffrn_id                        1 
_diffrn_radiation.wavelength_id                    1 
_diffrn_radiation.pdbx_monochromatic_or_laue_m_l   M 
_diffrn_radiation.monochromator                    GRAPHITE 
_diffrn_radiation.pdbx_diffrn_protocol             'SINGLE WAVELENGTH' 
_diffrn_radiation.pdbx_scattering_type             x-ray 
# 
_diffrn_radiation_wavelength.id           1 
_diffrn_radiation_wavelength.wavelength   1.0000 
_diffrn_radiation_wavelength.wt           1.0 
# 
_diffrn_source.diffrn_id                   1 
_diffrn_source.source                      SYNCHROTRON 
_diffrn_source.type                        'APS BEAMLINE 22-ID' 
_diffrn_source.pdbx_synchrotron_site       APS 
_diffrn_source.pdbx_synchrotron_beamline   22-ID 
_diffrn_source.pdbx_wavelength             ? 
_diffrn_source.pdbx_wavelength_list        1.0000 
# 
_reflns.entry_id                     2ZG1 
_reflns.observed_criterion_sigma_F   ? 
_reflns.observed_criterion_sigma_I   -3.0 
_reflns.d_resolution_high            2.7 
_reflns.d_resolution_low             50 
_reflns.number_all                   ? 
_reflns.number_obs                   10119 
_reflns.percent_possible_obs         ? 
_reflns.pdbx_Rmerge_I_obs            ? 
_reflns.pdbx_Rsym_value              0.054 
_reflns.pdbx_netI_over_sigmaI        20.4 
_reflns.B_iso_Wilson_estimate        ? 
_reflns.pdbx_redundancy              ? 
_reflns.R_free_details               ? 
_reflns.limit_h_max                  ? 
_reflns.limit_h_min                  ? 
_reflns.limit_k_max                  ? 
_reflns.limit_k_min                  ? 
_reflns.limit_l_max                  ? 
_reflns.limit_l_min                  ? 
_reflns.observed_criterion_F_max     ? 
_reflns.observed_criterion_F_min     ? 
_reflns.pdbx_chi_squared             ? 
_reflns.pdbx_scaling_rejects         ? 
_reflns.pdbx_diffrn_id               1 
_reflns.pdbx_ordinal                 1 
# 
_reflns_shell.d_res_high             2.7 
_reflns_shell.d_res_low              2.8 
_reflns_shell.percent_possible_all   ? 
_reflns_shell.Rmerge_I_obs           ? 
_reflns_shell.pdbx_Rsym_value        0.446 
_reflns_shell.meanI_over_sigI_obs    3.9 
_reflns_shell.pdbx_redundancy        ? 
_reflns_shell.percent_possible_obs   ? 
_reflns_shell.number_unique_all      ? 
_reflns_shell.number_measured_all    ? 
_reflns_shell.number_measured_obs    ? 
_reflns_shell.number_unique_obs      ? 
_reflns_shell.pdbx_chi_squared       ? 
_reflns_shell.pdbx_diffrn_id         ? 
_reflns_shell.pdbx_ordinal           1 
# 
_refine.entry_id                                 2ZG1 
_refine.ls_d_res_high                            2.7 
_refine.ls_d_res_low                             25 
_refine.pdbx_ls_sigma_F                          0 
_refine.pdbx_ls_sigma_I                          ? 
_refine.ls_number_reflns_all                     10119 
_refine.ls_number_reflns_obs                     9768 
_refine.ls_number_reflns_R_free                  517 
_refine.ls_percent_reflns_obs                    96.5 
_refine.ls_R_factor_all                          ? 
_refine.ls_R_factor_obs                          ? 
_refine.ls_R_factor_R_work                       0.246 
_refine.ls_R_factor_R_free                       0.275 
_refine.ls_redundancy_reflns_obs                 ? 
_refine.pdbx_data_cutoff_high_absF               ? 
_refine.pdbx_data_cutoff_low_absF                ? 
_refine.ls_number_parameters                     ? 
_refine.ls_number_restraints                     ? 
_refine.ls_percent_reflns_R_free                 ? 
_refine.ls_R_factor_R_free_error                 ? 
_refine.ls_R_factor_R_free_error_details         ? 
_refine.pdbx_method_to_determine_struct          'MOLECULAR REPLACEMENT' 
_refine.pdbx_starting_model                      'PDB ENTRY 2ZG2' 
_refine.pdbx_ls_cross_valid_method               THROUGHOUT 
_refine.pdbx_R_Free_selection_details            RANDOM 
_refine.pdbx_stereochem_target_val_spec_case     ? 
_refine.pdbx_stereochemistry_target_values       'Engh & Huber' 
_refine.solvent_model_details                    ? 
_refine.solvent_model_param_bsol                 ? 
_refine.solvent_model_param_ksol                 ? 
_refine.occupancy_max                            ? 
_refine.occupancy_min                            ? 
_refine.pdbx_isotropic_thermal_model             Isotropic 
_refine.B_iso_mean                               107 
_refine.aniso_B[1][1]                            ? 
_refine.aniso_B[1][2]                            ? 
_refine.aniso_B[1][3]                            ? 
_refine.aniso_B[2][2]                            ? 
_refine.aniso_B[2][3]                            ? 
_refine.aniso_B[3][3]                            ? 
_refine.details                                  ? 
_refine.B_iso_min                                ? 
_refine.B_iso_max                                ? 
_refine.correlation_coeff_Fo_to_Fc               ? 
_refine.correlation_coeff_Fo_to_Fc_free          ? 
_refine.pdbx_solvent_vdw_probe_radii             ? 
_refine.pdbx_solvent_ion_probe_radii             ? 
_refine.pdbx_solvent_shrinkage_radii             ? 
_refine.overall_SU_R_Cruickshank_DPI             ? 
_refine.overall_SU_R_free                        ? 
_refine.overall_SU_ML                            ? 
_refine.overall_SU_B                             ? 
_refine.pdbx_overall_ESU_R_Free                  ? 
_refine.pdbx_data_cutoff_high_rms_absF           ? 
_refine.pdbx_overall_ESU_R                       ? 
_refine.ls_wR_factor_R_free                      ? 
_refine.ls_wR_factor_R_work                      ? 
_refine.overall_FOM_free_R_set                   ? 
_refine.overall_FOM_work_R_set                   ? 
_refine.pdbx_overall_phase_error                 ? 
_refine.pdbx_refine_id                           'X-RAY DIFFRACTION' 
_refine.pdbx_diffrn_id                           1 
_refine.pdbx_TLS_residual_ADP_flag               ? 
_refine.pdbx_overall_SU_R_free_Cruickshank_DPI   ? 
_refine.pdbx_overall_SU_R_Blow_DPI               ? 
_refine.pdbx_overall_SU_R_free_Blow_DPI          ? 
# 
_refine_hist.pdbx_refine_id                   'X-RAY DIFFRACTION' 
_refine_hist.cycle_id                         LAST 
_refine_hist.pdbx_number_atoms_protein        1667 
_refine_hist.pdbx_number_atoms_nucleic_acid   0 
_refine_hist.pdbx_number_atoms_ligand         21 
_refine_hist.number_atoms_solvent             41 
_refine_hist.number_atoms_total               1729 
_refine_hist.d_res_high                       2.7 
_refine_hist.d_res_low                        25 
# 
loop_
_refine_ls_restr.type 
_refine_ls_restr.dev_ideal 
_refine_ls_restr.dev_ideal_target 
_refine_ls_restr.weight 
_refine_ls_restr.number 
_refine_ls_restr.pdbx_refine_id 
_refine_ls_restr.pdbx_restraint_function 
c_bond_d                0.007 ?   ? ? 'X-RAY DIFFRACTION' ? 
c_bond_d_na             ?     ?   ? ? 'X-RAY DIFFRACTION' ? 
c_bond_d_prot           ?     ?   ? ? 'X-RAY DIFFRACTION' ? 
c_angle_d               ?     ?   ? ? 'X-RAY DIFFRACTION' ? 
c_angle_d_na            ?     ?   ? ? 'X-RAY DIFFRACTION' ? 
c_angle_d_prot          ?     ?   ? ? 'X-RAY DIFFRACTION' ? 
c_angle_deg             1.33  ?   ? ? 'X-RAY DIFFRACTION' ? 
c_angle_deg_na          ?     ?   ? ? 'X-RAY DIFFRACTION' ? 
c_angle_deg_prot        ?     ?   ? ? 'X-RAY DIFFRACTION' ? 
c_dihedral_angle_d      ?     ?   ? ? 'X-RAY DIFFRACTION' ? 
c_dihedral_angle_d_na   ?     ?   ? ? 'X-RAY DIFFRACTION' ? 
c_dihedral_angle_d_prot ?     ?   ? ? 'X-RAY DIFFRACTION' ? 
c_improper_angle_d      ?     ?   ? ? 'X-RAY DIFFRACTION' ? 
c_improper_angle_d_na   ?     ?   ? ? 'X-RAY DIFFRACTION' ? 
c_improper_angle_d_prot ?     ?   ? ? 'X-RAY DIFFRACTION' ? 
c_mcbond_it             1.668 1.5 ? ? 'X-RAY DIFFRACTION' ? 
c_mcangle_it            2.958 2.0 ? ? 'X-RAY DIFFRACTION' ? 
c_scbond_it             1.964 2.0 ? ? 'X-RAY DIFFRACTION' ? 
c_scangle_it            3.123 2.5 ? ? 'X-RAY DIFFRACTION' ? 
# 
_refine_ls_shell.pdbx_total_number_of_bins_used   ? 
_refine_ls_shell.d_res_high                       2.7 
_refine_ls_shell.d_res_low                        2.8 
_refine_ls_shell.number_reflns_R_work             ? 
_refine_ls_shell.R_factor_R_work                  0.351 
_refine_ls_shell.percent_reflns_obs               ? 
_refine_ls_shell.R_factor_R_free                  0.393 
_refine_ls_shell.R_factor_R_free_error            ? 
_refine_ls_shell.percent_reflns_R_free            ? 
_refine_ls_shell.number_reflns_R_free             ? 
_refine_ls_shell.number_reflns_all                ? 
_refine_ls_shell.R_factor_all                     ? 
_refine_ls_shell.number_reflns_obs                40 
_refine_ls_shell.redundancy_reflns_obs            ? 
_refine_ls_shell.pdbx_refine_id                   'X-RAY DIFFRACTION' 
# 
loop_
_pdbx_xplor_file.serial_no 
_pdbx_xplor_file.param_file 
_pdbx_xplor_file.topol_file 
_pdbx_xplor_file.pdbx_refine_id 
1 protein_rep.param  protein.top      'X-RAY DIFFRACTION' 
2 dna-rna_rep.param  dna-rna.top      'X-RAY DIFFRACTION' 
3 water_rep.param    water.top        'X-RAY DIFFRACTION' 
4 ion.param          ion.top          'X-RAY DIFFRACTION' 
5 carbohydrate.param carbohydrate.top 'X-RAY DIFFRACTION' 
# 
_struct.entry_id                  2ZG1 
_struct.title                     
;Crystal Structure of Two N-terminal Domains of Siglec-5 in Complex with 6'-Sialyllactose
;
_struct.pdbx_model_details        ? 
_struct.pdbx_CASP_flag            ? 
_struct.pdbx_model_type_details   ? 
# 
_struct_keywords.entry_id        2ZG1 
_struct_keywords.pdbx_keywords   'IMMUNE SYSTEM/CARBOHYDRATE BINDING PROTEIN' 
_struct_keywords.text            
;Siglec-5 inhibitory receptor, two-domain structure, V-set, C2-set, Ig-like domain, sialic acid, 6'-sialyllactose complex, Cell adhesion, Glycoprotein, Immunoglobulin domain, Lectin, Membrane, Polymorphism, Transmembrane, IMMUNE SYSTEM-CARBOHYDRATE BINDING PROTEIN COMPLEX
;
# 
loop_
_struct_asym.id 
_struct_asym.pdbx_blank_PDB_chainid_flag 
_struct_asym.pdbx_modified 
_struct_asym.entity_id 
_struct_asym.details 
A N N 1 ? 
B N N 2 ? 
C N N 3 ? 
# 
_struct_ref.id                         1 
_struct_ref.db_name                    UNP 
_struct_ref.db_code                    SIGL5_HUMAN 
_struct_ref.pdbx_db_accession          O15389 
_struct_ref.entity_id                  1 
_struct_ref.pdbx_seq_one_letter_code   
;VYELQVQKSVTVQEGLCVLVPCSFSYPWRSWYSSPPLYVYWFRDGEIPYYAEVVATNNPDRRVKPETQGRFRLLGDVQKK
NCSLSIGDARMEDTGSYFFRVERGRDVKYSYQQNKLNLEVTALIEKPDIHFLEPLESGRPTRLSCSLPGSCEAGPPLTFS
WTGNALSPLDPETTRSSELTLTPRPEDHGTNLTCQMKRQGAQVTTERTVQLNVS
;
_struct_ref.pdbx_align_begin           20 
_struct_ref.pdbx_db_isoform            ? 
# 
_struct_ref_seq.align_id                      1 
_struct_ref_seq.ref_id                        1 
_struct_ref_seq.pdbx_PDB_id_code              2ZG1 
_struct_ref_seq.pdbx_strand_id                A 
_struct_ref_seq.seq_align_beg                 1 
_struct_ref_seq.pdbx_seq_align_beg_ins_code   ? 
_struct_ref_seq.seq_align_end                 214 
_struct_ref_seq.pdbx_seq_align_end_ins_code   ? 
_struct_ref_seq.pdbx_db_accession             O15389 
_struct_ref_seq.db_align_beg                  20 
_struct_ref_seq.pdbx_db_align_beg_ins_code    ? 
_struct_ref_seq.db_align_end                  233 
_struct_ref_seq.pdbx_db_align_end_ins_code    ? 
_struct_ref_seq.pdbx_auth_seq_align_beg       25 
_struct_ref_seq.pdbx_auth_seq_align_end       238 
# 
_pdbx_struct_assembly.id                   1 
_pdbx_struct_assembly.details              author_and_software_defined_assembly 
_pdbx_struct_assembly.method_details       PISA 
_pdbx_struct_assembly.oligomeric_details   monomeric 
_pdbx_struct_assembly.oligomeric_count     1 
# 
_pdbx_struct_assembly_gen.assembly_id       1 
_pdbx_struct_assembly_gen.oper_expression   1 
_pdbx_struct_assembly_gen.asym_id_list      A,B,C 
# 
_pdbx_struct_oper_list.id                   1 
_pdbx_struct_oper_list.type                 'identity operation' 
_pdbx_struct_oper_list.name                 1_555 
_pdbx_struct_oper_list.symmetry_operation   x,y,z 
_pdbx_struct_oper_list.matrix[1][1]         1.0000000000 
_pdbx_struct_oper_list.matrix[1][2]         0.0000000000 
_pdbx_struct_oper_list.matrix[1][3]         0.0000000000 
_pdbx_struct_oper_list.vector[1]            0.0000000000 
_pdbx_struct_oper_list.matrix[2][1]         0.0000000000 
_pdbx_struct_oper_list.matrix[2][2]         1.0000000000 
_pdbx_struct_oper_list.matrix[2][3]         0.0000000000 
_pdbx_struct_oper_list.vector[2]            0.0000000000 
_pdbx_struct_oper_list.matrix[3][1]         0.0000000000 
_pdbx_struct_oper_list.matrix[3][2]         0.0000000000 
_pdbx_struct_oper_list.matrix[3][3]         1.0000000000 
_pdbx_struct_oper_list.vector[3]            0.0000000000 
# 
_struct_biol.id        1 
_struct_biol.details   ? 
# 
loop_
_struct_conf.conf_type_id 
_struct_conf.id 
_struct_conf.pdbx_PDB_helix_id 
_struct_conf.beg_label_comp_id 
_struct_conf.beg_label_asym_id 
_struct_conf.beg_label_seq_id 
_struct_conf.pdbx_beg_PDB_ins_code 
_struct_conf.end_label_comp_id 
_struct_conf.end_label_asym_id 
_struct_conf.end_label_seq_id 
_struct_conf.pdbx_end_PDB_ins_code 
_struct_conf.beg_auth_comp_id 
_struct_conf.beg_auth_asym_id 
_struct_conf.beg_auth_seq_id 
_struct_conf.end_auth_comp_id 
_struct_conf.end_auth_asym_id 
_struct_conf.end_auth_seq_id 
_struct_conf.pdbx_PDB_helix_class 
_struct_conf.details 
_struct_conf.pdbx_PDB_helix_length 
HELX_P HELX_P1 1 ILE A 47 ? ALA A 51 ? ILE A 71  ALA A 75  5 ? 5 
HELX_P HELX_P2 2 ASP A 76 ? LYS A 80 ? ASP A 100 LYS A 104 5 ? 5 
HELX_P HELX_P3 3 ARG A 90 ? THR A 94 ? ARG A 114 THR A 118 5 ? 5 
# 
_struct_conf_type.id          HELX_P 
_struct_conf_type.criteria    ? 
_struct_conf_type.reference   ? 
# 
loop_
_struct_conn.id 
_struct_conn.conn_type_id 
_struct_conn.pdbx_leaving_atom_flag 
_struct_conn.pdbx_PDB_id 
_struct_conn.ptnr1_label_asym_id 
_struct_conn.ptnr1_label_comp_id 
_struct_conn.ptnr1_label_seq_id 
_struct_conn.ptnr1_label_atom_id 
_struct_conn.pdbx_ptnr1_label_alt_id 
_struct_conn.pdbx_ptnr1_PDB_ins_code 
_struct_conn.pdbx_ptnr1_standard_comp_id 
_struct_conn.ptnr1_symmetry 
_struct_conn.ptnr2_label_asym_id 
_struct_conn.ptnr2_label_comp_id 
_struct_conn.ptnr2_label_seq_id 
_struct_conn.ptnr2_label_atom_id 
_struct_conn.pdbx_ptnr2_label_alt_id 
_struct_conn.pdbx_ptnr2_PDB_ins_code 
_struct_conn.ptnr1_auth_asym_id 
_struct_conn.ptnr1_auth_comp_id 
_struct_conn.ptnr1_auth_seq_id 
_struct_conn.ptnr2_auth_asym_id 
_struct_conn.ptnr2_auth_comp_id 
_struct_conn.ptnr2_auth_seq_id 
_struct_conn.ptnr2_symmetry 
_struct_conn.pdbx_ptnr3_label_atom_id 
_struct_conn.pdbx_ptnr3_label_seq_id 
_struct_conn.pdbx_ptnr3_label_comp_id 
_struct_conn.pdbx_ptnr3_label_asym_id 
_struct_conn.pdbx_ptnr3_label_alt_id 
_struct_conn.pdbx_ptnr3_PDB_ins_code 
_struct_conn.details 
_struct_conn.pdbx_dist_value 
_struct_conn.pdbx_value_order 
_struct_conn.pdbx_role 
disulf1 disulf ? ? A CYS 17  SG ? ? ? 1_555 A CYS 151 SG ? ? A CYS 41  A CYS 175 1_555 ? ? ? ? ? ? ? 2.039 ? ? 
disulf2 disulf ? ? A CYS 22  SG ? ? ? 1_555 A CYS 82  SG ? ? A CYS 46  A CYS 106 1_555 ? ? ? ? ? ? ? 2.029 ? ? 
disulf3 disulf ? ? A CYS 145 SG ? ? ? 1_555 A CYS 194 SG ? ? A CYS 169 A CYS 218 1_555 ? ? ? ? ? ? ? 2.032 ? ? 
# 
_struct_conn_type.id          disulf 
_struct_conn_type.criteria    ? 
_struct_conn_type.reference   ? 
# 
loop_
_pdbx_modification_feature.ordinal 
_pdbx_modification_feature.label_comp_id 
_pdbx_modification_feature.label_asym_id 
_pdbx_modification_feature.label_seq_id 
_pdbx_modification_feature.label_alt_id 
_pdbx_modification_feature.modified_residue_label_comp_id 
_pdbx_modification_feature.modified_residue_label_asym_id 
_pdbx_modification_feature.modified_residue_label_seq_id 
_pdbx_modification_feature.modified_residue_label_alt_id 
_pdbx_modification_feature.auth_comp_id 
_pdbx_modification_feature.auth_asym_id 
_pdbx_modification_feature.auth_seq_id 
_pdbx_modification_feature.PDB_ins_code 
_pdbx_modification_feature.symmetry 
_pdbx_modification_feature.modified_residue_auth_comp_id 
_pdbx_modification_feature.modified_residue_auth_asym_id 
_pdbx_modification_feature.modified_residue_auth_seq_id 
_pdbx_modification_feature.modified_residue_PDB_ins_code 
_pdbx_modification_feature.modified_residue_symmetry 
_pdbx_modification_feature.comp_id_linking_atom 
_pdbx_modification_feature.modified_residue_id_linking_atom 
_pdbx_modification_feature.modified_residue_id 
_pdbx_modification_feature.ref_pcm_id 
_pdbx_modification_feature.ref_comp_id 
_pdbx_modification_feature.type 
_pdbx_modification_feature.category 
1 CYS A 17  ? CYS A 151 ? CYS A 41  ? 1_555 CYS A 175 ? 1_555 SG SG . . . None 'Disulfide bridge' 
2 CYS A 22  ? CYS A 82  ? CYS A 46  ? 1_555 CYS A 106 ? 1_555 SG SG . . . None 'Disulfide bridge' 
3 CYS A 145 ? CYS A 194 ? CYS A 169 ? 1_555 CYS A 218 ? 1_555 SG SG . . . None 'Disulfide bridge' 
# 
loop_
_struct_sheet.id 
_struct_sheet.type 
_struct_sheet.number_strands 
_struct_sheet.details 
A ? 2 ? 
B ? 5 ? 
C ? 4 ? 
D ? 3 ? 
E ? 3 ? 
F ? 3 ? 
# 
loop_
_struct_sheet_order.sheet_id 
_struct_sheet_order.range_id_1 
_struct_sheet_order.range_id_2 
_struct_sheet_order.offset 
_struct_sheet_order.sense 
A 1 2 ? anti-parallel 
B 1 2 ? parallel      
B 2 3 ? anti-parallel 
B 3 4 ? anti-parallel 
B 4 5 ? anti-parallel 
C 1 2 ? parallel      
C 2 3 ? anti-parallel 
C 3 4 ? anti-parallel 
D 1 2 ? anti-parallel 
D 2 3 ? anti-parallel 
E 1 2 ? anti-parallel 
E 2 3 ? anti-parallel 
F 1 2 ? anti-parallel 
F 2 3 ? anti-parallel 
# 
loop_
_struct_sheet_range.sheet_id 
_struct_sheet_range.id 
_struct_sheet_range.beg_label_comp_id 
_struct_sheet_range.beg_label_asym_id 
_struct_sheet_range.beg_label_seq_id 
_struct_sheet_range.pdbx_beg_PDB_ins_code 
_struct_sheet_range.end_label_comp_id 
_struct_sheet_range.end_label_asym_id 
_struct_sheet_range.end_label_seq_id 
_struct_sheet_range.pdbx_end_PDB_ins_code 
_struct_sheet_range.beg_auth_comp_id 
_struct_sheet_range.beg_auth_asym_id 
_struct_sheet_range.beg_auth_seq_id 
_struct_sheet_range.end_auth_comp_id 
_struct_sheet_range.end_auth_asym_id 
_struct_sheet_range.end_auth_seq_id 
A 1 GLU A 3   ? GLN A 5   ? GLU A 27  GLN A 29  
A 2 SER A 23  ? SER A 25  ? SER A 47  SER A 49  
B 1 SER A 9   ? GLN A 13  ? SER A 33  GLN A 37  
B 2 LEU A 116 ? THR A 121 ? LEU A 140 THR A 145 
B 3 GLY A 95  ? ARG A 103 ? GLY A 119 ARG A 127 
B 4 LEU A 37  ? ARG A 43  ? LEU A 61  ARG A 67  
B 5 ALA A 55  ? THR A 56  ? ALA A 79  THR A 80  
C 1 SER A 9   ? GLN A 13  ? SER A 33  GLN A 37  
C 2 LEU A 116 ? THR A 121 ? LEU A 140 THR A 145 
C 3 GLY A 95  ? ARG A 103 ? GLY A 119 ARG A 127 
C 4 VAL A 107 ? SER A 110 ? VAL A 131 SER A 134 
D 1 VAL A 18  ? VAL A 20  ? VAL A 42  VAL A 44  
D 2 LEU A 84  ? ILE A 86  ? LEU A 108 ILE A 110 
D 3 PHE A 71  ? LEU A 73  ? PHE A 95  LEU A 97  
E 1 ASP A 128 ? HIS A 130 ? ASP A 152 HIS A 154 
E 2 THR A 141 ? SER A 146 ? THR A 165 SER A 170 
E 3 GLU A 178 ? LEU A 181 ? GLU A 202 LEU A 205 
F 1 THR A 158 ? THR A 162 ? THR A 182 THR A 186 
F 2 ASN A 191 ? LYS A 197 ? ASN A 215 LYS A 221 
F 3 GLU A 206 ? GLN A 210 ? GLU A 230 GLN A 234 
# 
loop_
_pdbx_struct_sheet_hbond.sheet_id 
_pdbx_struct_sheet_hbond.range_id_1 
_pdbx_struct_sheet_hbond.range_id_2 
_pdbx_struct_sheet_hbond.range_1_label_atom_id 
_pdbx_struct_sheet_hbond.range_1_label_comp_id 
_pdbx_struct_sheet_hbond.range_1_label_asym_id 
_pdbx_struct_sheet_hbond.range_1_label_seq_id 
_pdbx_struct_sheet_hbond.range_1_PDB_ins_code 
_pdbx_struct_sheet_hbond.range_1_auth_atom_id 
_pdbx_struct_sheet_hbond.range_1_auth_comp_id 
_pdbx_struct_sheet_hbond.range_1_auth_asym_id 
_pdbx_struct_sheet_hbond.range_1_auth_seq_id 
_pdbx_struct_sheet_hbond.range_2_label_atom_id 
_pdbx_struct_sheet_hbond.range_2_label_comp_id 
_pdbx_struct_sheet_hbond.range_2_label_asym_id 
_pdbx_struct_sheet_hbond.range_2_label_seq_id 
_pdbx_struct_sheet_hbond.range_2_PDB_ins_code 
_pdbx_struct_sheet_hbond.range_2_auth_atom_id 
_pdbx_struct_sheet_hbond.range_2_auth_comp_id 
_pdbx_struct_sheet_hbond.range_2_auth_asym_id 
_pdbx_struct_sheet_hbond.range_2_auth_seq_id 
A 1 2 N GLU A 3   ? N GLU A 27  O SER A 25  ? O SER A 49  
B 1 2 N VAL A 10  ? N VAL A 34  O GLU A 119 ? O GLU A 143 
B 2 3 O LEU A 118 ? O LEU A 142 N GLY A 95  ? N GLY A 119 
B 3 4 O PHE A 98  ? O PHE A 122 N PHE A 42  ? N PHE A 66  
B 4 5 N TRP A 41  ? N TRP A 65  O ALA A 55  ? O ALA A 79  
C 1 2 N VAL A 10  ? N VAL A 34  O GLU A 119 ? O GLU A 143 
C 2 3 O LEU A 118 ? O LEU A 142 N GLY A 95  ? N GLY A 119 
C 3 4 N ARG A 103 ? N ARG A 127 O VAL A 107 ? O VAL A 131 
D 1 2 N VAL A 20  ? N VAL A 44  O LEU A 84  ? O LEU A 108 
D 2 3 O SER A 85  ? O SER A 109 N ARG A 72  ? N ARG A 96  
E 1 2 N ASP A 128 ? N ASP A 152 O SER A 146 ? O SER A 170 
E 2 3 N LEU A 143 ? N LEU A 167 O LEU A 179 ? O LEU A 203 
F 1 2 N THR A 162 ? N THR A 186 O THR A 193 ? O THR A 217 
F 2 3 N LEU A 192 ? N LEU A 216 O VAL A 209 ? O VAL A 233 
# 
_pdbx_entry_details.entry_id                   2ZG1 
_pdbx_entry_details.compound_details           ? 
_pdbx_entry_details.source_details             ? 
_pdbx_entry_details.nonpolymer_details         ? 
_pdbx_entry_details.sequence_details           ? 
_pdbx_entry_details.has_ligand_of_interest     ? 
_pdbx_entry_details.has_protein_modification   Y 
# 
_pdbx_validate_close_contact.id               1 
_pdbx_validate_close_contact.PDB_model_num    1 
_pdbx_validate_close_contact.auth_atom_id_1   O 
_pdbx_validate_close_contact.auth_asym_id_1   A 
_pdbx_validate_close_contact.auth_comp_id_1   GLU 
_pdbx_validate_close_contact.auth_seq_id_1    149 
_pdbx_validate_close_contact.PDB_ins_code_1   ? 
_pdbx_validate_close_contact.label_alt_id_1   ? 
_pdbx_validate_close_contact.auth_atom_id_2   O 
_pdbx_validate_close_contact.auth_asym_id_2   A 
_pdbx_validate_close_contact.auth_comp_id_2   HOH 
_pdbx_validate_close_contact.auth_seq_id_2    257 
_pdbx_validate_close_contact.PDB_ins_code_2   ? 
_pdbx_validate_close_contact.label_alt_id_2   ? 
_pdbx_validate_close_contact.dist             2.19 
# 
_pdbx_validate_symm_contact.id                1 
_pdbx_validate_symm_contact.PDB_model_num     1 
_pdbx_validate_symm_contact.auth_atom_id_1    O 
_pdbx_validate_symm_contact.auth_asym_id_1    A 
_pdbx_validate_symm_contact.auth_comp_id_1    HOH 
_pdbx_validate_symm_contact.auth_seq_id_1     262 
_pdbx_validate_symm_contact.PDB_ins_code_1    ? 
_pdbx_validate_symm_contact.label_alt_id_1    ? 
_pdbx_validate_symm_contact.site_symmetry_1   1_555 
_pdbx_validate_symm_contact.auth_atom_id_2    O 
_pdbx_validate_symm_contact.auth_asym_id_2    A 
_pdbx_validate_symm_contact.auth_comp_id_2    HOH 
_pdbx_validate_symm_contact.auth_seq_id_2     262 
_pdbx_validate_symm_contact.PDB_ins_code_2    ? 
_pdbx_validate_symm_contact.label_alt_id_2    ? 
_pdbx_validate_symm_contact.site_symmetry_2   12_555 
_pdbx_validate_symm_contact.dist              2.16 
# 
_pdbx_validate_rmsd_angle.id                         1 
_pdbx_validate_rmsd_angle.PDB_model_num              1 
_pdbx_validate_rmsd_angle.auth_atom_id_1             C 
_pdbx_validate_rmsd_angle.auth_asym_id_1             A 
_pdbx_validate_rmsd_angle.auth_comp_id_1             ARG 
_pdbx_validate_rmsd_angle.auth_seq_id_1              208 
_pdbx_validate_rmsd_angle.PDB_ins_code_1             ? 
_pdbx_validate_rmsd_angle.label_alt_id_1             ? 
_pdbx_validate_rmsd_angle.auth_atom_id_2             N 
_pdbx_validate_rmsd_angle.auth_asym_id_2             A 
_pdbx_validate_rmsd_angle.auth_comp_id_2             PRO 
_pdbx_validate_rmsd_angle.auth_seq_id_2              209 
_pdbx_validate_rmsd_angle.PDB_ins_code_2             ? 
_pdbx_validate_rmsd_angle.label_alt_id_2             ? 
_pdbx_validate_rmsd_angle.auth_atom_id_3             CA 
_pdbx_validate_rmsd_angle.auth_asym_id_3             A 
_pdbx_validate_rmsd_angle.auth_comp_id_3             PRO 
_pdbx_validate_rmsd_angle.auth_seq_id_3              209 
_pdbx_validate_rmsd_angle.PDB_ins_code_3             ? 
_pdbx_validate_rmsd_angle.label_alt_id_3             ? 
_pdbx_validate_rmsd_angle.angle_value                128.61 
_pdbx_validate_rmsd_angle.angle_target_value         119.30 
_pdbx_validate_rmsd_angle.angle_deviation            9.31 
_pdbx_validate_rmsd_angle.angle_standard_deviation   1.50 
_pdbx_validate_rmsd_angle.linker_flag                Y 
# 
loop_
_pdbx_validate_torsion.id 
_pdbx_validate_torsion.PDB_model_num 
_pdbx_validate_torsion.auth_comp_id 
_pdbx_validate_torsion.auth_asym_id 
_pdbx_validate_torsion.auth_seq_id 
_pdbx_validate_torsion.PDB_ins_code 
_pdbx_validate_torsion.label_alt_id 
_pdbx_validate_torsion.phi 
_pdbx_validate_torsion.psi 
1  1 VAL A 30  ? ? -170.35 145.62  
2  1 SER A 54  ? ? 84.33   4.42    
3  1 TYR A 56  ? ? -28.42  -27.96  
4  1 SER A 57  ? ? -69.01  92.37   
5  1 LYS A 104 ? ? 55.92   14.53   
6  1 TYR A 133 ? ? -171.25 125.81  
7  1 ASN A 138 ? ? -98.95  43.24   
8  1 PRO A 151 ? ? -53.26  172.34  
9  1 PRO A 158 ? ? -76.16  -108.57 
10 1 LEU A 159 ? ? 82.44   56.10   
11 1 SER A 161 ? ? -56.96  89.61   
12 1 GLU A 176 ? ? -93.31  34.59   
13 1 ALA A 177 ? ? -70.05  -81.40  
14 1 PRO A 180 ? ? -29.89  148.23  
15 1 SER A 184 ? ? -161.01 113.77  
16 1 ALA A 189 ? ? -85.22  38.50   
17 1 LEU A 193 ? ? -122.33 -159.71 
18 1 ASP A 194 ? ? -37.98  127.12  
19 1 GLU A 196 ? ? -155.93 -30.82  
20 1 PRO A 207 ? ? -49.14  105.00  
21 1 PRO A 209 ? ? -11.89  -69.78  
22 1 ARG A 222 ? ? -102.08 60.18   
23 1 ASN A 236 ? ? -164.97 109.02  
# 
loop_
_pdbx_unobs_or_zero_occ_residues.id 
_pdbx_unobs_or_zero_occ_residues.PDB_model_num 
_pdbx_unobs_or_zero_occ_residues.polymer_flag 
_pdbx_unobs_or_zero_occ_residues.occupancy_flag 
_pdbx_unobs_or_zero_occ_residues.auth_asym_id 
_pdbx_unobs_or_zero_occ_residues.auth_comp_id 
_pdbx_unobs_or_zero_occ_residues.auth_seq_id 
_pdbx_unobs_or_zero_occ_residues.PDB_ins_code 
_pdbx_unobs_or_zero_occ_residues.label_asym_id 
_pdbx_unobs_or_zero_occ_residues.label_comp_id 
_pdbx_unobs_or_zero_occ_residues.label_seq_id 
1 1 Y 1 A PHE 155 ? A PHE 131 
2 1 Y 1 A LEU 156 ? A LEU 132 
3 1 Y 1 A GLY 224 ? A GLY 200 
4 1 Y 1 A ALA 225 ? A ALA 201 
5 1 Y 1 A GLN 226 ? A GLN 202 
6 1 Y 1 A VAL 227 ? A VAL 203 
# 
loop_
_chem_comp_atom.comp_id 
_chem_comp_atom.atom_id 
_chem_comp_atom.type_symbol 
_chem_comp_atom.pdbx_aromatic_flag 
_chem_comp_atom.pdbx_stereo_config 
_chem_comp_atom.pdbx_ordinal 
ALA N    N N N 1   
ALA CA   C N S 2   
ALA C    C N N 3   
ALA O    O N N 4   
ALA CB   C N N 5   
ALA OXT  O N N 6   
ALA H    H N N 7   
ALA H2   H N N 8   
ALA HA   H N N 9   
ALA HB1  H N N 10  
ALA HB2  H N N 11  
ALA HB3  H N N 12  
ALA HXT  H N N 13  
ARG N    N N N 14  
ARG CA   C N S 15  
ARG C    C N N 16  
ARG O    O N N 17  
ARG CB   C N N 18  
ARG CG   C N N 19  
ARG CD   C N N 20  
ARG NE   N N N 21  
ARG CZ   C N N 22  
ARG NH1  N N N 23  
ARG NH2  N N N 24  
ARG OXT  O N N 25  
ARG H    H N N 26  
ARG H2   H N N 27  
ARG HA   H N N 28  
ARG HB2  H N N 29  
ARG HB3  H N N 30  
ARG HG2  H N N 31  
ARG HG3  H N N 32  
ARG HD2  H N N 33  
ARG HD3  H N N 34  
ARG HE   H N N 35  
ARG HH11 H N N 36  
ARG HH12 H N N 37  
ARG HH21 H N N 38  
ARG HH22 H N N 39  
ARG HXT  H N N 40  
ASN N    N N N 41  
ASN CA   C N S 42  
ASN C    C N N 43  
ASN O    O N N 44  
ASN CB   C N N 45  
ASN CG   C N N 46  
ASN OD1  O N N 47  
ASN ND2  N N N 48  
ASN OXT  O N N 49  
ASN H    H N N 50  
ASN H2   H N N 51  
ASN HA   H N N 52  
ASN HB2  H N N 53  
ASN HB3  H N N 54  
ASN HD21 H N N 55  
ASN HD22 H N N 56  
ASN HXT  H N N 57  
ASP N    N N N 58  
ASP CA   C N S 59  
ASP C    C N N 60  
ASP O    O N N 61  
ASP CB   C N N 62  
ASP CG   C N N 63  
ASP OD1  O N N 64  
ASP OD2  O N N 65  
ASP OXT  O N N 66  
ASP H    H N N 67  
ASP H2   H N N 68  
ASP HA   H N N 69  
ASP HB2  H N N 70  
ASP HB3  H N N 71  
ASP HD2  H N N 72  
ASP HXT  H N N 73  
CYS N    N N N 74  
CYS CA   C N R 75  
CYS C    C N N 76  
CYS O    O N N 77  
CYS CB   C N N 78  
CYS SG   S N N 79  
CYS OXT  O N N 80  
CYS H    H N N 81  
CYS H2   H N N 82  
CYS HA   H N N 83  
CYS HB2  H N N 84  
CYS HB3  H N N 85  
CYS HG   H N N 86  
CYS HXT  H N N 87  
GLN N    N N N 88  
GLN CA   C N S 89  
GLN C    C N N 90  
GLN O    O N N 91  
GLN CB   C N N 92  
GLN CG   C N N 93  
GLN CD   C N N 94  
GLN OE1  O N N 95  
GLN NE2  N N N 96  
GLN OXT  O N N 97  
GLN H    H N N 98  
GLN H2   H N N 99  
GLN HA   H N N 100 
GLN HB2  H N N 101 
GLN HB3  H N N 102 
GLN HG2  H N N 103 
GLN HG3  H N N 104 
GLN HE21 H N N 105 
GLN HE22 H N N 106 
GLN HXT  H N N 107 
GLU N    N N N 108 
GLU CA   C N S 109 
GLU C    C N N 110 
GLU O    O N N 111 
GLU CB   C N N 112 
GLU CG   C N N 113 
GLU CD   C N N 114 
GLU OE1  O N N 115 
GLU OE2  O N N 116 
GLU OXT  O N N 117 
GLU H    H N N 118 
GLU H2   H N N 119 
GLU HA   H N N 120 
GLU HB2  H N N 121 
GLU HB3  H N N 122 
GLU HG2  H N N 123 
GLU HG3  H N N 124 
GLU HE2  H N N 125 
GLU HXT  H N N 126 
GLY N    N N N 127 
GLY CA   C N N 128 
GLY C    C N N 129 
GLY O    O N N 130 
GLY OXT  O N N 131 
GLY H    H N N 132 
GLY H2   H N N 133 
GLY HA2  H N N 134 
GLY HA3  H N N 135 
GLY HXT  H N N 136 
HIS N    N N N 137 
HIS CA   C N S 138 
HIS C    C N N 139 
HIS O    O N N 140 
HIS CB   C N N 141 
HIS CG   C Y N 142 
HIS ND1  N Y N 143 
HIS CD2  C Y N 144 
HIS CE1  C Y N 145 
HIS NE2  N Y N 146 
HIS OXT  O N N 147 
HIS H    H N N 148 
HIS H2   H N N 149 
HIS HA   H N N 150 
HIS HB2  H N N 151 
HIS HB3  H N N 152 
HIS HD1  H N N 153 
HIS HD2  H N N 154 
HIS HE1  H N N 155 
HIS HE2  H N N 156 
HIS HXT  H N N 157 
HOH O    O N N 158 
HOH H1   H N N 159 
HOH H2   H N N 160 
ILE N    N N N 161 
ILE CA   C N S 162 
ILE C    C N N 163 
ILE O    O N N 164 
ILE CB   C N S 165 
ILE CG1  C N N 166 
ILE CG2  C N N 167 
ILE CD1  C N N 168 
ILE OXT  O N N 169 
ILE H    H N N 170 
ILE H2   H N N 171 
ILE HA   H N N 172 
ILE HB   H N N 173 
ILE HG12 H N N 174 
ILE HG13 H N N 175 
ILE HG21 H N N 176 
ILE HG22 H N N 177 
ILE HG23 H N N 178 
ILE HD11 H N N 179 
ILE HD12 H N N 180 
ILE HD13 H N N 181 
ILE HXT  H N N 182 
LEU N    N N N 183 
LEU CA   C N S 184 
LEU C    C N N 185 
LEU O    O N N 186 
LEU CB   C N N 187 
LEU CG   C N N 188 
LEU CD1  C N N 189 
LEU CD2  C N N 190 
LEU OXT  O N N 191 
LEU H    H N N 192 
LEU H2   H N N 193 
LEU HA   H N N 194 
LEU HB2  H N N 195 
LEU HB3  H N N 196 
LEU HG   H N N 197 
LEU HD11 H N N 198 
LEU HD12 H N N 199 
LEU HD13 H N N 200 
LEU HD21 H N N 201 
LEU HD22 H N N 202 
LEU HD23 H N N 203 
LEU HXT  H N N 204 
LYS N    N N N 205 
LYS CA   C N S 206 
LYS C    C N N 207 
LYS O    O N N 208 
LYS CB   C N N 209 
LYS CG   C N N 210 
LYS CD   C N N 211 
LYS CE   C N N 212 
LYS NZ   N N N 213 
LYS OXT  O N N 214 
LYS H    H N N 215 
LYS H2   H N N 216 
LYS HA   H N N 217 
LYS HB2  H N N 218 
LYS HB3  H N N 219 
LYS HG2  H N N 220 
LYS HG3  H N N 221 
LYS HD2  H N N 222 
LYS HD3  H N N 223 
LYS HE2  H N N 224 
LYS HE3  H N N 225 
LYS HZ1  H N N 226 
LYS HZ2  H N N 227 
LYS HZ3  H N N 228 
LYS HXT  H N N 229 
MET N    N N N 230 
MET CA   C N S 231 
MET C    C N N 232 
MET O    O N N 233 
MET CB   C N N 234 
MET CG   C N N 235 
MET SD   S N N 236 
MET CE   C N N 237 
MET OXT  O N N 238 
MET H    H N N 239 
MET H2   H N N 240 
MET HA   H N N 241 
MET HB2  H N N 242 
MET HB3  H N N 243 
MET HG2  H N N 244 
MET HG3  H N N 245 
MET HE1  H N N 246 
MET HE2  H N N 247 
MET HE3  H N N 248 
MET HXT  H N N 249 
PHE N    N N N 250 
PHE CA   C N S 251 
PHE C    C N N 252 
PHE O    O N N 253 
PHE CB   C N N 254 
PHE CG   C Y N 255 
PHE CD1  C Y N 256 
PHE CD2  C Y N 257 
PHE CE1  C Y N 258 
PHE CE2  C Y N 259 
PHE CZ   C Y N 260 
PHE OXT  O N N 261 
PHE H    H N N 262 
PHE H2   H N N 263 
PHE HA   H N N 264 
PHE HB2  H N N 265 
PHE HB3  H N N 266 
PHE HD1  H N N 267 
PHE HD2  H N N 268 
PHE HE1  H N N 269 
PHE HE2  H N N 270 
PHE HZ   H N N 271 
PHE HXT  H N N 272 
PRO N    N N N 273 
PRO CA   C N S 274 
PRO C    C N N 275 
PRO O    O N N 276 
PRO CB   C N N 277 
PRO CG   C N N 278 
PRO CD   C N N 279 
PRO OXT  O N N 280 
PRO H    H N N 281 
PRO HA   H N N 282 
PRO HB2  H N N 283 
PRO HB3  H N N 284 
PRO HG2  H N N 285 
PRO HG3  H N N 286 
PRO HD2  H N N 287 
PRO HD3  H N N 288 
PRO HXT  H N N 289 
SER N    N N N 290 
SER CA   C N S 291 
SER C    C N N 292 
SER O    O N N 293 
SER CB   C N N 294 
SER OG   O N N 295 
SER OXT  O N N 296 
SER H    H N N 297 
SER H2   H N N 298 
SER HA   H N N 299 
SER HB2  H N N 300 
SER HB3  H N N 301 
SER HG   H N N 302 
SER HXT  H N N 303 
SIA C1   C N N 304 
SIA C2   C N R 305 
SIA C3   C N N 306 
SIA C4   C N S 307 
SIA C5   C N R 308 
SIA C6   C N R 309 
SIA C7   C N R 310 
SIA C8   C N R 311 
SIA C9   C N N 312 
SIA C10  C N N 313 
SIA C11  C N N 314 
SIA N5   N N N 315 
SIA O1A  O N N 316 
SIA O1B  O N N 317 
SIA O2   O N N 318 
SIA O4   O N N 319 
SIA O6   O N N 320 
SIA O7   O N N 321 
SIA O8   O N N 322 
SIA O9   O N N 323 
SIA O10  O N N 324 
SIA H32  H N N 325 
SIA H31  H N N 326 
SIA H4   H N N 327 
SIA H5   H N N 328 
SIA H6   H N N 329 
SIA H7   H N N 330 
SIA H8   H N N 331 
SIA H92  H N N 332 
SIA H91  H N N 333 
SIA H111 H N N 334 
SIA H113 H N N 335 
SIA H112 H N N 336 
SIA HN5  H N N 337 
SIA HO1B H N N 338 
SIA HO2  H N N 339 
SIA HO4  H N N 340 
SIA HO7  H N N 341 
SIA HO8  H N N 342 
SIA HO9  H N N 343 
THR N    N N N 344 
THR CA   C N S 345 
THR C    C N N 346 
THR O    O N N 347 
THR CB   C N R 348 
THR OG1  O N N 349 
THR CG2  C N N 350 
THR OXT  O N N 351 
THR H    H N N 352 
THR H2   H N N 353 
THR HA   H N N 354 
THR HB   H N N 355 
THR HG1  H N N 356 
THR HG21 H N N 357 
THR HG22 H N N 358 
THR HG23 H N N 359 
THR HXT  H N N 360 
TRP N    N N N 361 
TRP CA   C N S 362 
TRP C    C N N 363 
TRP O    O N N 364 
TRP CB   C N N 365 
TRP CG   C Y N 366 
TRP CD1  C Y N 367 
TRP CD2  C Y N 368 
TRP NE1  N Y N 369 
TRP CE2  C Y N 370 
TRP CE3  C Y N 371 
TRP CZ2  C Y N 372 
TRP CZ3  C Y N 373 
TRP CH2  C Y N 374 
TRP OXT  O N N 375 
TRP H    H N N 376 
TRP H2   H N N 377 
TRP HA   H N N 378 
TRP HB2  H N N 379 
TRP HB3  H N N 380 
TRP HD1  H N N 381 
TRP HE1  H N N 382 
TRP HE3  H N N 383 
TRP HZ2  H N N 384 
TRP HZ3  H N N 385 
TRP HH2  H N N 386 
TRP HXT  H N N 387 
TYR N    N N N 388 
TYR CA   C N S 389 
TYR C    C N N 390 
TYR O    O N N 391 
TYR CB   C N N 392 
TYR CG   C Y N 393 
TYR CD1  C Y N 394 
TYR CD2  C Y N 395 
TYR CE1  C Y N 396 
TYR CE2  C Y N 397 
TYR CZ   C Y N 398 
TYR OH   O N N 399 
TYR OXT  O N N 400 
TYR H    H N N 401 
TYR H2   H N N 402 
TYR HA   H N N 403 
TYR HB2  H N N 404 
TYR HB3  H N N 405 
TYR HD1  H N N 406 
TYR HD2  H N N 407 
TYR HE1  H N N 408 
TYR HE2  H N N 409 
TYR HH   H N N 410 
TYR HXT  H N N 411 
VAL N    N N N 412 
VAL CA   C N S 413 
VAL C    C N N 414 
VAL O    O N N 415 
VAL CB   C N N 416 
VAL CG1  C N N 417 
VAL CG2  C N N 418 
VAL OXT  O N N 419 
VAL H    H N N 420 
VAL H2   H N N 421 
VAL HA   H N N 422 
VAL HB   H N N 423 
VAL HG11 H N N 424 
VAL HG12 H N N 425 
VAL HG13 H N N 426 
VAL HG21 H N N 427 
VAL HG22 H N N 428 
VAL HG23 H N N 429 
VAL HXT  H N N 430 
# 
loop_
_chem_comp_bond.comp_id 
_chem_comp_bond.atom_id_1 
_chem_comp_bond.atom_id_2 
_chem_comp_bond.value_order 
_chem_comp_bond.pdbx_aromatic_flag 
_chem_comp_bond.pdbx_stereo_config 
_chem_comp_bond.pdbx_ordinal 
ALA N   CA   sing N N 1   
ALA N   H    sing N N 2   
ALA N   H2   sing N N 3   
ALA CA  C    sing N N 4   
ALA CA  CB   sing N N 5   
ALA CA  HA   sing N N 6   
ALA C   O    doub N N 7   
ALA C   OXT  sing N N 8   
ALA CB  HB1  sing N N 9   
ALA CB  HB2  sing N N 10  
ALA CB  HB3  sing N N 11  
ALA OXT HXT  sing N N 12  
ARG N   CA   sing N N 13  
ARG N   H    sing N N 14  
ARG N   H2   sing N N 15  
ARG CA  C    sing N N 16  
ARG CA  CB   sing N N 17  
ARG CA  HA   sing N N 18  
ARG C   O    doub N N 19  
ARG C   OXT  sing N N 20  
ARG CB  CG   sing N N 21  
ARG CB  HB2  sing N N 22  
ARG CB  HB3  sing N N 23  
ARG CG  CD   sing N N 24  
ARG CG  HG2  sing N N 25  
ARG CG  HG3  sing N N 26  
ARG CD  NE   sing N N 27  
ARG CD  HD2  sing N N 28  
ARG CD  HD3  sing N N 29  
ARG NE  CZ   sing N N 30  
ARG NE  HE   sing N N 31  
ARG CZ  NH1  sing N N 32  
ARG CZ  NH2  doub N N 33  
ARG NH1 HH11 sing N N 34  
ARG NH1 HH12 sing N N 35  
ARG NH2 HH21 sing N N 36  
ARG NH2 HH22 sing N N 37  
ARG OXT HXT  sing N N 38  
ASN N   CA   sing N N 39  
ASN N   H    sing N N 40  
ASN N   H2   sing N N 41  
ASN CA  C    sing N N 42  
ASN CA  CB   sing N N 43  
ASN CA  HA   sing N N 44  
ASN C   O    doub N N 45  
ASN C   OXT  sing N N 46  
ASN CB  CG   sing N N 47  
ASN CB  HB2  sing N N 48  
ASN CB  HB3  sing N N 49  
ASN CG  OD1  doub N N 50  
ASN CG  ND2  sing N N 51  
ASN ND2 HD21 sing N N 52  
ASN ND2 HD22 sing N N 53  
ASN OXT HXT  sing N N 54  
ASP N   CA   sing N N 55  
ASP N   H    sing N N 56  
ASP N   H2   sing N N 57  
ASP CA  C    sing N N 58  
ASP CA  CB   sing N N 59  
ASP CA  HA   sing N N 60  
ASP C   O    doub N N 61  
ASP C   OXT  sing N N 62  
ASP CB  CG   sing N N 63  
ASP CB  HB2  sing N N 64  
ASP CB  HB3  sing N N 65  
ASP CG  OD1  doub N N 66  
ASP CG  OD2  sing N N 67  
ASP OD2 HD2  sing N N 68  
ASP OXT HXT  sing N N 69  
CYS N   CA   sing N N 70  
CYS N   H    sing N N 71  
CYS N   H2   sing N N 72  
CYS CA  C    sing N N 73  
CYS CA  CB   sing N N 74  
CYS CA  HA   sing N N 75  
CYS C   O    doub N N 76  
CYS C   OXT  sing N N 77  
CYS CB  SG   sing N N 78  
CYS CB  HB2  sing N N 79  
CYS CB  HB3  sing N N 80  
CYS SG  HG   sing N N 81  
CYS OXT HXT  sing N N 82  
GLN N   CA   sing N N 83  
GLN N   H    sing N N 84  
GLN N   H2   sing N N 85  
GLN CA  C    sing N N 86  
GLN CA  CB   sing N N 87  
GLN CA  HA   sing N N 88  
GLN C   O    doub N N 89  
GLN C   OXT  sing N N 90  
GLN CB  CG   sing N N 91  
GLN CB  HB2  sing N N 92  
GLN CB  HB3  sing N N 93  
GLN CG  CD   sing N N 94  
GLN CG  HG2  sing N N 95  
GLN CG  HG3  sing N N 96  
GLN CD  OE1  doub N N 97  
GLN CD  NE2  sing N N 98  
GLN NE2 HE21 sing N N 99  
GLN NE2 HE22 sing N N 100 
GLN OXT HXT  sing N N 101 
GLU N   CA   sing N N 102 
GLU N   H    sing N N 103 
GLU N   H2   sing N N 104 
GLU CA  C    sing N N 105 
GLU CA  CB   sing N N 106 
GLU CA  HA   sing N N 107 
GLU C   O    doub N N 108 
GLU C   OXT  sing N N 109 
GLU CB  CG   sing N N 110 
GLU CB  HB2  sing N N 111 
GLU CB  HB3  sing N N 112 
GLU CG  CD   sing N N 113 
GLU CG  HG2  sing N N 114 
GLU CG  HG3  sing N N 115 
GLU CD  OE1  doub N N 116 
GLU CD  OE2  sing N N 117 
GLU OE2 HE2  sing N N 118 
GLU OXT HXT  sing N N 119 
GLY N   CA   sing N N 120 
GLY N   H    sing N N 121 
GLY N   H2   sing N N 122 
GLY CA  C    sing N N 123 
GLY CA  HA2  sing N N 124 
GLY CA  HA3  sing N N 125 
GLY C   O    doub N N 126 
GLY C   OXT  sing N N 127 
GLY OXT HXT  sing N N 128 
HIS N   CA   sing N N 129 
HIS N   H    sing N N 130 
HIS N   H2   sing N N 131 
HIS CA  C    sing N N 132 
HIS CA  CB   sing N N 133 
HIS CA  HA   sing N N 134 
HIS C   O    doub N N 135 
HIS C   OXT  sing N N 136 
HIS CB  CG   sing N N 137 
HIS CB  HB2  sing N N 138 
HIS CB  HB3  sing N N 139 
HIS CG  ND1  sing Y N 140 
HIS CG  CD2  doub Y N 141 
HIS ND1 CE1  doub Y N 142 
HIS ND1 HD1  sing N N 143 
HIS CD2 NE2  sing Y N 144 
HIS CD2 HD2  sing N N 145 
HIS CE1 NE2  sing Y N 146 
HIS CE1 HE1  sing N N 147 
HIS NE2 HE2  sing N N 148 
HIS OXT HXT  sing N N 149 
HOH O   H1   sing N N 150 
HOH O   H2   sing N N 151 
ILE N   CA   sing N N 152 
ILE N   H    sing N N 153 
ILE N   H2   sing N N 154 
ILE CA  C    sing N N 155 
ILE CA  CB   sing N N 156 
ILE CA  HA   sing N N 157 
ILE C   O    doub N N 158 
ILE C   OXT  sing N N 159 
ILE CB  CG1  sing N N 160 
ILE CB  CG2  sing N N 161 
ILE CB  HB   sing N N 162 
ILE CG1 CD1  sing N N 163 
ILE CG1 HG12 sing N N 164 
ILE CG1 HG13 sing N N 165 
ILE CG2 HG21 sing N N 166 
ILE CG2 HG22 sing N N 167 
ILE CG2 HG23 sing N N 168 
ILE CD1 HD11 sing N N 169 
ILE CD1 HD12 sing N N 170 
ILE CD1 HD13 sing N N 171 
ILE OXT HXT  sing N N 172 
LEU N   CA   sing N N 173 
LEU N   H    sing N N 174 
LEU N   H2   sing N N 175 
LEU CA  C    sing N N 176 
LEU CA  CB   sing N N 177 
LEU CA  HA   sing N N 178 
LEU C   O    doub N N 179 
LEU C   OXT  sing N N 180 
LEU CB  CG   sing N N 181 
LEU CB  HB2  sing N N 182 
LEU CB  HB3  sing N N 183 
LEU CG  CD1  sing N N 184 
LEU CG  CD2  sing N N 185 
LEU CG  HG   sing N N 186 
LEU CD1 HD11 sing N N 187 
LEU CD1 HD12 sing N N 188 
LEU CD1 HD13 sing N N 189 
LEU CD2 HD21 sing N N 190 
LEU CD2 HD22 sing N N 191 
LEU CD2 HD23 sing N N 192 
LEU OXT HXT  sing N N 193 
LYS N   CA   sing N N 194 
LYS N   H    sing N N 195 
LYS N   H2   sing N N 196 
LYS CA  C    sing N N 197 
LYS CA  CB   sing N N 198 
LYS CA  HA   sing N N 199 
LYS C   O    doub N N 200 
LYS C   OXT  sing N N 201 
LYS CB  CG   sing N N 202 
LYS CB  HB2  sing N N 203 
LYS CB  HB3  sing N N 204 
LYS CG  CD   sing N N 205 
LYS CG  HG2  sing N N 206 
LYS CG  HG3  sing N N 207 
LYS CD  CE   sing N N 208 
LYS CD  HD2  sing N N 209 
LYS CD  HD3  sing N N 210 
LYS CE  NZ   sing N N 211 
LYS CE  HE2  sing N N 212 
LYS CE  HE3  sing N N 213 
LYS NZ  HZ1  sing N N 214 
LYS NZ  HZ2  sing N N 215 
LYS NZ  HZ3  sing N N 216 
LYS OXT HXT  sing N N 217 
MET N   CA   sing N N 218 
MET N   H    sing N N 219 
MET N   H2   sing N N 220 
MET CA  C    sing N N 221 
MET CA  CB   sing N N 222 
MET CA  HA   sing N N 223 
MET C   O    doub N N 224 
MET C   OXT  sing N N 225 
MET CB  CG   sing N N 226 
MET CB  HB2  sing N N 227 
MET CB  HB3  sing N N 228 
MET CG  SD   sing N N 229 
MET CG  HG2  sing N N 230 
MET CG  HG3  sing N N 231 
MET SD  CE   sing N N 232 
MET CE  HE1  sing N N 233 
MET CE  HE2  sing N N 234 
MET CE  HE3  sing N N 235 
MET OXT HXT  sing N N 236 
PHE N   CA   sing N N 237 
PHE N   H    sing N N 238 
PHE N   H2   sing N N 239 
PHE CA  C    sing N N 240 
PHE CA  CB   sing N N 241 
PHE CA  HA   sing N N 242 
PHE C   O    doub N N 243 
PHE C   OXT  sing N N 244 
PHE CB  CG   sing N N 245 
PHE CB  HB2  sing N N 246 
PHE CB  HB3  sing N N 247 
PHE CG  CD1  doub Y N 248 
PHE CG  CD2  sing Y N 249 
PHE CD1 CE1  sing Y N 250 
PHE CD1 HD1  sing N N 251 
PHE CD2 CE2  doub Y N 252 
PHE CD2 HD2  sing N N 253 
PHE CE1 CZ   doub Y N 254 
PHE CE1 HE1  sing N N 255 
PHE CE2 CZ   sing Y N 256 
PHE CE2 HE2  sing N N 257 
PHE CZ  HZ   sing N N 258 
PHE OXT HXT  sing N N 259 
PRO N   CA   sing N N 260 
PRO N   CD   sing N N 261 
PRO N   H    sing N N 262 
PRO CA  C    sing N N 263 
PRO CA  CB   sing N N 264 
PRO CA  HA   sing N N 265 
PRO C   O    doub N N 266 
PRO C   OXT  sing N N 267 
PRO CB  CG   sing N N 268 
PRO CB  HB2  sing N N 269 
PRO CB  HB3  sing N N 270 
PRO CG  CD   sing N N 271 
PRO CG  HG2  sing N N 272 
PRO CG  HG3  sing N N 273 
PRO CD  HD2  sing N N 274 
PRO CD  HD3  sing N N 275 
PRO OXT HXT  sing N N 276 
SER N   CA   sing N N 277 
SER N   H    sing N N 278 
SER N   H2   sing N N 279 
SER CA  C    sing N N 280 
SER CA  CB   sing N N 281 
SER CA  HA   sing N N 282 
SER C   O    doub N N 283 
SER C   OXT  sing N N 284 
SER CB  OG   sing N N 285 
SER CB  HB2  sing N N 286 
SER CB  HB3  sing N N 287 
SER OG  HG   sing N N 288 
SER OXT HXT  sing N N 289 
SIA C1  C2   sing N N 290 
SIA C1  O1A  doub N N 291 
SIA C1  O1B  sing N N 292 
SIA C2  C3   sing N N 293 
SIA C2  O2   sing N N 294 
SIA C2  O6   sing N N 295 
SIA C3  C4   sing N N 296 
SIA C3  H32  sing N N 297 
SIA C3  H31  sing N N 298 
SIA C4  C5   sing N N 299 
SIA C4  O4   sing N N 300 
SIA C4  H4   sing N N 301 
SIA C5  C6   sing N N 302 
SIA C5  N5   sing N N 303 
SIA C5  H5   sing N N 304 
SIA C6  C7   sing N N 305 
SIA C6  O6   sing N N 306 
SIA C6  H6   sing N N 307 
SIA C7  C8   sing N N 308 
SIA C7  O7   sing N N 309 
SIA C7  H7   sing N N 310 
SIA C8  C9   sing N N 311 
SIA C8  O8   sing N N 312 
SIA C8  H8   sing N N 313 
SIA C9  O9   sing N N 314 
SIA C9  H92  sing N N 315 
SIA C9  H91  sing N N 316 
SIA C10 C11  sing N N 317 
SIA C10 N5   sing N N 318 
SIA C10 O10  doub N N 319 
SIA C11 H111 sing N N 320 
SIA C11 H113 sing N N 321 
SIA C11 H112 sing N N 322 
SIA N5  HN5  sing N N 323 
SIA O1B HO1B sing N N 324 
SIA O2  HO2  sing N N 325 
SIA O4  HO4  sing N N 326 
SIA O7  HO7  sing N N 327 
SIA O8  HO8  sing N N 328 
SIA O9  HO9  sing N N 329 
THR N   CA   sing N N 330 
THR N   H    sing N N 331 
THR N   H2   sing N N 332 
THR CA  C    sing N N 333 
THR CA  CB   sing N N 334 
THR CA  HA   sing N N 335 
THR C   O    doub N N 336 
THR C   OXT  sing N N 337 
THR CB  OG1  sing N N 338 
THR CB  CG2  sing N N 339 
THR CB  HB   sing N N 340 
THR OG1 HG1  sing N N 341 
THR CG2 HG21 sing N N 342 
THR CG2 HG22 sing N N 343 
THR CG2 HG23 sing N N 344 
THR OXT HXT  sing N N 345 
TRP N   CA   sing N N 346 
TRP N   H    sing N N 347 
TRP N   H2   sing N N 348 
TRP CA  C    sing N N 349 
TRP CA  CB   sing N N 350 
TRP CA  HA   sing N N 351 
TRP C   O    doub N N 352 
TRP C   OXT  sing N N 353 
TRP CB  CG   sing N N 354 
TRP CB  HB2  sing N N 355 
TRP CB  HB3  sing N N 356 
TRP CG  CD1  doub Y N 357 
TRP CG  CD2  sing Y N 358 
TRP CD1 NE1  sing Y N 359 
TRP CD1 HD1  sing N N 360 
TRP CD2 CE2  doub Y N 361 
TRP CD2 CE3  sing Y N 362 
TRP NE1 CE2  sing Y N 363 
TRP NE1 HE1  sing N N 364 
TRP CE2 CZ2  sing Y N 365 
TRP CE3 CZ3  doub Y N 366 
TRP CE3 HE3  sing N N 367 
TRP CZ2 CH2  doub Y N 368 
TRP CZ2 HZ2  sing N N 369 
TRP CZ3 CH2  sing Y N 370 
TRP CZ3 HZ3  sing N N 371 
TRP CH2 HH2  sing N N 372 
TRP OXT HXT  sing N N 373 
TYR N   CA   sing N N 374 
TYR N   H    sing N N 375 
TYR N   H2   sing N N 376 
TYR CA  C    sing N N 377 
TYR CA  CB   sing N N 378 
TYR CA  HA   sing N N 379 
TYR C   O    doub N N 380 
TYR C   OXT  sing N N 381 
TYR CB  CG   sing N N 382 
TYR CB  HB2  sing N N 383 
TYR CB  HB3  sing N N 384 
TYR CG  CD1  doub Y N 385 
TYR CG  CD2  sing Y N 386 
TYR CD1 CE1  sing Y N 387 
TYR CD1 HD1  sing N N 388 
TYR CD2 CE2  doub Y N 389 
TYR CD2 HD2  sing N N 390 
TYR CE1 CZ   doub Y N 391 
TYR CE1 HE1  sing N N 392 
TYR CE2 CZ   sing Y N 393 
TYR CE2 HE2  sing N N 394 
TYR CZ  OH   sing N N 395 
TYR OH  HH   sing N N 396 
TYR OXT HXT  sing N N 397 
VAL N   CA   sing N N 398 
VAL N   H    sing N N 399 
VAL N   H2   sing N N 400 
VAL CA  C    sing N N 401 
VAL CA  CB   sing N N 402 
VAL CA  HA   sing N N 403 
VAL C   O    doub N N 404 
VAL C   OXT  sing N N 405 
VAL CB  CG1  sing N N 406 
VAL CB  CG2  sing N N 407 
VAL CB  HB   sing N N 408 
VAL CG1 HG11 sing N N 409 
VAL CG1 HG12 sing N N 410 
VAL CG1 HG13 sing N N 411 
VAL CG2 HG21 sing N N 412 
VAL CG2 HG22 sing N N 413 
VAL CG2 HG23 sing N N 414 
VAL OXT HXT  sing N N 415 
# 
_pdbx_initial_refinement_model.id               1 
_pdbx_initial_refinement_model.entity_id_list   ? 
_pdbx_initial_refinement_model.type             'experimental model' 
_pdbx_initial_refinement_model.source_name      PDB 
_pdbx_initial_refinement_model.accession_code   2ZG2 
_pdbx_initial_refinement_model.details          'PDB ENTRY 2ZG2' 
# 
_atom_sites.entry_id                    2ZG1 
_atom_sites.fract_transf_matrix[1][1]   -0.00757527 
_atom_sites.fract_transf_matrix[1][2]   0.00680477 
_atom_sites.fract_transf_matrix[1][3]   -0.00685991 
_atom_sites.fract_transf_matrix[2][1]   -0.00397427 
_atom_sites.fract_transf_matrix[2][2]   -0.00424771 
_atom_sites.fract_transf_matrix[2][3]   -0.01081256 
_atom_sites.fract_transf_matrix[3][1]   -0.00374823 
_atom_sites.fract_transf_matrix[3][2]   -0.00199406 
_atom_sites.fract_transf_matrix[3][3]   0.00216107 
_atom_sites.fract_transf_vector[1]      0.433670 
_atom_sites.fract_transf_vector[2]      0.142011 
_atom_sites.fract_transf_vector[3]      0.100956 
# 
loop_
_atom_type.symbol 
C 
N 
O 
S 
# 
loop_
_atom_site.group_PDB 
_atom_site.id 
_atom_site.type_symbol 
_atom_site.label_atom_id 
_atom_site.label_alt_id 
_atom_site.label_comp_id 
_atom_site.label_asym_id 
_atom_site.label_entity_id 
_atom_site.label_seq_id 
_atom_site.pdbx_PDB_ins_code 
_atom_site.Cartn_x 
_atom_site.Cartn_y 
_atom_site.Cartn_z 
_atom_site.occupancy 
_atom_site.B_iso_or_equiv 
_atom_site.pdbx_formal_charge 
_atom_site.auth_seq_id 
_atom_site.auth_comp_id 
_atom_site.auth_asym_id 
_atom_site.auth_atom_id 
_atom_site.pdbx_PDB_model_num 
ATOM   1    N N   . VAL A 1 1   ? -23.129 -10.551 20.691  1.00 93.86  ? 25  VAL A N   1 
ATOM   2    C CA  . VAL A 1 1   ? -22.998 -11.463 19.513  1.00 95.60  ? 25  VAL A CA  1 
ATOM   3    C C   . VAL A 1 1   ? -22.347 -10.740 18.330  1.00 97.04  ? 25  VAL A C   1 
ATOM   4    O O   . VAL A 1 1   ? -21.815 -11.377 17.417  1.00 98.45  ? 25  VAL A O   1 
ATOM   5    C CB  . VAL A 1 1   ? -24.365 -11.997 19.032  1.00 95.11  ? 25  VAL A CB  1 
ATOM   6    C CG1 . VAL A 1 1   ? -24.145 -13.198 18.123  1.00 95.47  ? 25  VAL A CG1 1 
ATOM   7    C CG2 . VAL A 1 1   ? -25.243 -12.371 20.211  1.00 94.82  ? 25  VAL A CG2 1 
ATOM   8    N N   . TYR A 1 2   ? -22.416 -9.413  18.340  1.00 96.05  ? 26  TYR A N   1 
ATOM   9    C CA  . TYR A 1 2   ? -21.807 -8.616  17.285  1.00 94.06  ? 26  TYR A CA  1 
ATOM   10   C C   . TYR A 1 2   ? -20.482 -8.113  17.830  1.00 92.74  ? 26  TYR A C   1 
ATOM   11   O O   . TYR A 1 2   ? -20.441 -7.216  18.669  1.00 91.93  ? 26  TYR A O   1 
ATOM   12   C CB  . TYR A 1 2   ? -22.706 -7.435  16.900  1.00 94.15  ? 26  TYR A CB  1 
ATOM   13   C CG  . TYR A 1 2   ? -23.913 -7.818  16.076  1.00 94.48  ? 26  TYR A CG  1 
ATOM   14   C CD1 . TYR A 1 2   ? -25.021 -8.420  16.661  1.00 94.86  ? 26  TYR A CD1 1 
ATOM   15   C CD2 . TYR A 1 2   ? -23.939 -7.591  14.701  1.00 95.52  ? 26  TYR A CD2 1 
ATOM   16   C CE1 . TYR A 1 2   ? -26.131 -8.788  15.894  1.00 96.36  ? 26  TYR A CE1 1 
ATOM   17   C CE2 . TYR A 1 2   ? -25.037 -7.955  13.922  1.00 95.57  ? 26  TYR A CE2 1 
ATOM   18   C CZ  . TYR A 1 2   ? -26.130 -8.553  14.521  1.00 96.49  ? 26  TYR A CZ  1 
ATOM   19   O OH  . TYR A 1 2   ? -27.216 -8.917  13.753  1.00 94.36  ? 26  TYR A OH  1 
ATOM   20   N N   . GLU A 1 3   ? -19.393 -8.697  17.350  1.00 91.60  ? 27  GLU A N   1 
ATOM   21   C CA  . GLU A 1 3   ? -18.071 -8.319  17.824  1.00 90.91  ? 27  GLU A CA  1 
ATOM   22   C C   . GLU A 1 3   ? -17.113 -7.968  16.694  1.00 87.89  ? 27  GLU A C   1 
ATOM   23   O O   . GLU A 1 3   ? -17.169 -8.561  15.619  1.00 88.28  ? 27  GLU A O   1 
ATOM   24   C CB  . GLU A 1 3   ? -17.499 -9.470  18.663  1.00 95.46  ? 27  GLU A CB  1 
ATOM   25   C CG  . GLU A 1 3   ? -15.974 -9.508  18.757  1.00 100.31 ? 27  GLU A CG  1 
ATOM   26   C CD  . GLU A 1 3   ? -15.429 -10.929 18.729  1.00 103.52 ? 27  GLU A CD  1 
ATOM   27   O OE1 . GLU A 1 3   ? -15.734 -11.711 19.663  1.00 105.71 ? 27  GLU A OE1 1 
ATOM   28   O OE2 . GLU A 1 3   ? -14.701 -11.260 17.766  1.00 104.31 ? 27  GLU A OE2 1 
ATOM   29   N N   . LEU A 1 4   ? -16.233 -7.006  16.953  1.00 83.47  ? 28  LEU A N   1 
ATOM   30   C CA  . LEU A 1 4   ? -15.243 -6.585  15.975  1.00 81.15  ? 28  LEU A CA  1 
ATOM   31   C C   . LEU A 1 4   ? -13.881 -6.370  16.630  1.00 81.63  ? 28  LEU A C   1 
ATOM   32   O O   . LEU A 1 4   ? -13.727 -5.517  17.504  1.00 80.40  ? 28  LEU A O   1 
ATOM   33   C CB  . LEU A 1 4   ? -15.670 -5.282  15.283  1.00 78.76  ? 28  LEU A CB  1 
ATOM   34   C CG  . LEU A 1 4   ? -14.686 -4.744  14.237  1.00 75.61  ? 28  LEU A CG  1 
ATOM   35   C CD1 . LEU A 1 4   ? -14.726 -5.646  13.024  1.00 76.11  ? 28  LEU A CD1 1 
ATOM   36   C CD2 . LEU A 1 4   ? -15.037 -3.330  13.837  1.00 76.36  ? 28  LEU A CD2 1 
ATOM   37   N N   . GLN A 1 5   ? -12.895 -7.148  16.192  1.00 81.16  ? 29  GLN A N   1 
ATOM   38   C CA  . GLN A 1 5   ? -11.545 -7.041  16.711  1.00 79.40  ? 29  GLN A CA  1 
ATOM   39   C C   . GLN A 1 5   ? -10.690 -6.301  15.707  1.00 78.86  ? 29  GLN A C   1 
ATOM   40   O O   . GLN A 1 5   ? -10.535 -6.739  14.572  1.00 79.33  ? 29  GLN A O   1 
ATOM   41   C CB  . GLN A 1 5   ? -10.951 -8.425  16.948  1.00 80.37  ? 29  GLN A CB  1 
ATOM   42   C CG  . GLN A 1 5   ? -11.816 -9.322  17.803  1.00 83.70  ? 29  GLN A CG  1 
ATOM   43   C CD  . GLN A 1 5   ? -12.024 -8.773  19.199  1.00 85.56  ? 29  GLN A CD  1 
ATOM   44   O OE1 . GLN A 1 5   ? -12.867 -9.270  19.948  1.00 88.20  ? 29  GLN A OE1 1 
ATOM   45   N NE2 . GLN A 1 5   ? -11.241 -7.756  19.568  1.00 83.57  ? 29  GLN A NE2 1 
ATOM   46   N N   . VAL A 1 6   ? -10.126 -5.180  16.135  1.00 79.53  ? 30  VAL A N   1 
ATOM   47   C CA  . VAL A 1 6   ? -9.276  -4.376  15.274  1.00 80.37  ? 30  VAL A CA  1 
ATOM   48   C C   . VAL A 1 6   ? -8.623  -3.319  16.157  1.00 81.97  ? 30  VAL A C   1 
ATOM   49   O O   . VAL A 1 6   ? -9.230  -2.850  17.116  1.00 84.26  ? 30  VAL A O   1 
ATOM   50   C CB  . VAL A 1 6   ? -10.123 -3.688  14.149  1.00 80.82  ? 30  VAL A CB  1 
ATOM   51   C CG1 . VAL A 1 6   ? -10.992 -2.553  14.742  1.00 78.04  ? 30  VAL A CG1 1 
ATOM   52   C CG2 . VAL A 1 6   ? -9.213  -3.169  13.040  1.00 79.59  ? 30  VAL A CG2 1 
ATOM   53   N N   . GLN A 1 7   ? -7.386  -2.950  15.856  1.00 82.88  ? 31  GLN A N   1 
ATOM   54   C CA  . GLN A 1 7   ? -6.718  -1.934  16.655  1.00 84.15  ? 31  GLN A CA  1 
ATOM   55   C C   . GLN A 1 7   ? -7.423  -0.609  16.384  1.00 85.77  ? 31  GLN A C   1 
ATOM   56   O O   . GLN A 1 7   ? -7.950  -0.408  15.288  1.00 86.74  ? 31  GLN A O   1 
ATOM   57   C CB  . GLN A 1 7   ? -5.242  -1.847  16.264  1.00 84.12  ? 31  GLN A CB  1 
ATOM   58   C CG  . GLN A 1 7   ? -4.966  -1.283  14.888  1.00 86.10  ? 31  GLN A CG  1 
ATOM   59   C CD  . GLN A 1 7   ? -3.637  -1.765  14.332  1.00 87.92  ? 31  GLN A CD  1 
ATOM   60   O OE1 . GLN A 1 7   ? -3.495  -2.941  13.984  1.00 88.30  ? 31  GLN A OE1 1 
ATOM   61   N NE2 . GLN A 1 7   ? -2.655  -0.865  14.253  1.00 86.76  ? 31  GLN A NE2 1 
ATOM   62   N N   . LYS A 1 8   ? -7.440  0.288   17.370  1.00 86.21  ? 32  LYS A N   1 
ATOM   63   C CA  . LYS A 1 8   ? -8.112  1.581   17.209  1.00 85.78  ? 32  LYS A CA  1 
ATOM   64   C C   . LYS A 1 8   ? -7.397  2.607   16.340  1.00 86.47  ? 32  LYS A C   1 
ATOM   65   O O   . LYS A 1 8   ? -8.045  3.346   15.592  1.00 87.98  ? 32  LYS A O   1 
ATOM   66   C CB  . LYS A 1 8   ? -8.425  2.201   18.569  1.00 83.57  ? 32  LYS A CB  1 
ATOM   67   C CG  . LYS A 1 8   ? -7.619  1.653   19.709  1.00 82.12  ? 32  LYS A CG  1 
ATOM   68   C CD  . LYS A 1 8   ? -8.526  1.333   20.879  1.00 79.07  ? 32  LYS A CD  1 
ATOM   69   C CE  . LYS A 1 8   ? -9.666  0.444   20.437  1.00 79.80  ? 32  LYS A CE  1 
ATOM   70   N NZ  . LYS A 1 8   ? -10.560 0.074   21.563  1.00 81.52  ? 32  LYS A NZ  1 
ATOM   71   N N   . SER A 1 9   ? -6.074  2.666   16.430  1.00 85.58  ? 33  SER A N   1 
ATOM   72   C CA  . SER A 1 9   ? -5.330  3.614   15.614  1.00 84.27  ? 33  SER A CA  1 
ATOM   73   C C   . SER A 1 9   ? -4.334  2.921   14.688  1.00 82.63  ? 33  SER A C   1 
ATOM   74   O O   . SER A 1 9   ? -3.884  1.810   14.976  1.00 81.89  ? 33  SER A O   1 
ATOM   75   C CB  . SER A 1 9   ? -4.592  4.607   16.500  1.00 85.43  ? 33  SER A CB  1 
ATOM   76   O OG  . SER A 1 9   ? -3.790  5.466   15.704  1.00 90.87  ? 33  SER A OG  1 
ATOM   77   N N   . VAL A 1 10  ? -4.001  3.581   13.578  1.00 81.11  ? 34  VAL A N   1 
ATOM   78   C CA  . VAL A 1 10  ? -3.055  3.046   12.596  1.00 82.28  ? 34  VAL A CA  1 
ATOM   79   C C   . VAL A 1 10  ? -2.284  4.183   11.916  1.00 83.36  ? 34  VAL A C   1 
ATOM   80   O O   . VAL A 1 10  ? -2.842  5.253   11.681  1.00 84.92  ? 34  VAL A O   1 
ATOM   81   C CB  . VAL A 1 10  ? -3.785  2.235   11.486  1.00 81.16  ? 34  VAL A CB  1 
ATOM   82   C CG1 . VAL A 1 10  ? -2.780  1.470   10.649  1.00 80.22  ? 34  VAL A CG1 1 
ATOM   83   C CG2 . VAL A 1 10  ? -4.767  1.275   12.101  1.00 81.70  ? 34  VAL A CG2 1 
ATOM   84   N N   . THR A 1 11  ? -1.012  3.955   11.590  1.00 84.07  ? 35  THR A N   1 
ATOM   85   C CA  . THR A 1 11  ? -0.211  4.989   10.925  1.00 85.59  ? 35  THR A CA  1 
ATOM   86   C C   . THR A 1 11  ? 0.460   4.452   9.674   1.00 86.49  ? 35  THR A C   1 
ATOM   87   O O   . THR A 1 11  ? 0.843   3.280   9.618   1.00 86.90  ? 35  THR A O   1 
ATOM   88   C CB  . THR A 1 11  ? 0.922   5.523   11.822  1.00 86.81  ? 35  THR A CB  1 
ATOM   89   O OG1 . THR A 1 11  ? 0.590   5.323   13.203  1.00 88.63  ? 35  THR A OG1 1 
ATOM   90   C CG2 . THR A 1 11  ? 1.151   7.010   11.549  1.00 85.45  ? 35  THR A CG2 1 
ATOM   91   N N   . VAL A 1 12  ? 0.635   5.323   8.685   1.00 86.87  ? 36  VAL A N   1 
ATOM   92   C CA  . VAL A 1 12  ? 1.266   4.942   7.427   1.00 89.43  ? 36  VAL A CA  1 
ATOM   93   C C   . VAL A 1 12  ? 1.948   6.164   6.851   1.00 90.63  ? 36  VAL A C   1 
ATOM   94   O O   . VAL A 1 12  ? 1.424   7.270   6.942   1.00 92.42  ? 36  VAL A O   1 
ATOM   95   C CB  . VAL A 1 12  ? 0.227   4.480   6.365   1.00 91.24  ? 36  VAL A CB  1 
ATOM   96   C CG1 . VAL A 1 12  ? 0.856   3.466   5.419   1.00 89.72  ? 36  VAL A CG1 1 
ATOM   97   C CG2 . VAL A 1 12  ? -1.001  3.915   7.034   1.00 91.72  ? 36  VAL A CG2 1 
ATOM   98   N N   . GLN A 1 13  ? 3.116   5.983   6.255   1.00 91.51  ? 37  GLN A N   1 
ATOM   99   C CA  . GLN A 1 13  ? 3.776   7.125   5.665   1.00 93.33  ? 37  GLN A CA  1 
ATOM   100  C C   . GLN A 1 13  ? 3.132   7.316   4.312   1.00 94.08  ? 37  GLN A C   1 
ATOM   101  O O   . GLN A 1 13  ? 2.963   6.358   3.564   1.00 95.05  ? 37  GLN A O   1 
ATOM   102  C CB  . GLN A 1 13  ? 5.265   6.864   5.482   1.00 94.76  ? 37  GLN A CB  1 
ATOM   103  C CG  . GLN A 1 13  ? 6.059   6.792   6.765   1.00 95.24  ? 37  GLN A CG  1 
ATOM   104  C CD  . GLN A 1 13  ? 7.530   6.562   6.494   1.00 94.78  ? 37  GLN A CD  1 
ATOM   105  O OE1 . GLN A 1 13  ? 8.135   7.255   5.671   1.00 94.43  ? 37  GLN A OE1 1 
ATOM   106  N NE2 . GLN A 1 13  ? 8.113   5.589   7.182   1.00 93.28  ? 37  GLN A NE2 1 
ATOM   107  N N   . GLU A 1 14  ? 2.752   8.545   4.003   1.00 94.81  ? 38  GLU A N   1 
ATOM   108  C CA  . GLU A 1 14  ? 2.144   8.828   2.719   1.00 95.83  ? 38  GLU A CA  1 
ATOM   109  C C   . GLU A 1 14  ? 2.876   8.037   1.642   1.00 95.77  ? 38  GLU A C   1 
ATOM   110  O O   . GLU A 1 14  ? 4.083   7.824   1.746   1.00 95.61  ? 38  GLU A O   1 
ATOM   111  C CB  . GLU A 1 14  ? 2.241   10.322  2.422   1.00 97.17  ? 38  GLU A CB  1 
ATOM   112  C CG  . GLU A 1 14  ? 2.045   10.671  0.961   1.00 102.17 ? 38  GLU A CG  1 
ATOM   113  C CD  . GLU A 1 14  ? 2.215   12.153  0.697   1.00 106.19 ? 38  GLU A CD  1 
ATOM   114  O OE1 . GLU A 1 14  ? 3.275   12.708  1.070   1.00 107.85 ? 38  GLU A OE1 1 
ATOM   115  O OE2 . GLU A 1 14  ? 1.289   12.764  0.116   1.00 107.47 ? 38  GLU A OE2 1 
ATOM   116  N N   . GLY A 1 15  ? 2.142   7.586   0.626   1.00 95.57  ? 39  GLY A N   1 
ATOM   117  C CA  . GLY A 1 15  ? 2.749   6.842   -0.466  1.00 94.69  ? 39  GLY A CA  1 
ATOM   118  C C   . GLY A 1 15  ? 3.011   5.366   -0.223  1.00 94.33  ? 39  GLY A C   1 
ATOM   119  O O   . GLY A 1 15  ? 3.152   4.599   -1.176  1.00 95.36  ? 39  GLY A O   1 
ATOM   120  N N   . LEU A 1 16  ? 3.085   4.964   1.041   1.00 92.58  ? 40  LEU A N   1 
ATOM   121  C CA  . LEU A 1 16  ? 3.328   3.566   1.380   1.00 91.51  ? 40  LEU A CA  1 
ATOM   122  C C   . LEU A 1 16  ? 1.997   2.850   1.610   1.00 91.70  ? 40  LEU A C   1 
ATOM   123  O O   . LEU A 1 16  ? 0.943   3.332   1.185   1.00 91.66  ? 40  LEU A O   1 
ATOM   124  C CB  . LEU A 1 16  ? 4.185   3.466   2.644   1.00 91.00  ? 40  LEU A CB  1 
ATOM   125  C CG  . LEU A 1 16  ? 5.417   4.373   2.745   1.00 90.50  ? 40  LEU A CG  1 
ATOM   126  C CD1 . LEU A 1 16  ? 6.221   3.940   3.952   1.00 90.51  ? 40  LEU A CD1 1 
ATOM   127  C CD2 . LEU A 1 16  ? 6.267   4.289   1.490   1.00 89.24  ? 40  LEU A CD2 1 
ATOM   128  N N   . CYS A 1 17  ? 2.047   1.706   2.283   1.00 89.36  ? 41  CYS A N   1 
ATOM   129  C CA  . CYS A 1 17  ? 0.834   0.955   2.556   1.00 89.73  ? 41  CYS A CA  1 
ATOM   130  C C   . CYS A 1 17  ? 0.955   0.170   3.845   1.00 85.80  ? 41  CYS A C   1 
ATOM   131  O O   . CYS A 1 17  ? 2.051   -0.111  4.303   1.00 85.99  ? 41  CYS A O   1 
ATOM   132  C CB  . CYS A 1 17  ? 0.521   0.017   1.395   1.00 97.29  ? 41  CYS A CB  1 
ATOM   133  S SG  . CYS A 1 17  ? 1.886   -1.088  0.942   1.00 110.17 ? 41  CYS A SG  1 
ATOM   134  N N   . VAL A 1 18  ? -0.182  -0.190  4.423   1.00 81.49  ? 42  VAL A N   1 
ATOM   135  C CA  . VAL A 1 18  ? -0.215  -0.923  5.681   1.00 77.24  ? 42  VAL A CA  1 
ATOM   136  C C   . VAL A 1 18  ? -1.321  -1.980  5.632   1.00 75.65  ? 42  VAL A C   1 
ATOM   137  O O   . VAL A 1 18  ? -2.216  -1.927  4.784   1.00 75.47  ? 42  VAL A O   1 
ATOM   138  C CB  . VAL A 1 18  ? -0.474  0.074   6.852   1.00 78.14  ? 42  VAL A CB  1 
ATOM   139  C CG1 . VAL A 1 18  ? -1.618  0.995   6.473   1.00 77.01  ? 42  VAL A CG1 1 
ATOM   140  C CG2 . VAL A 1 18  ? -0.806  -0.666  8.155   1.00 76.76  ? 42  VAL A CG2 1 
ATOM   141  N N   . LEU A 1 19  ? -1.257  -2.945  6.535   1.00 72.51  ? 43  LEU A N   1 
ATOM   142  C CA  . LEU A 1 19  ? -2.253  -3.985  6.577   1.00 74.87  ? 43  LEU A CA  1 
ATOM   143  C C   . LEU A 1 19  ? -2.931  -3.954  7.930   1.00 76.61  ? 43  LEU A C   1 
ATOM   144  O O   . LEU A 1 19  ? -2.299  -4.213  8.954   1.00 79.92  ? 43  LEU A O   1 
ATOM   145  C CB  . LEU A 1 19  ? -1.610  -5.354  6.346   1.00 75.96  ? 43  LEU A CB  1 
ATOM   146  C CG  . LEU A 1 19  ? -2.332  -6.570  6.953   1.00 77.18  ? 43  LEU A CG  1 
ATOM   147  C CD1 . LEU A 1 19  ? -3.772  -6.615  6.479   1.00 77.86  ? 43  LEU A CD1 1 
ATOM   148  C CD2 . LEU A 1 19  ? -1.604  -7.855  6.573   1.00 78.64  ? 43  LEU A CD2 1 
ATOM   149  N N   . VAL A 1 20  ? -4.226  -3.648  7.938   1.00 74.93  ? 44  VAL A N   1 
ATOM   150  C CA  . VAL A 1 20  ? -4.963  -3.577  9.182   1.00 71.17  ? 44  VAL A CA  1 
ATOM   151  C C   . VAL A 1 20  ? -5.690  -4.879  9.445   1.00 72.68  ? 44  VAL A C   1 
ATOM   152  O O   . VAL A 1 20  ? -6.709  -5.169  8.830   1.00 74.00  ? 44  VAL A O   1 
ATOM   153  C CB  . VAL A 1 20  ? -5.958  -2.401  9.167   1.00 68.53  ? 44  VAL A CB  1 
ATOM   154  C CG1 . VAL A 1 20  ? -6.604  -2.257  10.525  1.00 67.81  ? 44  VAL A CG1 1 
ATOM   155  C CG2 . VAL A 1 20  ? -5.228  -1.107  8.794   1.00 65.75  ? 44  VAL A CG2 1 
ATOM   156  N N   . PRO A 1 21  ? -5.148  -5.703  10.353  1.00 74.19  ? 45  PRO A N   1 
ATOM   157  C CA  . PRO A 1 21  ? -5.762  -6.988  10.691  1.00 74.41  ? 45  PRO A CA  1 
ATOM   158  C C   . PRO A 1 21  ? -7.122  -6.721  11.291  1.00 74.80  ? 45  PRO A C   1 
ATOM   159  O O   . PRO A 1 21  ? -7.269  -5.793  12.085  1.00 77.52  ? 45  PRO A O   1 
ATOM   160  C CB  . PRO A 1 21  ? -4.789  -7.582  11.707  1.00 74.93  ? 45  PRO A CB  1 
ATOM   161  C CG  . PRO A 1 21  ? -3.463  -7.003  11.277  1.00 75.75  ? 45  PRO A CG  1 
ATOM   162  C CD  . PRO A 1 21  ? -3.818  -5.571  10.981  1.00 74.60  ? 45  PRO A CD  1 
ATOM   163  N N   . CYS A 1 22  ? -8.110  -7.536  10.936  1.00 72.75  ? 46  CYS A N   1 
ATOM   164  C CA  . CYS A 1 22  ? -9.455  -7.342  11.434  1.00 69.72  ? 46  CYS A CA  1 
ATOM   165  C C   . CYS A 1 22  ? -10.228 -8.647  11.434  1.00 69.08  ? 46  CYS A C   1 
ATOM   166  O O   . CYS A 1 22  ? -10.056 -9.487  10.551  1.00 72.62  ? 46  CYS A O   1 
ATOM   167  C CB  . CYS A 1 22  ? -10.154 -6.318  10.536  1.00 70.77  ? 46  CYS A CB  1 
ATOM   168  S SG  . CYS A 1 22  ? -11.849 -5.827  10.972  1.00 71.70  ? 46  CYS A SG  1 
ATOM   169  N N   . SER A 1 23  ? -11.082 -8.813  12.435  1.00 66.69  ? 47  SER A N   1 
ATOM   170  C CA  . SER A 1 23  ? -11.926 -9.994  12.560  1.00 65.17  ? 47  SER A CA  1 
ATOM   171  C C   . SER A 1 23  ? -13.271 -9.508  13.081  1.00 63.82  ? 47  SER A C   1 
ATOM   172  O O   . SER A 1 23  ? -13.338 -8.512  13.803  1.00 61.42  ? 47  SER A O   1 
ATOM   173  C CB  . SER A 1 23  ? -11.305 -11.007 13.526  1.00 68.23  ? 47  SER A CB  1 
ATOM   174  O OG  . SER A 1 23  ? -10.750 -10.372 14.671  1.00 71.55  ? 47  SER A OG  1 
ATOM   175  N N   . PHE A 1 24  ? -14.342 -10.203 12.721  1.00 61.66  ? 48  PHE A N   1 
ATOM   176  C CA  . PHE A 1 24  ? -15.664 -9.766  13.135  1.00 62.50  ? 48  PHE A CA  1 
ATOM   177  C C   . PHE A 1 24  ? -16.610 -10.945 13.250  1.00 63.53  ? 48  PHE A C   1 
ATOM   178  O O   . PHE A 1 24  ? -16.434 -11.966 12.589  1.00 62.54  ? 48  PHE A O   1 
ATOM   179  C CB  . PHE A 1 24  ? -16.216 -8.782  12.098  1.00 62.38  ? 48  PHE A CB  1 
ATOM   180  C CG  . PHE A 1 24  ? -16.644 -9.446  10.815  1.00 62.69  ? 48  PHE A CG  1 
ATOM   181  C CD1 . PHE A 1 24  ? -17.966 -9.851  10.633  1.00 60.00  ? 48  PHE A CD1 1 
ATOM   182  C CD2 . PHE A 1 24  ? -15.711 -9.726  9.808   1.00 61.20  ? 48  PHE A CD2 1 
ATOM   183  C CE1 . PHE A 1 24  ? -18.361 -10.528 9.463   1.00 61.00  ? 48  PHE A CE1 1 
ATOM   184  C CE2 . PHE A 1 24  ? -16.097 -10.401 8.643   1.00 59.59  ? 48  PHE A CE2 1 
ATOM   185  C CZ  . PHE A 1 24  ? -17.425 -10.803 8.469   1.00 57.07  ? 48  PHE A CZ  1 
ATOM   186  N N   . SER A 1 25  ? -17.635 -10.778 14.073  1.00 65.92  ? 49  SER A N   1 
ATOM   187  C CA  . SER A 1 25  ? -18.621 -11.827 14.271  1.00 68.91  ? 49  SER A CA  1 
ATOM   188  C C   . SER A 1 25  ? -20.045 -11.267 14.329  1.00 70.12  ? 49  SER A C   1 
ATOM   189  O O   . SER A 1 25  ? -20.271 -10.093 14.644  1.00 66.91  ? 49  SER A O   1 
ATOM   190  C CB  . SER A 1 25  ? -18.302 -12.609 15.552  1.00 69.88  ? 49  SER A CB  1 
ATOM   191  O OG  . SER A 1 25  ? -18.069 -11.724 16.637  1.00 71.77  ? 49  SER A OG  1 
ATOM   192  N N   . TYR A 1 26  ? -21.004 -12.134 14.030  1.00 72.02  ? 50  TYR A N   1 
ATOM   193  C CA  . TYR A 1 26  ? -22.398 -11.742 14.026  1.00 75.62  ? 50  TYR A CA  1 
ATOM   194  C C   . TYR A 1 26  ? -23.244 -13.010 14.170  1.00 80.04  ? 50  TYR A C   1 
ATOM   195  O O   . TYR A 1 26  ? -22.831 -14.106 13.778  1.00 79.96  ? 50  TYR A O   1 
ATOM   196  C CB  . TYR A 1 26  ? -22.717 -11.017 12.702  1.00 72.97  ? 50  TYR A CB  1 
ATOM   197  C CG  . TYR A 1 26  ? -22.621 -11.913 11.493  1.00 67.56  ? 50  TYR A CG  1 
ATOM   198  C CD1 . TYR A 1 26  ? -23.729 -12.621 11.045  1.00 67.94  ? 50  TYR A CD1 1 
ATOM   199  C CD2 . TYR A 1 26  ? -21.397 -12.148 10.873  1.00 67.96  ? 50  TYR A CD2 1 
ATOM   200  C CE1 . TYR A 1 26  ? -23.629 -13.556 10.017  1.00 69.81  ? 50  TYR A CE1 1 
ATOM   201  C CE2 . TYR A 1 26  ? -21.279 -13.079 9.845   1.00 69.25  ? 50  TYR A CE2 1 
ATOM   202  C CZ  . TYR A 1 26  ? -22.403 -13.782 9.423   1.00 71.15  ? 50  TYR A CZ  1 
ATOM   203  O OH  . TYR A 1 26  ? -22.303 -14.719 8.415   1.00 74.64  ? 50  TYR A OH  1 
ATOM   204  N N   . PRO A 1 27  ? -24.444 -12.873 14.735  1.00 83.97  ? 51  PRO A N   1 
ATOM   205  C CA  . PRO A 1 27  ? -25.344 -14.006 14.931  1.00 88.91  ? 51  PRO A CA  1 
ATOM   206  C C   . PRO A 1 27  ? -25.813 -14.625 13.627  1.00 94.55  ? 51  PRO A C   1 
ATOM   207  O O   . PRO A 1 27  ? -26.376 -13.936 12.772  1.00 95.84  ? 51  PRO A O   1 
ATOM   208  C CB  . PRO A 1 27  ? -26.494 -13.388 15.713  1.00 87.53  ? 51  PRO A CB  1 
ATOM   209  C CG  . PRO A 1 27  ? -26.542 -12.010 15.169  1.00 86.00  ? 51  PRO A CG  1 
ATOM   210  C CD  . PRO A 1 27  ? -25.086 -11.624 15.162  1.00 84.48  ? 51  PRO A CD  1 
ATOM   211  N N   . TRP A 1 28  ? -25.576 -15.925 13.477  1.00 100.57 ? 52  TRP A N   1 
ATOM   212  C CA  . TRP A 1 28  ? -26.002 -16.643 12.283  1.00 106.64 ? 52  TRP A CA  1 
ATOM   213  C C   . TRP A 1 28  ? -26.352 -18.096 12.598  1.00 111.08 ? 52  TRP A C   1 
ATOM   214  O O   . TRP A 1 28  ? -25.477 -18.908 12.906  1.00 110.62 ? 52  TRP A O   1 
ATOM   215  C CB  . TRP A 1 28  ? -24.922 -16.597 11.203  1.00 106.56 ? 52  TRP A CB  1 
ATOM   216  C CG  . TRP A 1 28  ? -25.444 -17.036 9.879   1.00 106.75 ? 52  TRP A CG  1 
ATOM   217  C CD1 . TRP A 1 28  ? -25.039 -18.117 9.149   1.00 106.61 ? 52  TRP A CD1 1 
ATOM   218  C CD2 . TRP A 1 28  ? -26.507 -16.427 9.142   1.00 107.01 ? 52  TRP A CD2 1 
ATOM   219  N NE1 . TRP A 1 28  ? -25.788 -18.221 8.000   1.00 106.55 ? 52  TRP A NE1 1 
ATOM   220  C CE2 . TRP A 1 28  ? -26.697 -17.196 7.971   1.00 106.85 ? 52  TRP A CE2 1 
ATOM   221  C CE3 . TRP A 1 28  ? -27.321 -15.306 9.356   1.00 106.98 ? 52  TRP A CE3 1 
ATOM   222  C CZ2 . TRP A 1 28  ? -27.669 -16.879 7.017   1.00 106.28 ? 52  TRP A CZ2 1 
ATOM   223  C CZ3 . TRP A 1 28  ? -28.288 -14.992 8.407   1.00 105.70 ? 52  TRP A CZ3 1 
ATOM   224  C CH2 . TRP A 1 28  ? -28.452 -15.777 7.254   1.00 106.23 ? 52  TRP A CH2 1 
ATOM   225  N N   . ARG A 1 29  ? -27.643 -18.413 12.509  1.00 117.09 ? 53  ARG A N   1 
ATOM   226  C CA  . ARG A 1 29  ? -28.147 -19.753 12.787  1.00 122.50 ? 53  ARG A CA  1 
ATOM   227  C C   . ARG A 1 29  ? -27.471 -20.852 11.966  1.00 125.24 ? 53  ARG A C   1 
ATOM   228  O O   . ARG A 1 29  ? -27.296 -21.969 12.453  1.00 126.12 ? 53  ARG A O   1 
ATOM   229  C CB  . ARG A 1 29  ? -29.667 -19.776 12.593  1.00 124.52 ? 53  ARG A CB  1 
ATOM   230  C CG  . ARG A 1 29  ? -30.426 -19.192 13.789  1.00 128.00 ? 53  ARG A CG  1 
ATOM   231  C CD  . ARG A 1 29  ? -31.903 -18.972 13.494  1.00 131.09 ? 53  ARG A CD  1 
ATOM   232  N NE  . ARG A 1 29  ? -32.142 -17.743 12.736  1.00 133.74 ? 53  ARG A NE  1 
ATOM   233  C CZ  . ARG A 1 29  ? -33.337 -17.356 12.293  1.00 135.12 ? 53  ARG A CZ  1 
ATOM   234  N NH1 . ARG A 1 29  ? -34.411 -18.101 12.525  1.00 135.43 ? 53  ARG A NH1 1 
ATOM   235  N NH2 . ARG A 1 29  ? -33.460 -16.213 11.626  1.00 135.87 ? 53  ARG A NH2 1 
ATOM   236  N N   . SER A 1 30  ? -27.101 -20.525 10.726  1.00 128.26 ? 54  SER A N   1 
ATOM   237  C CA  . SER A 1 30  ? -26.395 -21.430 9.798   1.00 130.90 ? 54  SER A CA  1 
ATOM   238  C C   . SER A 1 30  ? -27.192 -22.428 8.948   1.00 132.23 ? 54  SER A C   1 
ATOM   239  O O   . SER A 1 30  ? -26.590 -23.232 8.234   1.00 131.89 ? 54  SER A O   1 
ATOM   240  C CB  . SER A 1 30  ? -25.288 -22.207 10.536  1.00 130.75 ? 54  SER A CB  1 
ATOM   241  O OG  . SER A 1 30  ? -25.782 -23.404 11.119  1.00 130.89 ? 54  SER A OG  1 
ATOM   242  N N   . TRP A 1 31  ? -28.521 -22.395 9.001   1.00 133.81 ? 55  TRP A N   1 
ATOM   243  C CA  . TRP A 1 31  ? -29.284 -23.338 8.191   1.00 134.87 ? 55  TRP A CA  1 
ATOM   244  C C   . TRP A 1 31  ? -29.354 -22.910 6.723   1.00 134.48 ? 55  TRP A C   1 
ATOM   245  O O   . TRP A 1 31  ? -29.281 -21.720 6.405   1.00 133.87 ? 55  TRP A O   1 
ATOM   246  C CB  . TRP A 1 31  ? -30.687 -23.564 8.773   1.00 137.14 ? 55  TRP A CB  1 
ATOM   247  C CG  . TRP A 1 31  ? -31.456 -22.331 9.110   1.00 139.88 ? 55  TRP A CG  1 
ATOM   248  C CD1 . TRP A 1 31  ? -31.127 -21.387 10.040  1.00 140.25 ? 55  TRP A CD1 1 
ATOM   249  C CD2 . TRP A 1 31  ? -32.715 -21.931 8.554   1.00 141.51 ? 55  TRP A CD2 1 
ATOM   250  N NE1 . TRP A 1 31  ? -32.107 -20.421 10.100  1.00 141.40 ? 55  TRP A NE1 1 
ATOM   251  C CE2 . TRP A 1 31  ? -33.094 -20.730 9.201   1.00 142.06 ? 55  TRP A CE2 1 
ATOM   252  C CE3 . TRP A 1 31  ? -33.564 -22.471 7.574   1.00 141.31 ? 55  TRP A CE3 1 
ATOM   253  C CZ2 . TRP A 1 31  ? -34.289 -20.056 8.898   1.00 142.08 ? 55  TRP A CZ2 1 
ATOM   254  C CZ3 . TRP A 1 31  ? -34.751 -21.802 7.271   1.00 141.86 ? 55  TRP A CZ3 1 
ATOM   255  C CH2 . TRP A 1 31  ? -35.101 -20.606 7.934   1.00 142.16 ? 55  TRP A CH2 1 
ATOM   256  N N   . TYR A 1 32  ? -29.482 -23.908 5.849   1.00 133.88 ? 56  TYR A N   1 
ATOM   257  C CA  . TYR A 1 32  ? -29.518 -23.751 4.391   1.00 132.55 ? 56  TYR A CA  1 
ATOM   258  C C   . TYR A 1 32  ? -30.046 -22.458 3.775   1.00 129.85 ? 56  TYR A C   1 
ATOM   259  O O   . TYR A 1 32  ? -29.639 -22.107 2.663   1.00 129.27 ? 56  TYR A O   1 
ATOM   260  C CB  . TYR A 1 32  ? -30.216 -24.966 3.769   1.00 135.08 ? 56  TYR A CB  1 
ATOM   261  C CG  . TYR A 1 32  ? -29.519 -26.254 4.154   1.00 138.04 ? 56  TYR A CG  1 
ATOM   262  C CD1 . TYR A 1 32  ? -29.779 -26.870 5.379   1.00 139.00 ? 56  TYR A CD1 1 
ATOM   263  C CD2 . TYR A 1 32  ? -28.516 -26.793 3.347   1.00 139.14 ? 56  TYR A CD2 1 
ATOM   264  C CE1 . TYR A 1 32  ? -29.050 -27.985 5.797   1.00 140.19 ? 56  TYR A CE1 1 
ATOM   265  C CE2 . TYR A 1 32  ? -27.780 -27.908 3.755   1.00 140.13 ? 56  TYR A CE2 1 
ATOM   266  C CZ  . TYR A 1 32  ? -28.051 -28.496 4.981   1.00 140.76 ? 56  TYR A CZ  1 
ATOM   267  O OH  . TYR A 1 32  ? -27.312 -29.579 5.400   1.00 141.36 ? 56  TYR A OH  1 
ATOM   268  N N   . SER A 1 33  ? -30.950 -21.757 4.461   1.00 126.41 ? 57  SER A N   1 
ATOM   269  C CA  . SER A 1 33  ? -31.435 -20.473 3.939   1.00 121.26 ? 57  SER A CA  1 
ATOM   270  C C   . SER A 1 33  ? -30.179 -19.623 4.091   1.00 116.45 ? 57  SER A C   1 
ATOM   271  O O   . SER A 1 33  ? -29.927 -19.039 5.151   1.00 115.54 ? 57  SER A O   1 
ATOM   272  C CB  . SER A 1 33  ? -32.575 -19.902 4.801   1.00 122.47 ? 57  SER A CB  1 
ATOM   273  O OG  . SER A 1 33  ? -32.095 -19.262 5.975   1.00 123.01 ? 57  SER A OG  1 
ATOM   274  N N   . SER A 1 34  ? -29.382 -19.579 3.029   1.00 110.35 ? 58  SER A N   1 
ATOM   275  C CA  . SER A 1 34  ? -28.121 -18.867 3.078   1.00 103.95 ? 58  SER A CA  1 
ATOM   276  C C   . SER A 1 34  ? -27.980 -17.649 2.176   1.00 98.14  ? 58  SER A C   1 
ATOM   277  O O   . SER A 1 34  ? -27.383 -17.730 1.105   1.00 98.48  ? 58  SER A O   1 
ATOM   278  C CB  . SER A 1 34  ? -26.990 -19.858 2.787   1.00 104.42 ? 58  SER A CB  1 
ATOM   279  O OG  . SER A 1 34  ? -25.732 -19.220 2.816   1.00 105.96 ? 58  SER A OG  1 
ATOM   280  N N   . PRO A 1 35  ? -28.522 -16.496 2.602   1.00 92.83  ? 59  PRO A N   1 
ATOM   281  C CA  . PRO A 1 35  ? -28.414 -15.282 1.792   1.00 88.81  ? 59  PRO A CA  1 
ATOM   282  C C   . PRO A 1 35  ? -26.941 -14.834 1.801   1.00 84.81  ? 59  PRO A C   1 
ATOM   283  O O   . PRO A 1 35  ? -26.179 -15.215 2.691   1.00 85.15  ? 59  PRO A O   1 
ATOM   284  C CB  . PRO A 1 35  ? -29.341 -14.311 2.516   1.00 88.45  ? 59  PRO A CB  1 
ATOM   285  C CG  . PRO A 1 35  ? -29.190 -14.720 3.937   1.00 88.42  ? 59  PRO A CG  1 
ATOM   286  C CD  . PRO A 1 35  ? -29.251 -16.224 3.853   1.00 90.96  ? 59  PRO A CD  1 
ATOM   287  N N   . PRO A 1 36  ? -26.524 -14.016 0.821   1.00 80.18  ? 60  PRO A N   1 
ATOM   288  C CA  . PRO A 1 36  ? -25.129 -13.577 0.790   1.00 76.59  ? 60  PRO A CA  1 
ATOM   289  C C   . PRO A 1 36  ? -24.709 -12.673 1.946   1.00 72.34  ? 60  PRO A C   1 
ATOM   290  O O   . PRO A 1 36  ? -25.529 -11.976 2.546   1.00 71.25  ? 60  PRO A O   1 
ATOM   291  C CB  . PRO A 1 36  ? -25.026 -12.885 -0.566  1.00 76.79  ? 60  PRO A CB  1 
ATOM   292  C CG  . PRO A 1 36  ? -26.367 -12.252 -0.694  1.00 77.23  ? 60  PRO A CG  1 
ATOM   293  C CD  . PRO A 1 36  ? -27.300 -13.355 -0.243  1.00 79.27  ? 60  PRO A CD  1 
ATOM   294  N N   . LEU A 1 37  ? -23.415 -12.700 2.241   1.00 68.29  ? 61  LEU A N   1 
ATOM   295  C CA  . LEU A 1 37  ? -22.832 -11.896 3.292   1.00 65.66  ? 61  LEU A CA  1 
ATOM   296  C C   . LEU A 1 37  ? -22.062 -10.717 2.706   1.00 65.40  ? 61  LEU A C   1 
ATOM   297  O O   . LEU A 1 37  ? -21.023 -10.896 2.058   1.00 66.68  ? 61  LEU A O   1 
ATOM   298  C CB  . LEU A 1 37  ? -21.886 -12.748 4.124   1.00 66.86  ? 61  LEU A CB  1 
ATOM   299  C CG  . LEU A 1 37  ? -21.016 -11.993 5.132   1.00 67.06  ? 61  LEU A CG  1 
ATOM   300  C CD1 . LEU A 1 37  ? -21.885 -11.248 6.136   1.00 66.37  ? 61  LEU A CD1 1 
ATOM   301  C CD2 . LEU A 1 37  ? -20.115 -12.980 5.838   1.00 67.38  ? 61  LEU A CD2 1 
ATOM   302  N N   . TYR A 1 38  ? -22.565 -9.510  2.946   1.00 63.17  ? 62  TYR A N   1 
ATOM   303  C CA  . TYR A 1 38  ? -21.924 -8.298  2.445   1.00 60.23  ? 62  TYR A CA  1 
ATOM   304  C C   . TYR A 1 38  ? -21.357 -7.422  3.542   1.00 58.81  ? 62  TYR A C   1 
ATOM   305  O O   . TYR A 1 38  ? -22.041 -7.111  4.508   1.00 61.32  ? 62  TYR A O   1 
ATOM   306  C CB  . TYR A 1 38  ? -22.927 -7.508  1.626   1.00 58.10  ? 62  TYR A CB  1 
ATOM   307  C CG  . TYR A 1 38  ? -23.296 -8.233  0.373   1.00 60.37  ? 62  TYR A CG  1 
ATOM   308  C CD1 . TYR A 1 38  ? -24.630 -8.361  -0.020  1.00 60.15  ? 62  TYR A CD1 1 
ATOM   309  C CD2 . TYR A 1 38  ? -22.302 -8.786  -0.443  1.00 59.60  ? 62  TYR A CD2 1 
ATOM   310  C CE1 . TYR A 1 38  ? -24.969 -9.019  -1.205  1.00 61.08  ? 62  TYR A CE1 1 
ATOM   311  C CE2 . TYR A 1 38  ? -22.627 -9.443  -1.623  1.00 61.00  ? 62  TYR A CE2 1 
ATOM   312  C CZ  . TYR A 1 38  ? -23.960 -9.555  -2.003  1.00 61.28  ? 62  TYR A CZ  1 
ATOM   313  O OH  . TYR A 1 38  ? -24.277 -10.172 -3.187  1.00 59.69  ? 62  TYR A OH  1 
ATOM   314  N N   . VAL A 1 39  ? -20.103 -7.028  3.394   1.00 56.09  ? 63  VAL A N   1 
ATOM   315  C CA  . VAL A 1 39  ? -19.468 -6.175  4.389   1.00 56.06  ? 63  VAL A CA  1 
ATOM   316  C C   . VAL A 1 39  ? -18.968 -4.921  3.709   1.00 55.98  ? 63  VAL A C   1 
ATOM   317  O O   . VAL A 1 39  ? -18.755 -4.913  2.496   1.00 54.88  ? 63  VAL A O   1 
ATOM   318  C CB  . VAL A 1 39  ? -18.261 -6.873  5.100   1.00 55.23  ? 63  VAL A CB  1 
ATOM   319  C CG1 . VAL A 1 39  ? -18.711 -8.199  5.679   1.00 54.05  ? 63  VAL A CG1 1 
ATOM   320  C CG2 . VAL A 1 39  ? -17.083 -7.073  4.126   1.00 46.97  ? 63  VAL A CG2 1 
ATOM   321  N N   . TYR A 1 40  ? -18.776 -3.868  4.504   1.00 56.20  ? 64  TYR A N   1 
ATOM   322  C CA  . TYR A 1 40  ? -18.314 -2.588  3.993   1.00 57.45  ? 64  TYR A CA  1 
ATOM   323  C C   . TYR A 1 40  ? -17.468 -1.839  4.995   1.00 59.16  ? 64  TYR A C   1 
ATOM   324  O O   . TYR A 1 40  ? -17.543 -2.067  6.191   1.00 63.24  ? 64  TYR A O   1 
ATOM   325  C CB  . TYR A 1 40  ? -19.495 -1.668  3.674   1.00 54.64  ? 64  TYR A CB  1 
ATOM   326  C CG  . TYR A 1 40  ? -20.666 -2.340  3.025   1.00 53.62  ? 64  TYR A CG  1 
ATOM   327  C CD1 . TYR A 1 40  ? -21.431 -3.284  3.714   1.00 51.83  ? 64  TYR A CD1 1 
ATOM   328  C CD2 . TYR A 1 40  ? -21.000 -2.050  1.710   1.00 52.09  ? 64  TYR A CD2 1 
ATOM   329  C CE1 . TYR A 1 40  ? -22.496 -3.920  3.097   1.00 55.20  ? 64  TYR A CE1 1 
ATOM   330  C CE2 . TYR A 1 40  ? -22.057 -2.679  1.090   1.00 53.37  ? 64  TYR A CE2 1 
ATOM   331  C CZ  . TYR A 1 40  ? -22.800 -3.605  1.783   1.00 55.01  ? 64  TYR A CZ  1 
ATOM   332  O OH  . TYR A 1 40  ? -23.869 -4.187  1.158   1.00 61.27  ? 64  TYR A OH  1 
ATOM   333  N N   . TRP A 1 41  ? -16.679 -0.917  4.485   1.00 59.55  ? 65  TRP A N   1 
ATOM   334  C CA  . TRP A 1 41  ? -15.898 -0.052  5.320   1.00 61.75  ? 65  TRP A CA  1 
ATOM   335  C C   . TRP A 1 41  ? -16.344 1.314   4.810   1.00 63.43  ? 65  TRP A C   1 
ATOM   336  O O   . TRP A 1 41  ? -16.430 1.532   3.588   1.00 62.68  ? 65  TRP A O   1 
ATOM   337  C CB  . TRP A 1 41  ? -14.398 -0.241  5.091   1.00 65.48  ? 65  TRP A CB  1 
ATOM   338  C CG  . TRP A 1 41  ? -13.799 -1.313  5.956   1.00 72.07  ? 65  TRP A CG  1 
ATOM   339  C CD1 . TRP A 1 41  ? -13.502 -2.603  5.592   1.00 72.10  ? 65  TRP A CD1 1 
ATOM   340  C CD2 . TRP A 1 41  ? -13.454 -1.200  7.341   1.00 74.14  ? 65  TRP A CD2 1 
ATOM   341  N NE1 . TRP A 1 41  ? -12.999 -3.294  6.665   1.00 72.18  ? 65  TRP A NE1 1 
ATOM   342  C CE2 . TRP A 1 41  ? -12.956 -2.461  7.753   1.00 74.15  ? 65  TRP A CE2 1 
ATOM   343  C CE3 . TRP A 1 41  ? -13.516 -0.156  8.277   1.00 74.78  ? 65  TRP A CE3 1 
ATOM   344  C CZ2 . TRP A 1 41  ? -12.519 -2.708  9.065   1.00 72.55  ? 65  TRP A CZ2 1 
ATOM   345  C CZ3 . TRP A 1 41  ? -13.081 -0.403  9.583   1.00 75.51  ? 65  TRP A CZ3 1 
ATOM   346  C CH2 . TRP A 1 41  ? -12.588 -1.671  9.961   1.00 73.39  ? 65  TRP A CH2 1 
ATOM   347  N N   . PHE A 1 42  ? -16.666 2.218   5.734   1.00 62.13  ? 66  PHE A N   1 
ATOM   348  C CA  . PHE A 1 42  ? -17.080 3.557   5.349   1.00 62.31  ? 66  PHE A CA  1 
ATOM   349  C C   . PHE A 1 42  ? -16.251 4.618   6.042   1.00 64.35  ? 66  PHE A C   1 
ATOM   350  O O   . PHE A 1 42  ? -15.485 4.321   6.947   1.00 63.92  ? 66  PHE A O   1 
ATOM   351  C CB  . PHE A 1 42  ? -18.544 3.795   5.691   1.00 58.43  ? 66  PHE A CB  1 
ATOM   352  C CG  . PHE A 1 42  ? -19.501 2.968   4.892   1.00 53.63  ? 66  PHE A CG  1 
ATOM   353  C CD1 . PHE A 1 42  ? -20.086 1.838   5.443   1.00 48.77  ? 66  PHE A CD1 1 
ATOM   354  C CD2 . PHE A 1 42  ? -19.827 3.328   3.582   1.00 49.35  ? 66  PHE A CD2 1 
ATOM   355  C CE1 . PHE A 1 42  ? -20.983 1.073   4.708   1.00 47.78  ? 66  PHE A CE1 1 
ATOM   356  C CE2 . PHE A 1 42  ? -20.724 2.568   2.839   1.00 48.32  ? 66  PHE A CE2 1 
ATOM   357  C CZ  . PHE A 1 42  ? -21.302 1.441   3.403   1.00 47.49  ? 66  PHE A CZ  1 
ATOM   358  N N   . ARG A 1 43  ? -16.405 5.858   5.583   1.00 67.38  ? 67  ARG A N   1 
ATOM   359  C CA  . ARG A 1 43  ? -15.735 7.012   6.170   1.00 67.06  ? 67  ARG A CA  1 
ATOM   360  C C   . ARG A 1 43  ? -16.629 7.319   7.372   1.00 68.89  ? 67  ARG A C   1 
ATOM   361  O O   . ARG A 1 43  ? -17.825 7.013   7.345   1.00 68.89  ? 67  ARG A O   1 
ATOM   362  C CB  . ARG A 1 43  ? -15.716 8.169   5.168   1.00 67.39  ? 67  ARG A CB  1 
ATOM   363  C CG  . ARG A 1 43  ? -14.338 8.489   4.612   1.00 67.23  ? 67  ARG A CG  1 
ATOM   364  C CD  . ARG A 1 43  ? -13.519 9.095   5.727   1.00 73.69  ? 67  ARG A CD  1 
ATOM   365  N NE  . ARG A 1 43  ? -12.084 9.217   5.472   1.00 74.96  ? 67  ARG A NE  1 
ATOM   366  C CZ  . ARG A 1 43  ? -11.555 9.798   4.407   1.00 74.86  ? 67  ARG A CZ  1 
ATOM   367  N NH1 . ARG A 1 43  ? -12.341 10.304  3.471   1.00 78.41  ? 67  ARG A NH1 1 
ATOM   368  N NH2 . ARG A 1 43  ? -10.242 9.911   4.303   1.00 76.42  ? 67  ARG A NH2 1 
ATOM   369  N N   . ASP A 1 44  ? -16.065 7.891   8.431   1.00 71.53  ? 68  ASP A N   1 
ATOM   370  C CA  . ASP A 1 44  ? -16.849 8.163   9.640   1.00 72.03  ? 68  ASP A CA  1 
ATOM   371  C C   . ASP A 1 44  ? -18.031 9.101   9.443   1.00 70.72  ? 68  ASP A C   1 
ATOM   372  O O   . ASP A 1 44  ? -17.912 10.156  8.826   1.00 66.08  ? 68  ASP A O   1 
ATOM   373  C CB  . ASP A 1 44  ? -15.947 8.710   10.749  1.00 76.06  ? 68  ASP A CB  1 
ATOM   374  C CG  . ASP A 1 44  ? -16.685 8.873   12.081  1.00 78.61  ? 68  ASP A CG  1 
ATOM   375  O OD1 . ASP A 1 44  ? -17.530 8.002   12.402  1.00 78.66  ? 68  ASP A OD1 1 
ATOM   376  O OD2 . ASP A 1 44  ? -16.405 9.858   12.808  1.00 77.27  ? 68  ASP A OD2 1 
ATOM   377  N N   . GLY A 1 45  ? -19.185 8.696   9.961   1.00 70.45  ? 69  GLY A N   1 
ATOM   378  C CA  . GLY A 1 45  ? -20.361 9.533   9.839   1.00 72.31  ? 69  GLY A CA  1 
ATOM   379  C C   . GLY A 1 45  ? -21.136 9.482   8.534   1.00 74.98  ? 69  GLY A C   1 
ATOM   380  O O   . GLY A 1 45  ? -22.055 10.282  8.334   1.00 76.69  ? 69  GLY A O   1 
ATOM   381  N N   . GLU A 1 46  ? -20.784 8.568   7.635   1.00 74.63  ? 70  GLU A N   1 
ATOM   382  C CA  . GLU A 1 46  ? -21.517 8.458   6.384   1.00 73.45  ? 70  GLU A CA  1 
ATOM   383  C C   . GLU A 1 46  ? -22.734 7.576   6.618   1.00 73.71  ? 70  GLU A C   1 
ATOM   384  O O   . GLU A 1 46  ? -22.793 6.844   7.611   1.00 72.82  ? 70  GLU A O   1 
ATOM   385  C CB  . GLU A 1 46  ? -20.644 7.837   5.309   1.00 74.94  ? 70  GLU A CB  1 
ATOM   386  C CG  . GLU A 1 46  ? -19.413 8.631   5.012   1.00 80.12  ? 70  GLU A CG  1 
ATOM   387  C CD  . GLU A 1 46  ? -18.800 8.260   3.678   1.00 83.13  ? 70  GLU A CD  1 
ATOM   388  O OE1 . GLU A 1 46  ? -18.582 7.054   3.447   1.00 87.59  ? 70  GLU A OE1 1 
ATOM   389  O OE2 . GLU A 1 46  ? -18.533 9.172   2.866   1.00 84.21  ? 70  GLU A OE2 1 
ATOM   390  N N   . ILE A 1 47  ? -23.714 7.649   5.722   1.00 72.88  ? 71  ILE A N   1 
ATOM   391  C CA  . ILE A 1 47  ? -24.898 6.813   5.867   1.00 73.58  ? 71  ILE A CA  1 
ATOM   392  C C   . ILE A 1 47  ? -24.811 5.650   4.890   1.00 72.56  ? 71  ILE A C   1 
ATOM   393  O O   . ILE A 1 47  ? -24.817 5.843   3.681   1.00 70.46  ? 71  ILE A O   1 
ATOM   394  C CB  . ILE A 1 47  ? -26.215 7.585   5.594   1.00 75.88  ? 71  ILE A CB  1 
ATOM   395  C CG1 . ILE A 1 47  ? -26.413 8.687   6.636   1.00 76.98  ? 71  ILE A CG1 1 
ATOM   396  C CG2 . ILE A 1 47  ? -27.394 6.631   5.643   1.00 73.82  ? 71  ILE A CG2 1 
ATOM   397  C CD1 . ILE A 1 47  ? -25.458 9.864   6.463   1.00 81.07  ? 71  ILE A CD1 1 
ATOM   398  N N   . PRO A 1 48  ? -24.734 4.422   5.416   1.00 73.13  ? 72  PRO A N   1 
ATOM   399  C CA  . PRO A 1 48  ? -24.645 3.212   4.599   1.00 73.94  ? 72  PRO A CA  1 
ATOM   400  C C   . PRO A 1 48  ? -25.506 3.315   3.355   1.00 74.96  ? 72  PRO A C   1 
ATOM   401  O O   . PRO A 1 48  ? -25.008 3.198   2.243   1.00 76.75  ? 72  PRO A O   1 
ATOM   402  C CB  . PRO A 1 48  ? -25.128 2.130   5.551   1.00 74.32  ? 72  PRO A CB  1 
ATOM   403  C CG  . PRO A 1 48  ? -24.583 2.616   6.869   1.00 75.71  ? 72  PRO A CG  1 
ATOM   404  C CD  . PRO A 1 48  ? -24.902 4.086   6.842   1.00 73.00  ? 72  PRO A CD  1 
ATOM   405  N N   . TYR A 1 49  ? -26.797 3.556   3.562   1.00 76.05  ? 73  TYR A N   1 
ATOM   406  C CA  . TYR A 1 49  ? -27.792 3.685   2.495   1.00 75.36  ? 73  TYR A CA  1 
ATOM   407  C C   . TYR A 1 49  ? -27.381 4.542   1.302   1.00 73.97  ? 73  TYR A C   1 
ATOM   408  O O   . TYR A 1 49  ? -27.699 4.217   0.150   1.00 74.27  ? 73  TYR A O   1 
ATOM   409  C CB  . TYR A 1 49  ? -29.072 4.304   3.053   1.00 77.85  ? 73  TYR A CB  1 
ATOM   410  C CG  . TYR A 1 49  ? -29.972 3.387   3.831   1.00 82.08  ? 73  TYR A CG  1 
ATOM   411  C CD1 . TYR A 1 49  ? -30.761 3.885   4.866   1.00 83.83  ? 73  TYR A CD1 1 
ATOM   412  C CD2 . TYR A 1 49  ? -30.094 2.042   3.495   1.00 85.08  ? 73  TYR A CD2 1 
ATOM   413  C CE1 . TYR A 1 49  ? -31.660 3.068   5.548   1.00 89.51  ? 73  TYR A CE1 1 
ATOM   414  C CE2 . TYR A 1 49  ? -30.989 1.210   4.165   1.00 89.34  ? 73  TYR A CE2 1 
ATOM   415  C CZ  . TYR A 1 49  ? -31.776 1.728   5.192   1.00 91.80  ? 73  TYR A CZ  1 
ATOM   416  O OH  . TYR A 1 49  ? -32.694 0.920   5.843   1.00 94.89  ? 73  TYR A OH  1 
ATOM   417  N N   . TYR A 1 50  ? -26.682 5.636   1.572   1.00 68.50  ? 74  TYR A N   1 
ATOM   418  C CA  . TYR A 1 50  ? -26.328 6.540   0.500   1.00 65.11  ? 74  TYR A CA  1 
ATOM   419  C C   . TYR A 1 50  ? -24.869 6.732   0.207   1.00 63.86  ? 74  TYR A C   1 
ATOM   420  O O   . TYR A 1 50  ? -24.525 7.508   -0.679  1.00 62.48  ? 74  TYR A O   1 
ATOM   421  C CB  . TYR A 1 50  ? -26.942 7.910   0.785   1.00 62.72  ? 74  TYR A CB  1 
ATOM   422  C CG  . TYR A 1 50  ? -28.403 7.853   1.159   1.00 60.40  ? 74  TYR A CG  1 
ATOM   423  C CD1 . TYR A 1 50  ? -28.800 7.880   2.491   1.00 63.16  ? 74  TYR A CD1 1 
ATOM   424  C CD2 . TYR A 1 50  ? -29.386 7.758   0.187   1.00 60.53  ? 74  TYR A CD2 1 
ATOM   425  C CE1 . TYR A 1 50  ? -30.146 7.818   2.850   1.00 62.75  ? 74  TYR A CE1 1 
ATOM   426  C CE2 . TYR A 1 50  ? -30.738 7.691   0.530   1.00 63.90  ? 74  TYR A CE2 1 
ATOM   427  C CZ  . TYR A 1 50  ? -31.110 7.721   1.864   1.00 64.12  ? 74  TYR A CZ  1 
ATOM   428  O OH  . TYR A 1 50  ? -32.440 7.633   2.212   1.00 66.44  ? 74  TYR A OH  1 
ATOM   429  N N   . ALA A 1 51  ? -24.002 6.038   0.929   1.00 64.63  ? 75  ALA A N   1 
ATOM   430  C CA  . ALA A 1 51  ? -22.572 6.230   0.721   1.00 64.52  ? 75  ALA A CA  1 
ATOM   431  C C   . ALA A 1 51  ? -21.876 5.252   -0.211  1.00 65.09  ? 75  ALA A C   1 
ATOM   432  O O   . ALA A 1 51  ? -22.251 4.085   -0.322  1.00 68.07  ? 75  ALA A O   1 
ATOM   433  C CB  . ALA A 1 51  ? -21.848 6.240   2.071   1.00 61.63  ? 75  ALA A CB  1 
ATOM   434  N N   . GLU A 1 52  ? -20.869 5.759   -0.906  1.00 63.77  ? 76  GLU A N   1 
ATOM   435  C CA  . GLU A 1 52  ? -20.045 4.933   -1.756  1.00 63.31  ? 76  GLU A CA  1 
ATOM   436  C C   . GLU A 1 52  ? -19.053 4.404   -0.724  1.00 64.38  ? 76  GLU A C   1 
ATOM   437  O O   . GLU A 1 52  ? -18.498 5.187   0.057   1.00 67.02  ? 76  GLU A O   1 
ATOM   438  C CB  . GLU A 1 52  ? -19.321 5.783   -2.790  1.00 63.01  ? 76  GLU A CB  1 
ATOM   439  C CG  . GLU A 1 52  ? -20.198 6.171   -3.946  1.00 66.47  ? 76  GLU A CG  1 
ATOM   440  C CD  . GLU A 1 52  ? -19.500 7.103   -4.917  1.00 72.33  ? 76  GLU A CD  1 
ATOM   441  O OE1 . GLU A 1 52  ? -20.047 7.296   -6.040  1.00 73.58  ? 76  GLU A OE1 1 
ATOM   442  O OE2 . GLU A 1 52  ? -18.416 7.643   -4.558  1.00 70.45  ? 76  GLU A OE2 1 
ATOM   443  N N   . VAL A 1 53  ? -18.847 3.092   -0.696  1.00 61.90  ? 77  VAL A N   1 
ATOM   444  C CA  . VAL A 1 53  ? -17.937 2.480   0.260   1.00 59.47  ? 77  VAL A CA  1 
ATOM   445  C C   . VAL A 1 53  ? -16.480 2.749   -0.026  1.00 58.78  ? 77  VAL A C   1 
ATOM   446  O O   . VAL A 1 53  ? -16.104 2.996   -1.178  1.00 57.03  ? 77  VAL A O   1 
ATOM   447  C CB  . VAL A 1 53  ? -18.073 0.973   0.260   1.00 61.81  ? 77  VAL A CB  1 
ATOM   448  C CG1 . VAL A 1 53  ? -19.525 0.575   0.393   1.00 69.84  ? 77  VAL A CG1 1 
ATOM   449  C CG2 . VAL A 1 53  ? -17.503 0.413   -1.017  1.00 64.51  ? 77  VAL A CG2 1 
ATOM   450  N N   . VAL A 1 54  ? -15.647 2.692   1.014   1.00 57.39  ? 78  VAL A N   1 
ATOM   451  C CA  . VAL A 1 54  ? -14.225 2.857   0.768   1.00 57.74  ? 78  VAL A CA  1 
ATOM   452  C C   . VAL A 1 54  ? -13.781 1.462   0.317   1.00 55.13  ? 78  VAL A C   1 
ATOM   453  O O   . VAL A 1 54  ? -12.830 1.318   -0.439  1.00 55.22  ? 78  VAL A O   1 
ATOM   454  C CB  . VAL A 1 54  ? -13.441 3.277   2.025   1.00 59.67  ? 78  VAL A CB  1 
ATOM   455  C CG1 . VAL A 1 54  ? -14.253 4.263   2.832   1.00 62.35  ? 78  VAL A CG1 1 
ATOM   456  C CG2 . VAL A 1 54  ? -13.057 2.074   2.841   1.00 61.55  ? 78  VAL A CG2 1 
ATOM   457  N N   . ALA A 1 55  ? -14.493 0.440   0.789   1.00 52.77  ? 79  ALA A N   1 
ATOM   458  C CA  . ALA A 1 55  ? -14.205 -0.932  0.419   1.00 54.23  ? 79  ALA A CA  1 
ATOM   459  C C   . ALA A 1 55  ? -15.382 -1.816  0.733   1.00 54.93  ? 79  ALA A C   1 
ATOM   460  O O   . ALA A 1 55  ? -16.044 -1.617  1.739   1.00 58.02  ? 79  ALA A O   1 
ATOM   461  C CB  . ALA A 1 55  ? -12.989 -1.442  1.145   1.00 54.75  ? 79  ALA A CB  1 
ATOM   462  N N   . THR A 1 56  ? -15.644 -2.792  -0.135  1.00 54.31  ? 80  THR A N   1 
ATOM   463  C CA  . THR A 1 56  ? -16.745 -3.733  0.067   1.00 52.43  ? 80  THR A CA  1 
ATOM   464  C C   . THR A 1 56  ? -16.564 -5.003  -0.760  1.00 51.94  ? 80  THR A C   1 
ATOM   465  O O   . THR A 1 56  ? -15.714 -5.066  -1.625  1.00 52.94  ? 80  THR A O   1 
ATOM   466  C CB  . THR A 1 56  ? -18.120 -3.111  -0.282  1.00 48.90  ? 80  THR A CB  1 
ATOM   467  O OG1 . THR A 1 56  ? -19.128 -4.111  -0.134  1.00 47.27  ? 80  THR A OG1 1 
ATOM   468  C CG2 . THR A 1 56  ? -18.155 -2.622  -1.703  1.00 45.33  ? 80  THR A CG2 1 
ATOM   469  N N   . ASN A 1 57  ? -17.363 -6.014  -0.466  1.00 52.84  ? 81  ASN A N   1 
ATOM   470  C CA  . ASN A 1 57  ? -17.308 -7.276  -1.182  1.00 55.69  ? 81  ASN A CA  1 
ATOM   471  C C   . ASN A 1 57  ? -18.654 -7.428  -1.881  1.00 58.57  ? 81  ASN A C   1 
ATOM   472  O O   . ASN A 1 57  ? -19.027 -8.519  -2.333  1.00 58.53  ? 81  ASN A O   1 
ATOM   473  C CB  . ASN A 1 57  ? -17.099 -8.442  -0.210  1.00 53.78  ? 81  ASN A CB  1 
ATOM   474  C CG  . ASN A 1 57  ? -18.346 -8.753  0.581   1.00 56.54  ? 81  ASN A CG  1 
ATOM   475  O OD1 . ASN A 1 57  ? -18.957 -7.858  1.169   1.00 57.24  ? 81  ASN A OD1 1 
ATOM   476  N ND2 . ASN A 1 57  ? -18.738 -10.023 0.603   1.00 56.65  ? 81  ASN A ND2 1 
ATOM   477  N N   . ASN A 1 58  ? -19.389 -6.321  -1.940  1.00 59.75  ? 82  ASN A N   1 
ATOM   478  C CA  . ASN A 1 58  ? -20.685 -6.290  -2.594  1.00 59.20  ? 82  ASN A CA  1 
ATOM   479  C C   . ASN A 1 58  ? -20.447 -5.854  -4.034  1.00 58.74  ? 82  ASN A C   1 
ATOM   480  O O   . ASN A 1 58  ? -20.069 -4.719  -4.275  1.00 60.60  ? 82  ASN A O   1 
ATOM   481  C CB  . ASN A 1 58  ? -21.581 -5.297  -1.896  1.00 60.95  ? 82  ASN A CB  1 
ATOM   482  C CG  . ASN A 1 58  ? -22.964 -5.280  -2.472  1.00 64.69  ? 82  ASN A CG  1 
ATOM   483  O OD1 . ASN A 1 58  ? -23.134 -5.189  -3.681  1.00 68.54  ? 82  ASN A OD1 1 
ATOM   484  N ND2 . ASN A 1 58  ? -23.963 -5.359  -1.615  1.00 64.94  ? 82  ASN A ND2 1 
ATOM   485  N N   . PRO A 1 59  ? -20.675 -6.749  -5.011  1.00 58.52  ? 83  PRO A N   1 
ATOM   486  C CA  . PRO A 1 59  ? -20.454 -6.408  -6.418  1.00 59.29  ? 83  PRO A CA  1 
ATOM   487  C C   . PRO A 1 59  ? -21.347 -5.306  -6.987  1.00 59.78  ? 83  PRO A C   1 
ATOM   488  O O   . PRO A 1 59  ? -21.022 -4.726  -8.015  1.00 59.34  ? 83  PRO A O   1 
ATOM   489  C CB  . PRO A 1 59  ? -20.653 -7.744  -7.128  1.00 58.39  ? 83  PRO A CB  1 
ATOM   490  C CG  . PRO A 1 59  ? -21.774 -8.346  -6.341  1.00 58.68  ? 83  PRO A CG  1 
ATOM   491  C CD  . PRO A 1 59  ? -21.355 -8.054  -4.897  1.00 60.17  ? 83  PRO A CD  1 
ATOM   492  N N   . ASP A 1 60  ? -22.465 -5.020  -6.333  1.00 60.95  ? 84  ASP A N   1 
ATOM   493  C CA  . ASP A 1 60  ? -23.356 -3.975  -6.822  1.00 64.61  ? 84  ASP A CA  1 
ATOM   494  C C   . ASP A 1 60  ? -23.041 -2.609  -6.256  1.00 64.87  ? 84  ASP A C   1 
ATOM   495  O O   . ASP A 1 60  ? -23.387 -1.588  -6.848  1.00 67.38  ? 84  ASP A O   1 
ATOM   496  C CB  . ASP A 1 60  ? -24.811 -4.284  -6.493  1.00 64.79  ? 84  ASP A CB  1 
ATOM   497  C CG  . ASP A 1 60  ? -25.294 -5.525  -7.164  1.00 68.21  ? 84  ASP A CG  1 
ATOM   498  O OD1 . ASP A 1 60  ? -24.856 -5.778  -8.309  1.00 72.00  ? 84  ASP A OD1 1 
ATOM   499  O OD2 . ASP A 1 60  ? -26.115 -6.239  -6.551  1.00 68.80  ? 84  ASP A OD2 1 
ATOM   500  N N   . ARG A 1 61  ? -22.373 -2.585  -5.115  1.00 63.79  ? 85  ARG A N   1 
ATOM   501  C CA  . ARG A 1 61  ? -22.067 -1.324  -4.474  1.00 61.41  ? 85  ARG A CA  1 
ATOM   502  C C   . ARG A 1 61  ? -20.920 -0.556  -5.090  1.00 60.32  ? 85  ARG A C   1 
ATOM   503  O O   . ARG A 1 61  ? -19.850 -1.092  -5.325  1.00 63.20  ? 85  ARG A O   1 
ATOM   504  C CB  . ARG A 1 61  ? -21.804 -1.554  -2.991  1.00 60.95  ? 85  ARG A CB  1 
ATOM   505  C CG  . ARG A 1 61  ? -21.622 -0.291  -2.207  1.00 61.63  ? 85  ARG A CG  1 
ATOM   506  C CD  . ARG A 1 61  ? -22.779 0.661   -2.398  1.00 60.73  ? 85  ARG A CD  1 
ATOM   507  N NE  . ARG A 1 61  ? -23.122 1.243   -1.115  1.00 62.50  ? 85  ARG A NE  1 
ATOM   508  C CZ  . ARG A 1 61  ? -24.132 0.834   -0.357  1.00 62.26  ? 85  ARG A CZ  1 
ATOM   509  N NH1 . ARG A 1 61  ? -24.925 -0.154  -0.761  1.00 62.99  ? 85  ARG A NH1 1 
ATOM   510  N NH2 . ARG A 1 61  ? -24.315 1.375   0.831   1.00 61.28  ? 85  ARG A NH2 1 
ATOM   511  N N   . ARG A 1 62  ? -21.173 0.719   -5.346  1.00 60.25  ? 86  ARG A N   1 
ATOM   512  C CA  . ARG A 1 62  ? -20.205 1.643   -5.922  1.00 59.08  ? 86  ARG A CA  1 
ATOM   513  C C   . ARG A 1 62  ? -19.114 2.004   -4.883  1.00 61.50  ? 86  ARG A C   1 
ATOM   514  O O   . ARG A 1 62  ? -19.404 2.318   -3.720  1.00 60.64  ? 86  ARG A O   1 
ATOM   515  C CB  . ARG A 1 62  ? -20.970 2.884   -6.384  1.00 58.44  ? 86  ARG A CB  1 
ATOM   516  C CG  . ARG A 1 62  ? -20.159 4.042   -6.920  1.00 64.70  ? 86  ARG A CG  1 
ATOM   517  C CD  . ARG A 1 62  ? -20.759 4.539   -8.247  1.00 64.84  ? 86  ARG A CD  1 
ATOM   518  N NE  . ARG A 1 62  ? -22.221 4.629   -8.248  1.00 61.36  ? 86  ARG A NE  1 
ATOM   519  C CZ  . ARG A 1 62  ? -22.913 5.556   -7.590  1.00 64.08  ? 86  ARG A CZ  1 
ATOM   520  N NH1 . ARG A 1 62  ? -22.267 6.475   -6.870  1.00 64.42  ? 86  ARG A NH1 1 
ATOM   521  N NH2 . ARG A 1 62  ? -24.242 5.580   -7.664  1.00 57.83  ? 86  ARG A NH2 1 
ATOM   522  N N   . VAL A 1 63  ? -17.862 1.938   -5.312  1.00 59.95  ? 87  VAL A N   1 
ATOM   523  C CA  . VAL A 1 63  ? -16.725 2.248   -4.460  1.00 61.79  ? 87  VAL A CA  1 
ATOM   524  C C   . VAL A 1 63  ? -16.167 3.649   -4.735  1.00 63.89  ? 87  VAL A C   1 
ATOM   525  O O   . VAL A 1 63  ? -16.061 4.062   -5.889  1.00 65.49  ? 87  VAL A O   1 
ATOM   526  C CB  . VAL A 1 63  ? -15.577 1.219   -4.685  1.00 60.30  ? 87  VAL A CB  1 
ATOM   527  C CG1 . VAL A 1 63  ? -14.334 1.624   -3.924  1.00 58.94  ? 87  VAL A CG1 1 
ATOM   528  C CG2 . VAL A 1 63  ? -16.022 -0.138  -4.233  1.00 61.37  ? 87  VAL A CG2 1 
ATOM   529  N N   . LYS A 1 64  ? -15.787 4.364   -3.678  1.00 64.08  ? 88  LYS A N   1 
ATOM   530  C CA  . LYS A 1 64  ? -15.234 5.698   -3.831  1.00 65.07  ? 88  LYS A CA  1 
ATOM   531  C C   . LYS A 1 64  ? -14.064 5.669   -4.795  1.00 66.55  ? 88  LYS A C   1 
ATOM   532  O O   . LYS A 1 64  ? -13.116 4.917   -4.612  1.00 66.39  ? 88  LYS A O   1 
ATOM   533  C CB  . LYS A 1 64  ? -14.748 6.245   -2.495  1.00 65.60  ? 88  LYS A CB  1 
ATOM   534  C CG  . LYS A 1 64  ? -15.834 6.384   -1.466  1.00 69.83  ? 88  LYS A CG  1 
ATOM   535  C CD  . LYS A 1 64  ? -15.300 7.018   -0.197  1.00 72.03  ? 88  LYS A CD  1 
ATOM   536  C CE  . LYS A 1 64  ? -16.404 7.146   0.823   1.00 70.43  ? 88  LYS A CE  1 
ATOM   537  N NZ  . LYS A 1 64  ? -17.555 7.786   0.164   1.00 74.78  ? 88  LYS A NZ  1 
ATOM   538  N N   . PRO A 1 65  ? -14.115 6.500   -5.840  1.00 68.48  ? 89  PRO A N   1 
ATOM   539  C CA  . PRO A 1 65  ? -13.046 6.568   -6.838  1.00 69.72  ? 89  PRO A CA  1 
ATOM   540  C C   . PRO A 1 65  ? -11.668 6.750   -6.215  1.00 72.48  ? 89  PRO A C   1 
ATOM   541  O O   . PRO A 1 65  ? -10.678 6.215   -6.726  1.00 75.15  ? 89  PRO A O   1 
ATOM   542  C CB  . PRO A 1 65  ? -13.447 7.766   -7.682  1.00 66.80  ? 89  PRO A CB  1 
ATOM   543  C CG  . PRO A 1 65  ? -14.932 7.709   -7.630  1.00 68.95  ? 89  PRO A CG  1 
ATOM   544  C CD  . PRO A 1 65  ? -15.214 7.421   -6.180  1.00 67.24  ? 89  PRO A CD  1 
ATOM   545  N N   . GLU A 1 66  ? -11.617 7.493   -5.110  1.00 71.99  ? 90  GLU A N   1 
ATOM   546  C CA  . GLU A 1 66  ? -10.366 7.773   -4.414  1.00 72.87  ? 90  GLU A CA  1 
ATOM   547  C C   . GLU A 1 66  ? -9.751  6.566   -3.745  1.00 72.74  ? 90  GLU A C   1 
ATOM   548  O O   . GLU A 1 66  ? -8.534  6.516   -3.578  1.00 71.68  ? 90  GLU A O   1 
ATOM   549  C CB  . GLU A 1 66  ? -10.571 8.847   -3.354  1.00 76.51  ? 90  GLU A CB  1 
ATOM   550  C CG  . GLU A 1 66  ? -11.478 9.961   -3.795  1.00 83.08  ? 90  GLU A CG  1 
ATOM   551  C CD  . GLU A 1 66  ? -12.923 9.659   -3.500  1.00 86.15  ? 90  GLU A CD  1 
ATOM   552  O OE1 . GLU A 1 66  ? -13.246 9.537   -2.299  1.00 90.17  ? 90  GLU A OE1 1 
ATOM   553  O OE2 . GLU A 1 66  ? -13.726 9.541   -4.453  1.00 87.38  ? 90  GLU A OE2 1 
ATOM   554  N N   . THR A 1 67  ? -10.584 5.604   -3.348  1.00 72.30  ? 91  THR A N   1 
ATOM   555  C CA  . THR A 1 67  ? -10.078 4.404   -2.688  1.00 72.53  ? 91  THR A CA  1 
ATOM   556  C C   . THR A 1 67  ? -10.021 3.186   -3.598  1.00 73.50  ? 91  THR A C   1 
ATOM   557  O O   . THR A 1 67  ? -9.434  2.170   -3.234  1.00 73.58  ? 91  THR A O   1 
ATOM   558  C CB  . THR A 1 67  ? -10.910 4.045   -1.446  1.00 71.14  ? 91  THR A CB  1 
ATOM   559  O OG1 . THR A 1 67  ? -12.263 3.800   -1.829  1.00 71.98  ? 91  THR A OG1 1 
ATOM   560  C CG2 . THR A 1 67  ? -10.867 5.163   -0.444  1.00 71.02  ? 91  THR A CG2 1 
ATOM   561  N N   . GLN A 1 68  ? -10.631 3.283   -4.774  1.00 75.10  ? 92  GLN A N   1 
ATOM   562  C CA  . GLN A 1 68  ? -10.606 2.175   -5.727  1.00 75.80  ? 92  GLN A CA  1 
ATOM   563  C C   . GLN A 1 68  ? -9.156  1.736   -5.901  1.00 74.50  ? 92  GLN A C   1 
ATOM   564  O O   . GLN A 1 68  ? -8.290  2.549   -6.221  1.00 73.90  ? 92  GLN A O   1 
ATOM   565  C CB  . GLN A 1 68  ? -11.156 2.623   -7.081  1.00 77.71  ? 92  GLN A CB  1 
ATOM   566  C CG  . GLN A 1 68  ? -12.600 2.247   -7.358  1.00 81.44  ? 92  GLN A CG  1 
ATOM   567  C CD  . GLN A 1 68  ? -13.229 3.144   -8.419  1.00 85.05  ? 92  GLN A CD  1 
ATOM   568  O OE1 . GLN A 1 68  ? -12.573 3.515   -9.394  1.00 85.67  ? 92  GLN A OE1 1 
ATOM   569  N NE2 . GLN A 1 68  ? -14.507 3.495   -8.235  1.00 84.38  ? 92  GLN A NE2 1 
ATOM   570  N N   . GLY A 1 69  ? -8.896  0.456   -5.662  1.00 72.63  ? 93  GLY A N   1 
ATOM   571  C CA  . GLY A 1 69  ? -7.552  -0.062  -5.819  1.00 72.28  ? 93  GLY A CA  1 
ATOM   572  C C   . GLY A 1 69  ? -6.582  0.133   -4.671  1.00 73.57  ? 93  GLY A C   1 
ATOM   573  O O   . GLY A 1 69  ? -5.637  -0.641  -4.530  1.00 77.26  ? 93  GLY A O   1 
ATOM   574  N N   . ARG A 1 70  ? -6.786  1.151   -3.842  1.00 73.59  ? 94  ARG A N   1 
ATOM   575  C CA  . ARG A 1 70  ? -5.867  1.386   -2.731  1.00 71.73  ? 94  ARG A CA  1 
ATOM   576  C C   . ARG A 1 70  ? -6.331  0.745   -1.431  1.00 70.71  ? 94  ARG A C   1 
ATOM   577  O O   . ARG A 1 70  ? -5.514  0.373   -0.595  1.00 71.57  ? 94  ARG A O   1 
ATOM   578  C CB  . ARG A 1 70  ? -5.649  2.889   -2.536  1.00 71.96  ? 94  ARG A CB  1 
ATOM   579  C CG  . ARG A 1 70  ? -5.180  3.589   -3.804  1.00 71.84  ? 94  ARG A CG  1 
ATOM   580  C CD  . ARG A 1 70  ? -4.682  5.018   -3.572  1.00 72.12  ? 94  ARG A CD  1 
ATOM   581  N NE  . ARG A 1 70  ? -5.672  5.884   -2.938  1.00 70.27  ? 94  ARG A NE  1 
ATOM   582  C CZ  . ARG A 1 70  ? -5.807  6.020   -1.623  1.00 70.24  ? 94  ARG A CZ  1 
ATOM   583  N NH1 . ARG A 1 70  ? -5.014  5.350   -0.796  1.00 69.29  ? 94  ARG A NH1 1 
ATOM   584  N NH2 . ARG A 1 70  ? -6.740  6.822   -1.133  1.00 70.13  ? 94  ARG A NH2 1 
ATOM   585  N N   . PHE A 1 71  ? -7.643  0.626   -1.258  1.00 69.74  ? 95  PHE A N   1 
ATOM   586  C CA  . PHE A 1 71  ? -8.211  0.009   -0.064  1.00 68.48  ? 95  PHE A CA  1 
ATOM   587  C C   . PHE A 1 71  ? -8.813  -1.294  -0.520  1.00 69.27  ? 95  PHE A C   1 
ATOM   588  O O   . PHE A 1 71  ? -9.745  -1.307  -1.312  1.00 69.36  ? 95  PHE A O   1 
ATOM   589  C CB  . PHE A 1 71  ? -9.327  0.863   0.544   1.00 67.33  ? 95  PHE A CB  1 
ATOM   590  C CG  . PHE A 1 71  ? -8.840  2.075   1.278   1.00 67.03  ? 95  PHE A CG  1 
ATOM   591  C CD1 . PHE A 1 71  ? -8.299  3.156   0.585   1.00 66.37  ? 95  PHE A CD1 1 
ATOM   592  C CD2 . PHE A 1 71  ? -8.934  2.144   2.670   1.00 65.40  ? 95  PHE A CD2 1 
ATOM   593  C CE1 . PHE A 1 71  ? -7.858  4.288   1.270   1.00 64.23  ? 95  PHE A CE1 1 
ATOM   594  C CE2 . PHE A 1 71  ? -8.497  3.272   3.360   1.00 61.64  ? 95  PHE A CE2 1 
ATOM   595  C CZ  . PHE A 1 71  ? -7.960  4.343   2.664   1.00 60.74  ? 95  PHE A CZ  1 
ATOM   596  N N   . ARG A 1 72  ? -8.303  -2.399  -0.013  1.00 71.22  ? 96  ARG A N   1 
ATOM   597  C CA  . ARG A 1 72  ? -8.826  -3.678  -0.432  1.00 72.15  ? 96  ARG A CA  1 
ATOM   598  C C   . ARG A 1 72  ? -9.006  -4.639  0.710   1.00 70.86  ? 96  ARG A C   1 
ATOM   599  O O   . ARG A 1 72  ? -8.172  -4.729  1.604   1.00 70.47  ? 96  ARG A O   1 
ATOM   600  C CB  . ARG A 1 72  ? -7.910  -4.285  -1.500  1.00 76.62  ? 96  ARG A CB  1 
ATOM   601  C CG  . ARG A 1 72  ? -7.817  -3.424  -2.767  1.00 84.47  ? 96  ARG A CG  1 
ATOM   602  C CD  . ARG A 1 72  ? -7.010  -4.077  -3.891  1.00 91.19  ? 96  ARG A CD  1 
ATOM   603  N NE  . ARG A 1 72  ? -5.641  -4.402  -3.486  1.00 97.13  ? 96  ARG A NE  1 
ATOM   604  C CZ  . ARG A 1 72  ? -4.556  -4.136  -4.214  1.00 100.23 ? 96  ARG A CZ  1 
ATOM   605  N NH1 . ARG A 1 72  ? -4.670  -3.534  -5.396  1.00 100.73 ? 96  ARG A NH1 1 
ATOM   606  N NH2 . ARG A 1 72  ? -3.352  -4.464  -3.755  1.00 101.58 ? 96  ARG A NH2 1 
ATOM   607  N N   . LEU A 1 73  ? -10.126 -5.344  0.681   1.00 71.45  ? 97  LEU A N   1 
ATOM   608  C CA  . LEU A 1 73  ? -10.420 -6.337  1.693   1.00 72.93  ? 97  LEU A CA  1 
ATOM   609  C C   . LEU A 1 73  ? -9.603  -7.587  1.387   1.00 75.87  ? 97  LEU A C   1 
ATOM   610  O O   . LEU A 1 73  ? -9.714  -8.177  0.315   1.00 76.02  ? 97  LEU A O   1 
ATOM   611  C CB  . LEU A 1 73  ? -11.906 -6.673  1.684   1.00 67.87  ? 97  LEU A CB  1 
ATOM   612  C CG  . LEU A 1 73  ? -12.862 -5.660  2.307   1.00 65.33  ? 97  LEU A CG  1 
ATOM   613  C CD1 . LEU A 1 73  ? -14.284 -6.011  1.892   1.00 63.06  ? 97  LEU A CD1 1 
ATOM   614  C CD2 . LEU A 1 73  ? -12.723 -5.669  3.827   1.00 59.10  ? 97  LEU A CD2 1 
ATOM   615  N N   . LEU A 1 74  ? -8.761  -7.968  2.336   1.00 80.11  ? 98  LEU A N   1 
ATOM   616  C CA  . LEU A 1 74  ? -7.923  -9.150  2.196   1.00 82.36  ? 98  LEU A CA  1 
ATOM   617  C C   . LEU A 1 74  ? -8.612  -10.284 2.935   1.00 82.45  ? 98  LEU A C   1 
ATOM   618  O O   . LEU A 1 74  ? -9.488  -10.049 3.776   1.00 85.43  ? 98  LEU A O   1 
ATOM   619  C CB  . LEU A 1 74  ? -6.563  -8.896  2.841   1.00 83.34  ? 98  LEU A CB  1 
ATOM   620  C CG  . LEU A 1 74  ? -5.938  -7.530  2.550   1.00 85.94  ? 98  LEU A CG  1 
ATOM   621  C CD1 . LEU A 1 74  ? -4.818  -7.303  3.547   1.00 86.48  ? 98  LEU A CD1 1 
ATOM   622  C CD2 . LEU A 1 74  ? -5.428  -7.440  1.101   1.00 85.35  ? 98  LEU A CD2 1 
ATOM   623  N N   . GLY A 1 75  ? -8.223  -11.511 2.632   1.00 81.58  ? 99  GLY A N   1 
ATOM   624  C CA  . GLY A 1 75  ? -8.814  -12.641 3.328   1.00 80.86  ? 99  GLY A CA  1 
ATOM   625  C C   . GLY A 1 75  ? -10.250 -12.931 2.953   1.00 79.13  ? 99  GLY A C   1 
ATOM   626  O O   . GLY A 1 75  ? -10.884 -12.174 2.221   1.00 80.23  ? 99  GLY A O   1 
ATOM   627  N N   . ASP A 1 76  ? -10.764 -14.043 3.459   1.00 78.25  ? 100 ASP A N   1 
ATOM   628  C CA  . ASP A 1 76  ? -12.124 -14.434 3.161   1.00 77.96  ? 100 ASP A CA  1 
ATOM   629  C C   . ASP A 1 76  ? -13.110 -13.888 4.185   1.00 77.49  ? 100 ASP A C   1 
ATOM   630  O O   . ASP A 1 76  ? -13.083 -14.248 5.365   1.00 75.29  ? 100 ASP A O   1 
ATOM   631  C CB  . ASP A 1 76  ? -12.243 -15.957 3.090   1.00 79.18  ? 100 ASP A CB  1 
ATOM   632  C CG  . ASP A 1 76  ? -13.621 -16.409 2.639   1.00 82.06  ? 100 ASP A CG  1 
ATOM   633  O OD1 . ASP A 1 76  ? -14.567 -15.593 2.678   1.00 81.74  ? 100 ASP A OD1 1 
ATOM   634  O OD2 . ASP A 1 76  ? -13.766 -17.586 2.253   1.00 86.37  ? 100 ASP A OD2 1 
ATOM   635  N N   . VAL A 1 77  ? -13.986 -13.017 3.706   1.00 77.16  ? 101 VAL A N   1 
ATOM   636  C CA  . VAL A 1 77  ? -15.010 -12.403 4.531   1.00 76.94  ? 101 VAL A CA  1 
ATOM   637  C C   . VAL A 1 77  ? -15.931 -13.502 5.061   1.00 78.38  ? 101 VAL A C   1 
ATOM   638  O O   . VAL A 1 77  ? -16.551 -13.349 6.113   1.00 78.86  ? 101 VAL A O   1 
ATOM   639  C CB  . VAL A 1 77  ? -15.814 -11.374 3.696   1.00 75.49  ? 101 VAL A CB  1 
ATOM   640  C CG1 . VAL A 1 77  ? -16.939 -10.787 4.514   1.00 74.14  ? 101 VAL A CG1 1 
ATOM   641  C CG2 . VAL A 1 77  ? -14.877 -10.282 3.190   1.00 72.50  ? 101 VAL A CG2 1 
ATOM   642  N N   . GLN A 1 78  ? -16.015 -14.610 4.329   1.00 79.52  ? 102 GLN A N   1 
ATOM   643  C CA  . GLN A 1 78  ? -16.845 -15.744 4.740   1.00 82.97  ? 102 GLN A CA  1 
ATOM   644  C C   . GLN A 1 78  ? -16.178 -16.490 5.899   1.00 83.71  ? 102 GLN A C   1 
ATOM   645  O O   . GLN A 1 78  ? -16.734 -17.451 6.439   1.00 81.96  ? 102 GLN A O   1 
ATOM   646  C CB  . GLN A 1 78  ? -17.060 -16.711 3.564   1.00 84.94  ? 102 GLN A CB  1 
ATOM   647  C CG  . GLN A 1 78  ? -17.739 -16.086 2.345   1.00 87.19  ? 102 GLN A CG  1 
ATOM   648  C CD  . GLN A 1 78  ? -19.168 -15.647 2.632   1.00 90.33  ? 102 GLN A CD  1 
ATOM   649  O OE1 . GLN A 1 78  ? -19.704 -14.766 1.956   1.00 91.23  ? 102 GLN A OE1 1 
ATOM   650  N NE2 . GLN A 1 78  ? -19.803 -16.280 3.623   1.00 90.20  ? 102 GLN A NE2 1 
ATOM   651  N N   . LYS A 1 79  ? -14.980 -16.031 6.268   1.00 85.11  ? 103 LYS A N   1 
ATOM   652  C CA  . LYS A 1 79  ? -14.213 -16.621 7.360   1.00 85.96  ? 103 LYS A CA  1 
ATOM   653  C C   . LYS A 1 79  ? -13.794 -15.596 8.421   1.00 85.11  ? 103 LYS A C   1 
ATOM   654  O O   . LYS A 1 79  ? -12.639 -15.557 8.853   1.00 83.53  ? 103 LYS A O   1 
ATOM   655  C CB  . LYS A 1 79  ? -12.992 -17.353 6.800   1.00 88.95  ? 103 LYS A CB  1 
ATOM   656  C CG  . LYS A 1 79  ? -13.387 -18.613 6.041   1.00 93.25  ? 103 LYS A CG  1 
ATOM   657  C CD  . LYS A 1 79  ? -12.202 -19.420 5.537   1.00 96.14  ? 103 LYS A CD  1 
ATOM   658  C CE  . LYS A 1 79  ? -12.689 -20.771 5.005   1.00 98.03  ? 103 LYS A CE  1 
ATOM   659  N NZ  . LYS A 1 79  ? -11.605 -21.598 4.401   1.00 98.82  ? 103 LYS A NZ  1 
ATOM   660  N N   . LYS A 1 80  ? -14.763 -14.771 8.822   1.00 84.68  ? 104 LYS A N   1 
ATOM   661  C CA  . LYS A 1 80  ? -14.607 -13.733 9.846   1.00 83.89  ? 104 LYS A CA  1 
ATOM   662  C C   . LYS A 1 80  ? -13.501 -12.698 9.628   1.00 81.29  ? 104 LYS A C   1 
ATOM   663  O O   . LYS A 1 80  ? -13.167 -11.947 10.544  1.00 82.81  ? 104 LYS A O   1 
ATOM   664  C CB  . LYS A 1 80  ? -14.437 -14.394 11.226  1.00 86.85  ? 104 LYS A CB  1 
ATOM   665  C CG  . LYS A 1 80  ? -15.555 -15.386 11.554  1.00 91.53  ? 104 LYS A CG  1 
ATOM   666  C CD  . LYS A 1 80  ? -15.597 -15.810 13.024  1.00 94.61  ? 104 LYS A CD  1 
ATOM   667  C CE  . LYS A 1 80  ? -16.858 -16.665 13.302  1.00 96.88  ? 104 LYS A CE  1 
ATOM   668  N NZ  . LYS A 1 80  ? -17.188 -16.855 14.757  1.00 95.52  ? 104 LYS A NZ  1 
ATOM   669  N N   . ASN A 1 81  ? -12.963 -12.623 8.417   1.00 77.74  ? 105 ASN A N   1 
ATOM   670  C CA  . ASN A 1 81  ? -11.894 -11.679 8.126   1.00 75.01  ? 105 ASN A CA  1 
ATOM   671  C C   . ASN A 1 81  ? -12.330 -10.352 7.497   1.00 74.85  ? 105 ASN A C   1 
ATOM   672  O O   . ASN A 1 81  ? -12.763 -10.317 6.340   1.00 76.05  ? 105 ASN A O   1 
ATOM   673  C CB  . ASN A 1 81  ? -10.871 -12.347 7.212   1.00 73.99  ? 105 ASN A CB  1 
ATOM   674  C CG  . ASN A 1 81  ? -9.581  -11.565 7.123   1.00 74.12  ? 105 ASN A CG  1 
ATOM   675  O OD1 . ASN A 1 81  ? -9.484  -10.447 7.632   1.00 74.74  ? 105 ASN A OD1 1 
ATOM   676  N ND2 . ASN A 1 81  ? -8.586  -12.141 6.469   1.00 73.63  ? 105 ASN A ND2 1 
ATOM   677  N N   . CYS A 1 82  ? -12.194 -9.260  8.252   1.00 73.00  ? 106 CYS A N   1 
ATOM   678  C CA  . CYS A 1 82  ? -12.540 -7.930  7.749   1.00 70.38  ? 106 CYS A CA  1 
ATOM   679  C C   . CYS A 1 82  ? -11.273 -7.154  7.537   1.00 70.00  ? 106 CYS A C   1 
ATOM   680  O O   . CYS A 1 82  ? -11.302 -5.936  7.386   1.00 69.26  ? 106 CYS A O   1 
ATOM   681  C CB  . CYS A 1 82  ? -13.428 -7.162  8.721   1.00 69.12  ? 106 CYS A CB  1 
ATOM   682  S SG  . CYS A 1 82  ? -13.016 -7.408  10.468  1.00 71.44  ? 106 CYS A SG  1 
ATOM   683  N N   . SER A 1 83  ? -10.158 -7.876  7.508   1.00 70.20  ? 107 SER A N   1 
ATOM   684  C CA  . SER A 1 83  ? -8.853  -7.257  7.324   1.00 71.17  ? 107 SER A CA  1 
ATOM   685  C C   . SER A 1 83  ? -8.798  -6.299  6.159   1.00 70.32  ? 107 SER A C   1 
ATOM   686  O O   . SER A 1 83  ? -9.203  -6.613  5.044   1.00 69.09  ? 107 SER A O   1 
ATOM   687  C CB  . SER A 1 83  ? -7.776  -8.322  7.170   1.00 69.78  ? 107 SER A CB  1 
ATOM   688  O OG  . SER A 1 83  ? -7.714  -9.099  8.347   1.00 68.90  ? 107 SER A OG  1 
ATOM   689  N N   . LEU A 1 84  ? -8.264  -5.123  6.438   1.00 72.43  ? 108 LEU A N   1 
ATOM   690  C CA  . LEU A 1 84  ? -8.166  -4.089  5.430   1.00 75.96  ? 108 LEU A CA  1 
ATOM   691  C C   . LEU A 1 84  ? -6.739  -3.842  4.995   1.00 76.93  ? 108 LEU A C   1 
ATOM   692  O O   . LEU A 1 84  ? -5.811  -3.956  5.789   1.00 79.96  ? 108 LEU A O   1 
ATOM   693  C CB  . LEU A 1 84  ? -8.766  -2.784  5.968   1.00 74.78  ? 108 LEU A CB  1 
ATOM   694  C CG  . LEU A 1 84  ? -9.101  -1.774  4.877   1.00 73.55  ? 108 LEU A CG  1 
ATOM   695  C CD1 . LEU A 1 84  ? -10.081 -2.415  3.902   1.00 71.07  ? 108 LEU A CD1 1 
ATOM   696  C CD2 . LEU A 1 84  ? -9.684  -0.514  5.496   1.00 73.16  ? 108 LEU A CD2 1 
ATOM   697  N N   . SER A 1 85  ? -6.569  -3.496  3.729   1.00 78.00  ? 109 SER A N   1 
ATOM   698  C CA  . SER A 1 85  ? -5.254  -3.211  3.198   1.00 78.55  ? 109 SER A CA  1 
ATOM   699  C C   . SER A 1 85  ? -5.272  -1.837  2.566   1.00 79.39  ? 109 SER A C   1 
ATOM   700  O O   . SER A 1 85  ? -5.990  -1.611  1.591   1.00 79.14  ? 109 SER A O   1 
ATOM   701  C CB  . SER A 1 85  ? -4.873  -4.237  2.143   1.00 78.75  ? 109 SER A CB  1 
ATOM   702  O OG  . SER A 1 85  ? -3.753  -3.773  1.408   1.00 83.01  ? 109 SER A OG  1 
ATOM   703  N N   . ILE A 1 86  ? -4.492  -0.913  3.120   1.00 79.75  ? 110 ILE A N   1 
ATOM   704  C CA  . ILE A 1 86  ? -4.441  0.440   2.573   1.00 80.59  ? 110 ILE A CA  1 
ATOM   705  C C   . ILE A 1 86  ? -3.147  0.597   1.797   1.00 81.61  ? 110 ILE A C   1 
ATOM   706  O O   . ILE A 1 86  ? -2.077  0.351   2.339   1.00 83.49  ? 110 ILE A O   1 
ATOM   707  C CB  . ILE A 1 86  ? -4.441  1.509   3.673   1.00 80.55  ? 110 ILE A CB  1 
ATOM   708  C CG1 . ILE A 1 86  ? -5.179  1.011   4.925   1.00 80.86  ? 110 ILE A CG1 1 
ATOM   709  C CG2 . ILE A 1 86  ? -5.052  2.773   3.135   1.00 78.61  ? 110 ILE A CG2 1 
ATOM   710  C CD1 . ILE A 1 86  ? -6.654  0.849   4.777   1.00 81.37  ? 110 ILE A CD1 1 
ATOM   711  N N   . GLY A 1 87  ? -3.236  1.017   0.542   1.00 81.46  ? 111 GLY A N   1 
ATOM   712  C CA  . GLY A 1 87  ? -2.036  1.177   -0.257  1.00 83.86  ? 111 GLY A CA  1 
ATOM   713  C C   . GLY A 1 87  ? -1.862  2.570   -0.827  1.00 86.36  ? 111 GLY A C   1 
ATOM   714  O O   . GLY A 1 87  ? -2.844  3.299   -0.990  1.00 87.89  ? 111 GLY A O   1 
ATOM   715  N N   . ASP A 1 88  ? -0.616  2.936   -1.133  1.00 86.53  ? 112 ASP A N   1 
ATOM   716  C CA  . ASP A 1 88  ? -0.308  4.251   -1.685  1.00 85.61  ? 112 ASP A CA  1 
ATOM   717  C C   . ASP A 1 88  ? -1.040  5.295   -0.855  1.00 85.74  ? 112 ASP A C   1 
ATOM   718  O O   . ASP A 1 88  ? -1.755  6.149   -1.382  1.00 84.59  ? 112 ASP A O   1 
ATOM   719  C CB  . ASP A 1 88  ? -0.748  4.322   -3.145  1.00 87.09  ? 112 ASP A CB  1 
ATOM   720  C CG  . ASP A 1 88  ? -0.481  5.675   -3.764  1.00 90.61  ? 112 ASP A CG  1 
ATOM   721  O OD1 . ASP A 1 88  ? 0.607   6.238   -3.509  1.00 93.28  ? 112 ASP A OD1 1 
ATOM   722  O OD2 . ASP A 1 88  ? -1.351  6.172   -4.514  1.00 90.43  ? 112 ASP A OD2 1 
ATOM   723  N N   . ALA A 1 89  ? -0.857  5.196   0.460   1.00 85.96  ? 113 ALA A N   1 
ATOM   724  C CA  . ALA A 1 89  ? -1.488  6.089   1.419   1.00 85.80  ? 113 ALA A CA  1 
ATOM   725  C C   . ALA A 1 89  ? -1.477  7.526   0.921   1.00 87.34  ? 113 ALA A C   1 
ATOM   726  O O   . ALA A 1 89  ? -0.583  7.925   0.179   1.00 89.19  ? 113 ALA A O   1 
ATOM   727  C CB  . ALA A 1 89  ? -0.779  5.981   2.758   1.00 83.61  ? 113 ALA A CB  1 
ATOM   728  N N   . ARG A 1 90  ? -2.485  8.291   1.318   1.00 88.92  ? 114 ARG A N   1 
ATOM   729  C CA  . ARG A 1 90  ? -2.603  9.692   0.925   1.00 90.74  ? 114 ARG A CA  1 
ATOM   730  C C   . ARG A 1 90  ? -3.073  10.469  2.146   1.00 91.76  ? 114 ARG A C   1 
ATOM   731  O O   . ARG A 1 90  ? -3.857  9.953   2.949   1.00 91.63  ? 114 ARG A O   1 
ATOM   732  C CB  . ARG A 1 90  ? -3.630  9.857   -0.189  1.00 91.19  ? 114 ARG A CB  1 
ATOM   733  C CG  . ARG A 1 90  ? -3.478  8.893   -1.335  1.00 95.05  ? 114 ARG A CG  1 
ATOM   734  C CD  . ARG A 1 90  ? -2.161  9.085   -2.043  1.00 99.46  ? 114 ARG A CD  1 
ATOM   735  N NE  . ARG A 1 90  ? -2.133  8.412   -3.340  1.00 102.77 ? 114 ARG A NE  1 
ATOM   736  C CZ  . ARG A 1 90  ? -2.995  8.653   -4.328  1.00 104.47 ? 114 ARG A CZ  1 
ATOM   737  N NH1 . ARG A 1 90  ? -3.966  9.549   -4.167  1.00 103.76 ? 114 ARG A NH1 1 
ATOM   738  N NH2 . ARG A 1 90  ? -2.873  8.013   -5.488  1.00 104.16 ? 114 ARG A NH2 1 
ATOM   739  N N   . MET A 1 91  ? -2.598  11.703  2.289   1.00 91.51  ? 115 MET A N   1 
ATOM   740  C CA  . MET A 1 91  ? -2.987  12.529  3.423   1.00 90.89  ? 115 MET A CA  1 
ATOM   741  C C   . MET A 1 91  ? -4.510  12.586  3.542   1.00 89.23  ? 115 MET A C   1 
ATOM   742  O O   . MET A 1 91  ? -5.061  12.497  4.643   1.00 87.77  ? 115 MET A O   1 
ATOM   743  C CB  . MET A 1 91  ? -2.406  13.941  3.275   1.00 93.29  ? 115 MET A CB  1 
ATOM   744  C CG  . MET A 1 91  ? -0.895  14.023  3.504   1.00 95.64  ? 115 MET A CG  1 
ATOM   745  S SD  . MET A 1 91  ? -0.401  13.634  5.209   1.00 100.11 ? 115 MET A SD  1 
ATOM   746  C CE  . MET A 1 91  ? -0.229  15.290  5.910   1.00 99.37  ? 115 MET A CE  1 
ATOM   747  N N   . GLU A 1 92  ? -5.180  12.706  2.399   1.00 86.73  ? 116 GLU A N   1 
ATOM   748  C CA  . GLU A 1 92  ? -6.637  12.770  2.358   1.00 84.38  ? 116 GLU A CA  1 
ATOM   749  C C   . GLU A 1 92  ? -7.287  11.582  3.055   1.00 81.62  ? 116 GLU A C   1 
ATOM   750  O O   . GLU A 1 92  ? -8.416  11.676  3.521   1.00 80.47  ? 116 GLU A O   1 
ATOM   751  C CB  . GLU A 1 92  ? -7.126  12.827  0.910   1.00 86.73  ? 116 GLU A CB  1 
ATOM   752  C CG  . GLU A 1 92  ? -6.630  14.024  0.113   1.00 93.04  ? 116 GLU A CG  1 
ATOM   753  C CD  . GLU A 1 92  ? -5.121  14.018  -0.095  1.00 96.12  ? 116 GLU A CD  1 
ATOM   754  O OE1 . GLU A 1 92  ? -4.601  13.042  -0.674  1.00 99.22  ? 116 GLU A OE1 1 
ATOM   755  O OE2 . GLU A 1 92  ? -4.452  14.991  0.316   1.00 98.14  ? 116 GLU A OE2 1 
ATOM   756  N N   . ASP A 1 93  ? -6.575  10.465  3.125   1.00 78.96  ? 117 ASP A N   1 
ATOM   757  C CA  . ASP A 1 93  ? -7.116  9.269   3.757   1.00 77.56  ? 117 ASP A CA  1 
ATOM   758  C C   . ASP A 1 93  ? -7.209  9.370   5.272   1.00 76.32  ? 117 ASP A C   1 
ATOM   759  O O   . ASP A 1 93  ? -7.950  8.610   5.909   1.00 74.69  ? 117 ASP A O   1 
ATOM   760  C CB  . ASP A 1 93  ? -6.279  8.045   3.377   1.00 79.18  ? 117 ASP A CB  1 
ATOM   761  C CG  . ASP A 1 93  ? -6.368  7.709   1.888   1.00 82.27  ? 117 ASP A CG  1 
ATOM   762  O OD1 . ASP A 1 93  ? -7.146  8.366   1.153   1.00 81.18  ? 117 ASP A OD1 1 
ATOM   763  O OD2 . ASP A 1 93  ? -5.654  6.776   1.458   1.00 81.74  ? 117 ASP A OD2 1 
ATOM   764  N N   . THR A 1 94  ? -6.464  10.306  5.853   1.00 75.13  ? 118 THR A N   1 
ATOM   765  C CA  . THR A 1 94  ? -6.479  10.473  7.299   1.00 74.62  ? 118 THR A CA  1 
ATOM   766  C C   . THR A 1 94  ? -7.905  10.714  7.780   1.00 73.26  ? 118 THR A C   1 
ATOM   767  O O   . THR A 1 94  ? -8.645  11.508  7.191   1.00 72.52  ? 118 THR A O   1 
ATOM   768  C CB  . THR A 1 94  ? -5.603  11.660  7.741   1.00 77.34  ? 118 THR A CB  1 
ATOM   769  O OG1 . THR A 1 94  ? -4.290  11.518  7.188   1.00 80.84  ? 118 THR A OG1 1 
ATOM   770  C CG2 . THR A 1 94  ? -5.500  11.706  9.265   1.00 75.94  ? 118 THR A CG2 1 
ATOM   771  N N   . GLY A 1 95  ? -8.288  10.015  8.843   1.00 70.07  ? 119 GLY A N   1 
ATOM   772  C CA  . GLY A 1 95  ? -9.622  10.174  9.377   1.00 67.47  ? 119 GLY A CA  1 
ATOM   773  C C   . GLY A 1 95  ? -10.079 8.894   10.025  1.00 67.82  ? 119 GLY A C   1 
ATOM   774  O O   . GLY A 1 95  ? -9.294  7.973   10.168  1.00 71.08  ? 119 GLY A O   1 
ATOM   775  N N   . SER A 1 96  ? -11.347 8.833   10.409  1.00 68.57  ? 120 SER A N   1 
ATOM   776  C CA  . SER A 1 96  ? -11.923 7.649   11.040  1.00 67.52  ? 120 SER A CA  1 
ATOM   777  C C   . SER A 1 96  ? -12.735 6.811   10.024  1.00 67.14  ? 120 SER A C   1 
ATOM   778  O O   . SER A 1 96  ? -13.187 7.331   8.996   1.00 67.49  ? 120 SER A O   1 
ATOM   779  C CB  . SER A 1 96  ? -12.811 8.091   12.198  1.00 67.91  ? 120 SER A CB  1 
ATOM   780  O OG  . SER A 1 96  ? -13.202 6.991   12.994  1.00 73.79  ? 120 SER A OG  1 
ATOM   781  N N   . TYR A 1 97  ? -12.917 5.522   10.315  1.00 63.74  ? 121 TYR A N   1 
ATOM   782  C CA  . TYR A 1 97  ? -13.636 4.614   9.420   1.00 60.45  ? 121 TYR A CA  1 
ATOM   783  C C   . TYR A 1 97  ? -14.434 3.587   10.204  1.00 60.06  ? 121 TYR A C   1 
ATOM   784  O O   . TYR A 1 97  ? -14.083 3.272   11.330  1.00 61.58  ? 121 TYR A O   1 
ATOM   785  C CB  . TYR A 1 97  ? -12.645 3.847   8.520   1.00 62.24  ? 121 TYR A CB  1 
ATOM   786  C CG  . TYR A 1 97  ? -11.835 4.693   7.545   1.00 62.00  ? 121 TYR A CG  1 
ATOM   787  C CD1 . TYR A 1 97  ? -10.683 5.368   7.952   1.00 60.66  ? 121 TYR A CD1 1 
ATOM   788  C CD2 . TYR A 1 97  ? -12.250 4.845   6.220   1.00 62.01  ? 121 TYR A CD2 1 
ATOM   789  C CE1 . TYR A 1 97  ? -9.967  6.176   7.055   1.00 63.01  ? 121 TYR A CE1 1 
ATOM   790  C CE2 . TYR A 1 97  ? -11.548 5.645   5.324   1.00 60.18  ? 121 TYR A CE2 1 
ATOM   791  C CZ  . TYR A 1 97  ? -10.414 6.303   5.743   1.00 60.73  ? 121 TYR A CZ  1 
ATOM   792  O OH  . TYR A 1 97  ? -9.723  7.069   4.842   1.00 62.22  ? 121 TYR A OH  1 
ATOM   793  N N   . PHE A 1 98  ? -15.512 3.064   9.632   1.00 58.48  ? 122 PHE A N   1 
ATOM   794  C CA  . PHE A 1 98  ? -16.252 2.035   10.337  1.00 58.06  ? 122 PHE A CA  1 
ATOM   795  C C   . PHE A 1 98  ? -16.648 0.914   9.395   1.00 59.39  ? 122 PHE A C   1 
ATOM   796  O O   . PHE A 1 98  ? -16.741 1.096   8.185   1.00 60.94  ? 122 PHE A O   1 
ATOM   797  C CB  . PHE A 1 98  ? -17.461 2.598   11.079  1.00 58.57  ? 122 PHE A CB  1 
ATOM   798  C CG  . PHE A 1 98  ? -18.560 3.078   10.196  1.00 57.75  ? 122 PHE A CG  1 
ATOM   799  C CD1 . PHE A 1 98  ? -18.477 4.319   9.571   1.00 59.23  ? 122 PHE A CD1 1 
ATOM   800  C CD2 . PHE A 1 98  ? -19.688 2.293   9.999   1.00 57.61  ? 122 PHE A CD2 1 
ATOM   801  C CE1 . PHE A 1 98  ? -19.503 4.774   8.770   1.00 57.92  ? 122 PHE A CE1 1 
ATOM   802  C CE2 . PHE A 1 98  ? -20.717 2.733   9.204   1.00 57.78  ? 122 PHE A CE2 1 
ATOM   803  C CZ  . PHE A 1 98  ? -20.628 3.980   8.585   1.00 58.78  ? 122 PHE A CZ  1 
ATOM   804  N N   . PHE A 1 99  ? -16.867 -0.250  9.982   1.00 58.52  ? 123 PHE A N   1 
ATOM   805  C CA  . PHE A 1 99  ? -17.181 -1.476  9.277   1.00 57.61  ? 123 PHE A CA  1 
ATOM   806  C C   . PHE A 1 99  ? -18.625 -1.862  9.477   1.00 58.85  ? 123 PHE A C   1 
ATOM   807  O O   . PHE A 1 99  ? -19.161 -1.714  10.562  1.00 60.83  ? 123 PHE A O   1 
ATOM   808  C CB  . PHE A 1 99  ? -16.289 -2.576  9.840   1.00 58.22  ? 123 PHE A CB  1 
ATOM   809  C CG  . PHE A 1 99  ? -16.427 -3.894  9.165   1.00 55.57  ? 123 PHE A CG  1 
ATOM   810  C CD1 . PHE A 1 99  ? -15.840 -4.117  7.931   1.00 55.71  ? 123 PHE A CD1 1 
ATOM   811  C CD2 . PHE A 1 99  ? -17.119 -4.925  9.775   1.00 55.83  ? 123 PHE A CD2 1 
ATOM   812  C CE1 . PHE A 1 99  ? -15.938 -5.344  7.321   1.00 55.59  ? 123 PHE A CE1 1 
ATOM   813  C CE2 . PHE A 1 99  ? -17.226 -6.169  9.170   1.00 54.26  ? 123 PHE A CE2 1 
ATOM   814  C CZ  . PHE A 1 99  ? -16.635 -6.380  7.945   1.00 55.47  ? 123 PHE A CZ  1 
ATOM   815  N N   . ARG A 1 100 ? -19.251 -2.395  8.441   1.00 59.81  ? 124 ARG A N   1 
ATOM   816  C CA  . ARG A 1 100 ? -20.642 -2.795  8.547   1.00 59.22  ? 124 ARG A CA  1 
ATOM   817  C C   . ARG A 1 100 ? -20.869 -4.145  7.902   1.00 60.16  ? 124 ARG A C   1 
ATOM   818  O O   . ARG A 1 100 ? -20.214 -4.496  6.928   1.00 61.25  ? 124 ARG A O   1 
ATOM   819  C CB  . ARG A 1 100 ? -21.514 -1.744  7.870   1.00 60.12  ? 124 ARG A CB  1 
ATOM   820  C CG  . ARG A 1 100 ? -22.983 -2.094  7.706   1.00 59.79  ? 124 ARG A CG  1 
ATOM   821  C CD  . ARG A 1 100 ? -23.681 -0.934  7.010   1.00 65.93  ? 124 ARG A CD  1 
ATOM   822  N NE  . ARG A 1 100 ? -25.084 -1.220  6.751   1.00 70.22  ? 124 ARG A NE  1 
ATOM   823  C CZ  . ARG A 1 100 ? -26.032 -1.220  7.677   1.00 70.35  ? 124 ARG A CZ  1 
ATOM   824  N NH1 . ARG A 1 100 ? -25.724 -0.934  8.931   1.00 73.98  ? 124 ARG A NH1 1 
ATOM   825  N NH2 . ARG A 1 100 ? -27.277 -1.541  7.351   1.00 70.61  ? 124 ARG A NH2 1 
ATOM   826  N N   . VAL A 1 101 ? -21.795 -4.903  8.462   1.00 60.47  ? 125 VAL A N   1 
ATOM   827  C CA  . VAL A 1 101 ? -22.131 -6.202  7.926   1.00 64.70  ? 125 VAL A CA  1 
ATOM   828  C C   . VAL A 1 101 ? -23.605 -6.223  7.599   1.00 64.59  ? 125 VAL A C   1 
ATOM   829  O O   . VAL A 1 101 ? -24.393 -5.515  8.210   1.00 63.56  ? 125 VAL A O   1 
ATOM   830  C CB  . VAL A 1 101 ? -21.844 -7.342  8.930   1.00 68.37  ? 125 VAL A CB  1 
ATOM   831  C CG1 . VAL A 1 101 ? -20.360 -7.363  9.253   1.00 70.63  ? 125 VAL A CG1 1 
ATOM   832  C CG2 . VAL A 1 101 ? -22.688 -7.161  10.201  1.00 68.05  ? 125 VAL A CG2 1 
ATOM   833  N N   . GLU A 1 102 ? -23.962 -7.032  6.618   1.00 65.39  ? 126 GLU A N   1 
ATOM   834  C CA  . GLU A 1 102 ? -25.338 -7.170  6.218   1.00 69.41  ? 126 GLU A CA  1 
ATOM   835  C C   . GLU A 1 102 ? -25.507 -8.572  5.669   1.00 72.97  ? 126 GLU A C   1 
ATOM   836  O O   . GLU A 1 102 ? -24.724 -9.027  4.825   1.00 74.05  ? 126 GLU A O   1 
ATOM   837  C CB  . GLU A 1 102 ? -25.696 -6.172  5.126   1.00 69.20  ? 126 GLU A CB  1 
ATOM   838  C CG  . GLU A 1 102 ? -25.822 -4.724  5.542   1.00 72.36  ? 126 GLU A CG  1 
ATOM   839  C CD  . GLU A 1 102 ? -26.049 -3.824  4.331   1.00 76.24  ? 126 GLU A CD  1 
ATOM   840  O OE1 . GLU A 1 102 ? -26.755 -4.284  3.403   1.00 77.28  ? 126 GLU A OE1 1 
ATOM   841  O OE2 . GLU A 1 102 ? -25.532 -2.679  4.297   1.00 73.08  ? 126 GLU A OE2 1 
ATOM   842  N N   . ARG A 1 103 ? -26.519 -9.267  6.162   1.00 75.20  ? 127 ARG A N   1 
ATOM   843  C CA  . ARG A 1 103 ? -26.805 -10.601 5.677   1.00 77.87  ? 127 ARG A CA  1 
ATOM   844  C C   . ARG A 1 103 ? -28.275 -10.847 5.931   1.00 79.33  ? 127 ARG A C   1 
ATOM   845  O O   . ARG A 1 103 ? -28.723 -10.824 7.073   1.00 80.98  ? 127 ARG A O   1 
ATOM   846  C CB  . ARG A 1 103 ? -25.952 -11.637 6.394   1.00 78.29  ? 127 ARG A CB  1 
ATOM   847  C CG  . ARG A 1 103 ? -26.031 -12.981 5.713   1.00 80.09  ? 127 ARG A CG  1 
ATOM   848  C CD  . ARG A 1 103 ? -24.999 -13.953 6.200   1.00 79.00  ? 127 ARG A CD  1 
ATOM   849  N NE  . ARG A 1 103 ? -25.063 -15.152 5.387   1.00 82.56  ? 127 ARG A NE  1 
ATOM   850  C CZ  . ARG A 1 103 ? -24.306 -16.228 5.570   1.00 85.88  ? 127 ARG A CZ  1 
ATOM   851  N NH1 . ARG A 1 103 ? -23.416 -16.260 6.555   1.00 86.40  ? 127 ARG A NH1 1 
ATOM   852  N NH2 . ARG A 1 103 ? -24.436 -17.271 4.760   1.00 86.05  ? 127 ARG A NH2 1 
ATOM   853  N N   . GLY A 1 104 ? -29.029 -11.063 4.862   1.00 81.13  ? 128 GLY A N   1 
ATOM   854  C CA  . GLY A 1 104 ? -30.456 -11.276 5.014   1.00 84.63  ? 128 GLY A CA  1 
ATOM   855  C C   . GLY A 1 104 ? -31.112 -9.986  5.472   1.00 86.66  ? 128 GLY A C   1 
ATOM   856  O O   . GLY A 1 104 ? -30.448 -8.953  5.579   1.00 87.33  ? 128 GLY A O   1 
ATOM   857  N N   . ARG A 1 105 ? -32.411 -10.031 5.742   1.00 89.27  ? 129 ARG A N   1 
ATOM   858  C CA  . ARG A 1 105 ? -33.121 -8.838  6.192   1.00 92.23  ? 129 ARG A CA  1 
ATOM   859  C C   . ARG A 1 105 ? -32.877 -8.604  7.676   1.00 93.87  ? 129 ARG A C   1 
ATOM   860  O O   . ARG A 1 105 ? -33.053 -7.494  8.170   1.00 95.64  ? 129 ARG A O   1 
ATOM   861  C CB  . ARG A 1 105 ? -34.617 -8.982  5.928   1.00 92.40  ? 129 ARG A CB  1 
ATOM   862  C CG  . ARG A 1 105 ? -35.434 -7.719  6.180   0.00 107.07 ? 129 ARG A CG  1 
ATOM   863  C CD  . ARG A 1 105 ? -36.911 -7.949  5.893   0.00 107.07 ? 129 ARG A CD  1 
ATOM   864  N NE  . ARG A 1 105 ? -37.487 -9.002  6.731   0.00 107.07 ? 129 ARG A NE  1 
ATOM   865  C CZ  . ARG A 1 105 ? -37.596 -8.951  8.058   0.00 107.07 ? 129 ARG A CZ  1 
ATOM   866  N NH1 . ARG A 1 105 ? -38.137 -9.969  8.714   0.00 107.07 ? 129 ARG A NH1 1 
ATOM   867  N NH2 . ARG A 1 105 ? -37.165 -7.892  8.735   0.00 107.07 ? 129 ARG A NH2 1 
ATOM   868  N N   . ASP A 1 106 ? -32.454 -9.649  8.381   1.00 95.27  ? 130 ASP A N   1 
ATOM   869  C CA  . ASP A 1 106 ? -32.209 -9.544  9.812   1.00 96.78  ? 130 ASP A CA  1 
ATOM   870  C C   . ASP A 1 106 ? -30.847 -9.001  10.227  1.00 95.41  ? 130 ASP A C   1 
ATOM   871  O O   . ASP A 1 106 ? -30.772 -8.073  11.033  1.00 96.31  ? 130 ASP A O   1 
ATOM   872  C CB  . ASP A 1 106 ? -32.453 -10.901 10.476  1.00 99.87  ? 130 ASP A CB  1 
ATOM   873  C CG  . ASP A 1 106 ? -33.923 -11.282 10.480  1.00 104.14 ? 130 ASP A CG  1 
ATOM   874  O OD1 . ASP A 1 106 ? -34.715 -10.583 11.158  1.00 104.26 ? 130 ASP A OD1 1 
ATOM   875  O OD2 . ASP A 1 106 ? -34.289 -12.270 9.799   1.00 106.47 ? 130 ASP A OD2 1 
ATOM   876  N N   . VAL A 1 107 ? -29.772 -9.567  9.688   1.00 92.66  ? 131 VAL A N   1 
ATOM   877  C CA  . VAL A 1 107 ? -28.437 -9.104  10.053  1.00 88.34  ? 131 VAL A CA  1 
ATOM   878  C C   . VAL A 1 107 ? -28.046 -7.827  9.308   1.00 87.82  ? 131 VAL A C   1 
ATOM   879  O O   . VAL A 1 107 ? -27.924 -7.819  8.081   1.00 87.14  ? 131 VAL A O   1 
ATOM   880  C CB  . VAL A 1 107 ? -27.366 -10.198 9.780   1.00 86.56  ? 131 VAL A CB  1 
ATOM   881  C CG1 . VAL A 1 107 ? -26.025 -9.760  10.331  1.00 84.67  ? 131 VAL A CG1 1 
ATOM   882  C CG2 . VAL A 1 107 ? -27.782 -11.516 10.407  1.00 83.27  ? 131 VAL A CG2 1 
ATOM   883  N N   . LYS A 1 108 ? -27.873 -6.752  10.069  1.00 85.59  ? 132 LYS A N   1 
ATOM   884  C CA  . LYS A 1 108 ? -27.469 -5.447  9.549   1.00 85.59  ? 132 LYS A CA  1 
ATOM   885  C C   . LYS A 1 108 ? -26.820 -4.808  10.761  1.00 84.81  ? 132 LYS A C   1 
ATOM   886  O O   . LYS A 1 108 ? -27.426 -4.807  11.824  1.00 86.32  ? 132 LYS A O   1 
ATOM   887  C CB  . LYS A 1 108 ? -28.688 -4.636  9.113   1.00 87.75  ? 132 LYS A CB  1 
ATOM   888  C CG  . LYS A 1 108 ? -29.574 -5.367  8.123   1.00 90.83  ? 132 LYS A CG  1 
ATOM   889  C CD  . LYS A 1 108 ? -30.259 -4.416  7.160   1.00 93.27  ? 132 LYS A CD  1 
ATOM   890  C CE  . LYS A 1 108 ? -30.968 -5.196  6.056   1.00 96.83  ? 132 LYS A CE  1 
ATOM   891  N NZ  . LYS A 1 108 ? -31.519 -4.298  4.995   1.00 99.29  ? 132 LYS A NZ  1 
ATOM   892  N N   . TYR A 1 109 ? -25.611 -4.262  10.630  1.00 82.97  ? 133 TYR A N   1 
ATOM   893  C CA  . TYR A 1 109 ? -24.949 -3.709  11.809  1.00 79.66  ? 133 TYR A CA  1 
ATOM   894  C C   . TYR A 1 109 ? -23.672 -2.921  11.560  1.00 76.78  ? 133 TYR A C   1 
ATOM   895  O O   . TYR A 1 109 ? -22.749 -3.421  10.946  1.00 77.91  ? 133 TYR A O   1 
ATOM   896  C CB  . TYR A 1 109 ? -24.625 -4.866  12.754  1.00 82.51  ? 133 TYR A CB  1 
ATOM   897  C CG  . TYR A 1 109 ? -24.129 -4.464  14.113  1.00 86.85  ? 133 TYR A CG  1 
ATOM   898  C CD1 . TYR A 1 109 ? -25.023 -4.151  15.132  1.00 89.42  ? 133 TYR A CD1 1 
ATOM   899  C CD2 . TYR A 1 109 ? -22.761 -4.377  14.383  1.00 89.08  ? 133 TYR A CD2 1 
ATOM   900  C CE1 . TYR A 1 109 ? -24.575 -3.756  16.389  1.00 90.72  ? 133 TYR A CE1 1 
ATOM   901  C CE2 . TYR A 1 109 ? -22.300 -3.984  15.637  1.00 90.95  ? 133 TYR A CE2 1 
ATOM   902  C CZ  . TYR A 1 109 ? -23.216 -3.673  16.635  1.00 91.39  ? 133 TYR A CZ  1 
ATOM   903  O OH  . TYR A 1 109 ? -22.781 -3.268  17.876  1.00 93.98  ? 133 TYR A OH  1 
ATOM   904  N N   . SER A 1 110 ? -23.610 -1.692  12.047  1.00 75.33  ? 134 SER A N   1 
ATOM   905  C CA  . SER A 1 110 ? -22.392 -0.898  11.900  1.00 75.90  ? 134 SER A CA  1 
ATOM   906  C C   . SER A 1 110 ? -21.615 -0.938  13.221  1.00 77.41  ? 134 SER A C   1 
ATOM   907  O O   . SER A 1 110 ? -22.183 -0.723  14.287  1.00 79.87  ? 134 SER A O   1 
ATOM   908  C CB  . SER A 1 110 ? -22.715 0.550   11.546  1.00 73.90  ? 134 SER A CB  1 
ATOM   909  O OG  . SER A 1 110 ? -23.166 0.655   10.210  1.00 72.31  ? 134 SER A OG  1 
ATOM   910  N N   . TYR A 1 111 ? -20.323 -1.228  13.160  1.00 77.42  ? 135 TYR A N   1 
ATOM   911  C CA  . TYR A 1 111 ? -19.524 -1.293  14.378  1.00 76.66  ? 135 TYR A CA  1 
ATOM   912  C C   . TYR A 1 111 ? -19.007 0.086   14.753  1.00 76.20  ? 135 TYR A C   1 
ATOM   913  O O   . TYR A 1 111 ? -17.808 0.363   14.701  1.00 73.12  ? 135 TYR A O   1 
ATOM   914  C CB  . TYR A 1 111 ? -18.376 -2.279  14.190  1.00 76.01  ? 135 TYR A CB  1 
ATOM   915  C CG  . TYR A 1 111 ? -18.861 -3.684  13.908  1.00 76.75  ? 135 TYR A CG  1 
ATOM   916  C CD1 . TYR A 1 111 ? -19.206 -4.076  12.621  1.00 76.73  ? 135 TYR A CD1 1 
ATOM   917  C CD2 . TYR A 1 111 ? -18.964 -4.627  14.929  1.00 76.72  ? 135 TYR A CD2 1 
ATOM   918  C CE1 . TYR A 1 111 ? -19.636 -5.380  12.352  1.00 75.98  ? 135 TYR A CE1 1 
ATOM   919  C CE2 . TYR A 1 111 ? -19.396 -5.932  14.671  1.00 74.94  ? 135 TYR A CE2 1 
ATOM   920  C CZ  . TYR A 1 111 ? -19.730 -6.300  13.380  1.00 74.95  ? 135 TYR A CZ  1 
ATOM   921  O OH  . TYR A 1 111 ? -20.167 -7.582  13.112  1.00 74.38  ? 135 TYR A OH  1 
ATOM   922  N N   . GLN A 1 112 ? -19.948 0.942   15.139  1.00 77.62  ? 136 GLN A N   1 
ATOM   923  C CA  . GLN A 1 112 ? -19.659 2.319   15.510  1.00 80.23  ? 136 GLN A CA  1 
ATOM   924  C C   . GLN A 1 112 ? -18.818 2.447   16.774  1.00 81.46  ? 136 GLN A C   1 
ATOM   925  O O   . GLN A 1 112 ? -18.251 3.503   17.040  1.00 82.42  ? 136 GLN A O   1 
ATOM   926  C CB  . GLN A 1 112 ? -20.971 3.082   15.666  1.00 80.76  ? 136 GLN A CB  1 
ATOM   927  C CG  . GLN A 1 112 ? -21.860 3.043   14.417  1.00 81.33  ? 136 GLN A CG  1 
ATOM   928  C CD  . GLN A 1 112 ? -21.320 3.892   13.277  1.00 81.49  ? 136 GLN A CD  1 
ATOM   929  O OE1 . GLN A 1 112 ? -20.164 4.322   13.299  1.00 83.19  ? 136 GLN A OE1 1 
ATOM   930  N NE2 . GLN A 1 112 ? -22.151 4.127   12.270  1.00 81.18  ? 136 GLN A NE2 1 
ATOM   931  N N   . GLN A 1 113 ? -18.730 1.372   17.551  1.00 82.73  ? 137 GLN A N   1 
ATOM   932  C CA  . GLN A 1 113 ? -17.931 1.395   18.771  1.00 83.31  ? 137 GLN A CA  1 
ATOM   933  C C   . GLN A 1 113 ? -16.464 1.147   18.430  1.00 82.78  ? 137 GLN A C   1 
ATOM   934  O O   . GLN A 1 113 ? -15.568 1.740   19.028  1.00 83.81  ? 137 GLN A O   1 
ATOM   935  C CB  . GLN A 1 113 ? -18.417 0.326   19.757  1.00 84.61  ? 137 GLN A CB  1 
ATOM   936  C CG  . GLN A 1 113 ? -19.923 0.388   20.111  1.00 89.66  ? 137 GLN A CG  1 
ATOM   937  C CD  . GLN A 1 113 ? -20.486 1.819   20.193  1.00 93.54  ? 137 GLN A CD  1 
ATOM   938  O OE1 . GLN A 1 113 ? -19.833 2.736   20.712  1.00 95.31  ? 137 GLN A OE1 1 
ATOM   939  N NE2 . GLN A 1 113 ? -21.709 2.007   19.685  1.00 92.17  ? 137 GLN A NE2 1 
ATOM   940  N N   . ASN A 1 114 ? -16.232 0.293   17.437  1.00 82.18  ? 138 ASN A N   1 
ATOM   941  C CA  . ASN A 1 114 ? -14.882 -0.066  17.013  1.00 79.20  ? 138 ASN A CA  1 
ATOM   942  C C   . ASN A 1 114 ? -14.342 0.667   15.778  1.00 78.59  ? 138 ASN A C   1 
ATOM   943  O O   . ASN A 1 114 ? -13.734 0.042   14.914  1.00 78.35  ? 138 ASN A O   1 
ATOM   944  C CB  . ASN A 1 114 ? -14.810 -1.573  16.755  1.00 77.36  ? 138 ASN A CB  1 
ATOM   945  C CG  . ASN A 1 114 ? -15.520 -2.387  17.823  1.00 77.90  ? 138 ASN A CG  1 
ATOM   946  O OD1 . ASN A 1 114 ? -16.747 -2.401  17.899  1.00 79.59  ? 138 ASN A OD1 1 
ATOM   947  N ND2 . ASN A 1 114 ? -14.749 -3.075  18.650  1.00 77.72  ? 138 ASN A ND2 1 
ATOM   948  N N   . LYS A 1 115 ? -14.552 1.977   15.685  1.00 79.13  ? 139 LYS A N   1 
ATOM   949  C CA  . LYS A 1 115 ? -14.044 2.740   14.539  1.00 79.59  ? 139 LYS A CA  1 
ATOM   950  C C   . LYS A 1 115 ? -12.548 2.519   14.324  1.00 79.35  ? 139 LYS A C   1 
ATOM   951  O O   . LYS A 1 115 ? -11.850 2.023   15.204  1.00 80.01  ? 139 LYS A O   1 
ATOM   952  C CB  . LYS A 1 115 ? -14.276 4.241   14.725  1.00 79.01  ? 139 LYS A CB  1 
ATOM   953  C CG  . LYS A 1 115 ? -15.469 4.785   13.989  1.00 81.90  ? 139 LYS A CG  1 
ATOM   954  C CD  . LYS A 1 115 ? -16.765 4.518   14.736  1.00 86.68  ? 139 LYS A CD  1 
ATOM   955  C CE  . LYS A 1 115 ? -17.206 5.755   15.502  1.00 85.03  ? 139 LYS A CE  1 
ATOM   956  N NZ  . LYS A 1 115 ? -17.227 6.934   14.591  1.00 85.84  ? 139 LYS A NZ  1 
ATOM   957  N N   . LEU A 1 116 ? -12.061 2.901   13.149  1.00 79.32  ? 140 LEU A N   1 
ATOM   958  C CA  . LEU A 1 116 ? -10.651 2.764   12.821  1.00 80.22  ? 140 LEU A CA  1 
ATOM   959  C C   . LEU A 1 116 ? -10.086 4.134   12.502  1.00 81.67  ? 140 LEU A C   1 
ATOM   960  O O   . LEU A 1 116 ? -10.510 4.792   11.550  1.00 81.90  ? 140 LEU A O   1 
ATOM   961  C CB  . LEU A 1 116 ? -10.450 1.860   11.611  1.00 81.59  ? 140 LEU A CB  1 
ATOM   962  C CG  . LEU A 1 116 ? -8.995  1.796   11.130  1.00 82.78  ? 140 LEU A CG  1 
ATOM   963  C CD1 . LEU A 1 116 ? -8.166  0.964   12.115  1.00 82.90  ? 140 LEU A CD1 1 
ATOM   964  C CD2 . LEU A 1 116 ? -8.938  1.190   9.739   1.00 81.77  ? 140 LEU A CD2 1 
ATOM   965  N N   . ASN A 1 117 ? -9.112  4.553   13.296  1.00 81.57  ? 141 ASN A N   1 
ATOM   966  C CA  . ASN A 1 117 ? -8.504  5.852   13.106  1.00 80.51  ? 141 ASN A CA  1 
ATOM   967  C C   . ASN A 1 117 ? -7.238  5.691   12.319  1.00 80.56  ? 141 ASN A C   1 
ATOM   968  O O   . ASN A 1 117 ? -6.365  4.907   12.685  1.00 82.88  ? 141 ASN A O   1 
ATOM   969  C CB  . ASN A 1 117 ? -8.243  6.462   14.468  1.00 81.26  ? 141 ASN A CB  1 
ATOM   970  C CG  . ASN A 1 117 ? -9.479  6.425   15.334  1.00 84.74  ? 141 ASN A CG  1 
ATOM   971  O OD1 . ASN A 1 117 ? -10.460 7.121   15.055  1.00 87.22  ? 141 ASN A OD1 1 
ATOM   972  N ND2 . ASN A 1 117 ? -9.462  5.586   16.369  1.00 83.33  ? 141 ASN A ND2 1 
ATOM   973  N N   . LEU A 1 118 ? -7.143  6.430   11.226  1.00 79.51  ? 142 LEU A N   1 
ATOM   974  C CA  . LEU A 1 118 ? -5.987  6.350   10.364  1.00 80.53  ? 142 LEU A CA  1 
ATOM   975  C C   . LEU A 1 118 ? -5.270  7.672   10.234  1.00 84.18  ? 142 LEU A C   1 
ATOM   976  O O   . LEU A 1 118 ? -5.864  8.678   9.834   1.00 85.45  ? 142 LEU A O   1 
ATOM   977  C CB  . LEU A 1 118 ? -6.409  5.890   8.981   1.00 79.39  ? 142 LEU A CB  1 
ATOM   978  C CG  . LEU A 1 118 ? -5.244  5.807   8.007   1.00 78.14  ? 142 LEU A CG  1 
ATOM   979  C CD1 . LEU A 1 118 ? -4.303  4.699   8.474   1.00 79.43  ? 142 LEU A CD1 1 
ATOM   980  C CD2 . LEU A 1 118 ? -5.764  5.541   6.608   1.00 78.83  ? 142 LEU A CD2 1 
ATOM   981  N N   . GLU A 1 119 ? -3.981  7.655   10.553  1.00 87.38  ? 143 GLU A N   1 
ATOM   982  C CA  . GLU A 1 119 ? -3.146  8.845   10.469  1.00 89.74  ? 143 GLU A CA  1 
ATOM   983  C C   . GLU A 1 119 ? -2.099  8.626   9.379   1.00 90.14  ? 143 GLU A C   1 
ATOM   984  O O   . GLU A 1 119 ? -1.337  7.660   9.422   1.00 90.02  ? 143 GLU A O   1 
ATOM   985  C CB  . GLU A 1 119 ? -2.478  9.102   11.827  1.00 92.52  ? 143 GLU A CB  1 
ATOM   986  C CG  . GLU A 1 119 ? -1.506  10.282  11.858  1.00 99.41  ? 143 GLU A CG  1 
ATOM   987  C CD  . GLU A 1 119 ? -0.876  10.492  13.236  1.00 102.32 ? 143 GLU A CD  1 
ATOM   988  O OE1 . GLU A 1 119 ? -1.586  10.954  14.160  1.00 103.32 ? 143 GLU A OE1 1 
ATOM   989  O OE2 . GLU A 1 119 ? 0.327   10.189  13.392  1.00 103.67 ? 143 GLU A OE2 1 
ATOM   990  N N   . VAL A 1 120 ? -2.083  9.517   8.396   1.00 90.60  ? 144 VAL A N   1 
ATOM   991  C CA  . VAL A 1 120 ? -1.141  9.429   7.289   1.00 92.39  ? 144 VAL A CA  1 
ATOM   992  C C   . VAL A 1 120 ? 0.001   10.429  7.466   1.00 94.68  ? 144 VAL A C   1 
ATOM   993  O O   . VAL A 1 120 ? -0.128  11.616  7.138   1.00 93.97  ? 144 VAL A O   1 
ATOM   994  C CB  . VAL A 1 120 ? -1.848  9.702   5.944   1.00 93.29  ? 144 VAL A CB  1 
ATOM   995  C CG1 . VAL A 1 120 ? -0.839  9.736   4.803   1.00 92.82  ? 144 VAL A CG1 1 
ATOM   996  C CG2 . VAL A 1 120 ? -2.886  8.629   5.689   1.00 93.90  ? 144 VAL A CG2 1 
ATOM   997  N N   . THR A 1 121 ? 1.118   9.930   7.986   1.00 96.44  ? 145 THR A N   1 
ATOM   998  C CA  . THR A 1 121 ? 2.309   10.730  8.235   1.00 97.07  ? 145 THR A CA  1 
ATOM   999  C C   . THR A 1 121 ? 2.998   11.051  6.917   1.00 98.64  ? 145 THR A C   1 
ATOM   1000 O O   . THR A 1 121 ? 2.537   10.625  5.861   1.00 99.55  ? 145 THR A O   1 
ATOM   1001 C CB  . THR A 1 121 ? 3.283   9.961   9.124   1.00 96.58  ? 145 THR A CB  1 
ATOM   1002 O OG1 . THR A 1 121 ? 2.580   9.456   10.264  1.00 95.93  ? 145 THR A OG1 1 
ATOM   1003 C CG2 . THR A 1 121 ? 4.403   10.865  9.593   1.00 98.51  ? 145 THR A CG2 1 
ATOM   1004 N N   . ALA A 1 122 ? 4.096   11.802  6.985   1.00 99.91  ? 146 ALA A N   1 
ATOM   1005 C CA  . ALA A 1 122 ? 4.859   12.175  5.796   1.00 101.20 ? 146 ALA A CA  1 
ATOM   1006 C C   . ALA A 1 122 ? 5.906   11.105  5.483   1.00 102.24 ? 146 ALA A C   1 
ATOM   1007 O O   . ALA A 1 122 ? 6.397   10.424  6.384   1.00 101.81 ? 146 ALA A O   1 
ATOM   1008 C CB  . ALA A 1 122 ? 5.532   13.521  6.013   1.00 100.72 ? 146 ALA A CB  1 
ATOM   1009 N N   . LEU A 1 123 ? 6.247   10.969  4.206   1.00 103.63 ? 147 LEU A N   1 
ATOM   1010 C CA  . LEU A 1 123 ? 7.213   9.964   3.776   1.00 106.09 ? 147 LEU A CA  1 
ATOM   1011 C C   . LEU A 1 123 ? 8.672   10.307  4.084   1.00 107.77 ? 147 LEU A C   1 
ATOM   1012 O O   . LEU A 1 123 ? 9.278   11.160  3.426   1.00 107.87 ? 147 LEU A O   1 
ATOM   1013 C CB  . LEU A 1 123 ? 7.062   9.712   2.278   1.00 106.29 ? 147 LEU A CB  1 
ATOM   1014 C CG  . LEU A 1 123 ? 7.957   8.602   1.719   1.00 106.73 ? 147 LEU A CG  1 
ATOM   1015 C CD1 . LEU A 1 123 ? 7.681   7.290   2.456   1.00 106.53 ? 147 LEU A CD1 1 
ATOM   1016 C CD2 . LEU A 1 123 ? 7.702   8.454   0.228   1.00 105.31 ? 147 LEU A CD2 1 
ATOM   1017 N N   . ILE A 1 124 ? 9.236   9.616   5.070   1.00 108.62 ? 148 ILE A N   1 
ATOM   1018 C CA  . ILE A 1 124 ? 10.617  9.838   5.479   1.00 108.97 ? 148 ILE A CA  1 
ATOM   1019 C C   . ILE A 1 124 ? 11.510  8.662   5.096   1.00 110.55 ? 148 ILE A C   1 
ATOM   1020 O O   . ILE A 1 124 ? 12.734  8.737   5.220   1.00 111.08 ? 148 ILE A O   1 
ATOM   1021 C CB  . ILE A 1 124 ? 10.721  10.073  7.010   1.00 107.20 ? 148 ILE A CB  1 
ATOM   1022 C CG1 . ILE A 1 124 ? 10.436  8.773   7.769   1.00 105.76 ? 148 ILE A CG1 1 
ATOM   1023 C CG2 . ILE A 1 124 ? 9.742   11.157  7.431   1.00 106.23 ? 148 ILE A CG2 1 
ATOM   1024 C CD1 . ILE A 1 124 ? 10.506  8.913   9.275   1.00 103.42 ? 148 ILE A CD1 1 
ATOM   1025 N N   . GLU A 1 125 ? 10.900  7.569   4.648   1.00 111.84 ? 149 GLU A N   1 
ATOM   1026 C CA  . GLU A 1 125 ? 11.666  6.397   4.235   1.00 113.51 ? 149 GLU A CA  1 
ATOM   1027 C C   . GLU A 1 125 ? 12.370  6.731   2.929   1.00 113.75 ? 149 GLU A C   1 
ATOM   1028 O O   . GLU A 1 125 ? 11.841  7.484   2.117   1.00 112.22 ? 149 GLU A O   1 
ATOM   1029 C CB  . GLU A 1 125 ? 10.746  5.197   4.016   1.00 114.50 ? 149 GLU A CB  1 
ATOM   1030 C CG  . GLU A 1 125 ? 10.323  4.469   5.279   1.00 116.90 ? 149 GLU A CG  1 
ATOM   1031 C CD  . GLU A 1 125 ? 11.345  3.441   5.732   1.00 119.27 ? 149 GLU A CD  1 
ATOM   1032 O OE1 . GLU A 1 125 ? 11.774  2.619   4.889   1.00 120.88 ? 149 GLU A OE1 1 
ATOM   1033 O OE2 . GLU A 1 125 ? 11.708  3.444   6.931   1.00 119.20 ? 149 GLU A OE2 1 
ATOM   1034 N N   . LYS A 1 126 ? 13.563  6.178   2.740   1.00 114.87 ? 150 LYS A N   1 
ATOM   1035 C CA  . LYS A 1 126 ? 14.340  6.410   1.526   1.00 115.67 ? 150 LYS A CA  1 
ATOM   1036 C C   . LYS A 1 126 ? 14.419  5.123   0.724   1.00 116.61 ? 150 LYS A C   1 
ATOM   1037 O O   . LYS A 1 126 ? 14.464  4.029   1.295   1.00 116.57 ? 150 LYS A O   1 
ATOM   1038 C CB  . LYS A 1 126 ? 15.762  6.858   1.871   1.00 115.74 ? 150 LYS A CB  1 
ATOM   1039 C CG  . LYS A 1 126 ? 15.928  8.330   2.197   1.00 115.44 ? 150 LYS A CG  1 
ATOM   1040 C CD  . LYS A 1 126 ? 17.338  8.591   2.705   1.00 115.64 ? 150 LYS A CD  1 
ATOM   1041 C CE  . LYS A 1 126 ? 17.643  10.073  2.796   1.00 115.35 ? 150 LYS A CE  1 
ATOM   1042 N NZ  . LYS A 1 126 ? 17.712  10.696  1.445   1.00 116.40 ? 150 LYS A NZ  1 
ATOM   1043 N N   . PRO A 1 127 ? 14.451  5.235   -0.614  1.00 117.59 ? 151 PRO A N   1 
ATOM   1044 C CA  . PRO A 1 127 ? 14.532  4.052   -1.479  1.00 119.00 ? 151 PRO A CA  1 
ATOM   1045 C C   . PRO A 1 127 ? 15.703  3.157   -1.090  1.00 120.13 ? 151 PRO A C   1 
ATOM   1046 O O   . PRO A 1 127 ? 16.514  3.527   -0.248  1.00 120.51 ? 151 PRO A O   1 
ATOM   1047 C CB  . PRO A 1 127 ? 14.679  4.653   -2.880  1.00 118.40 ? 151 PRO A CB  1 
ATOM   1048 C CG  . PRO A 1 127 ? 15.279  6.002   -2.629  1.00 118.53 ? 151 PRO A CG  1 
ATOM   1049 C CD  . PRO A 1 127 ? 14.543  6.472   -1.405  1.00 117.88 ? 151 PRO A CD  1 
ATOM   1050 N N   . ASP A 1 128 ? 15.791  1.980   -1.693  1.00 122.33 ? 152 ASP A N   1 
ATOM   1051 C CA  . ASP A 1 128 ? 16.876  1.064   -1.364  1.00 125.51 ? 152 ASP A CA  1 
ATOM   1052 C C   . ASP A 1 128 ? 17.658  0.554   -2.571  1.00 127.60 ? 152 ASP A C   1 
ATOM   1053 O O   . ASP A 1 128 ? 17.118  0.444   -3.673  1.00 127.71 ? 152 ASP A O   1 
ATOM   1054 C CB  . ASP A 1 128 ? 16.329  -0.121  -0.563  1.00 124.93 ? 152 ASP A CB  1 
ATOM   1055 C CG  . ASP A 1 128 ? 16.471  0.075   0.932   1.00 125.04 ? 152 ASP A CG  1 
ATOM   1056 O OD1 . ASP A 1 128 ? 16.120  1.167   1.430   1.00 124.84 ? 152 ASP A OD1 1 
ATOM   1057 O OD2 . ASP A 1 128 ? 16.932  -0.867  1.611   1.00 124.92 ? 152 ASP A OD2 1 
ATOM   1058 N N   . ILE A 1 129 ? 18.937  0.254   -2.348  1.00 129.46 ? 153 ILE A N   1 
ATOM   1059 C CA  . ILE A 1 129 ? 19.812  -0.257  -3.397  1.00 131.14 ? 153 ILE A CA  1 
ATOM   1060 C C   . ILE A 1 129 ? 20.449  -1.562  -2.923  1.00 133.35 ? 153 ILE A C   1 
ATOM   1061 O O   . ILE A 1 129 ? 21.364  -1.549  -2.096  1.00 132.92 ? 153 ILE A O   1 
ATOM   1062 C CB  . ILE A 1 129 ? 20.948  0.727   -3.725  1.00 129.77 ? 153 ILE A CB  1 
ATOM   1063 C CG1 . ILE A 1 129 ? 20.417  2.163   -3.813  1.00 128.18 ? 153 ILE A CG1 1 
ATOM   1064 C CG2 . ILE A 1 129 ? 21.588  0.327   -5.040  1.00 130.26 ? 153 ILE A CG2 1 
ATOM   1065 C CD1 . ILE A 1 129 ? 19.547  2.441   -5.005  1.00 127.37 ? 153 ILE A CD1 1 
ATOM   1066 N N   . HIS A 1 130 ? 19.959  -2.686  -3.444  1.00 136.29 ? 154 HIS A N   1 
ATOM   1067 C CA  . HIS A 1 130 ? 20.470  -4.004  -3.073  1.00 138.62 ? 154 HIS A CA  1 
ATOM   1068 C C   . HIS A 1 130 ? 21.190  -4.677  -4.236  1.00 139.01 ? 154 HIS A C   1 
ATOM   1069 O O   . HIS A 1 130 ? 20.793  -4.531  -5.391  1.00 139.96 ? 154 HIS A O   1 
ATOM   1070 C CB  . HIS A 1 130 ? 19.322  -4.902  -2.595  1.00 140.52 ? 154 HIS A CB  1 
ATOM   1071 C CG  . HIS A 1 130 ? 18.777  -4.529  -1.251  1.00 143.24 ? 154 HIS A CG  1 
ATOM   1072 N ND1 . HIS A 1 130 ? 19.523  -4.616  -0.095  1.00 144.65 ? 154 HIS A ND1 1 
ATOM   1073 C CD2 . HIS A 1 130 ? 17.555  -4.079  -0.876  1.00 143.89 ? 154 HIS A CD2 1 
ATOM   1074 C CE1 . HIS A 1 130 ? 18.785  -4.237  0.934   1.00 145.17 ? 154 HIS A CE1 1 
ATOM   1075 N NE2 . HIS A 1 130 ? 17.586  -3.907  0.487   1.00 144.97 ? 154 HIS A NE2 1 
ATOM   1076 N N   . GLU A 1 133 ? 27.328  -8.182  -2.967  1.00 175.51 ? 157 GLU A N   1 
ATOM   1077 C CA  . GLU A 1 133 ? 28.418  -7.313  -2.530  1.00 175.59 ? 157 GLU A CA  1 
ATOM   1078 C C   . GLU A 1 133 ? 29.642  -7.473  -3.442  1.00 175.74 ? 157 GLU A C   1 
ATOM   1079 O O   . GLU A 1 133 ? 30.722  -7.849  -2.985  1.00 175.85 ? 157 GLU A O   1 
ATOM   1080 C CB  . GLU A 1 133 ? 28.792  -7.645  -1.079  1.00 175.13 ? 157 GLU A CB  1 
ATOM   1081 C CG  . GLU A 1 133 ? 29.807  -6.702  -0.443  1.00 174.96 ? 157 GLU A CG  1 
ATOM   1082 C CD  . GLU A 1 133 ? 29.276  -5.288  -0.263  1.00 174.80 ? 157 GLU A CD  1 
ATOM   1083 O OE1 . GLU A 1 133 ? 28.897  -4.653  -1.270  1.00 174.19 ? 157 GLU A OE1 1 
ATOM   1084 O OE2 . GLU A 1 133 ? 29.240  -4.810  0.890   1.00 174.76 ? 157 GLU A OE2 1 
ATOM   1085 N N   . PRO A 1 134 ? 29.482  -7.195  -4.751  1.00 175.73 ? 158 PRO A N   1 
ATOM   1086 C CA  . PRO A 1 134 ? 30.565  -7.305  -5.742  1.00 175.50 ? 158 PRO A CA  1 
ATOM   1087 C C   . PRO A 1 134 ? 31.589  -6.160  -5.699  1.00 175.12 ? 158 PRO A C   1 
ATOM   1088 O O   . PRO A 1 134 ? 32.402  -6.074  -4.778  1.00 174.97 ? 158 PRO A O   1 
ATOM   1089 C CB  . PRO A 1 134 ? 29.812  -7.345  -7.075  1.00 175.74 ? 158 PRO A CB  1 
ATOM   1090 C CG  . PRO A 1 134 ? 28.432  -7.840  -6.693  1.00 175.68 ? 158 PRO A CG  1 
ATOM   1091 C CD  . PRO A 1 134 ? 28.179  -7.080  -5.428  1.00 175.56 ? 158 PRO A CD  1 
ATOM   1092 N N   . LEU A 1 135 ? 31.542  -5.302  -6.720  1.00 174.79 ? 159 LEU A N   1 
ATOM   1093 C CA  . LEU A 1 135 ? 32.420  -4.134  -6.861  1.00 174.44 ? 159 LEU A CA  1 
ATOM   1094 C C   . LEU A 1 135 ? 33.812  -4.389  -7.450  1.00 174.38 ? 159 LEU A C   1 
ATOM   1095 O O   . LEU A 1 135 ? 34.824  -4.043  -6.837  1.00 174.17 ? 159 LEU A O   1 
ATOM   1096 C CB  . LEU A 1 135 ? 32.564  -3.401  -5.518  1.00 173.77 ? 159 LEU A CB  1 
ATOM   1097 C CG  . LEU A 1 135 ? 31.312  -2.696  -4.983  1.00 173.20 ? 159 LEU A CG  1 
ATOM   1098 C CD1 . LEU A 1 135 ? 31.620  -2.035  -3.648  1.00 172.45 ? 159 LEU A CD1 1 
ATOM   1099 C CD2 . LEU A 1 135 ? 30.839  -1.661  -5.992  1.00 172.57 ? 159 LEU A CD2 1 
ATOM   1100 N N   . GLU A 1 136 ? 33.854  -4.977  -8.645  1.00 174.41 ? 160 GLU A N   1 
ATOM   1101 C CA  . GLU A 1 136 ? 35.117  -5.258  -9.330  1.00 174.11 ? 160 GLU A CA  1 
ATOM   1102 C C   . GLU A 1 136 ? 35.194  -4.514  -10.659 1.00 173.68 ? 160 GLU A C   1 
ATOM   1103 O O   . GLU A 1 136 ? 34.300  -4.631  -11.497 1.00 173.81 ? 160 GLU A O   1 
ATOM   1104 C CB  . GLU A 1 136 ? 35.277  -6.758  -9.598  1.00 174.26 ? 160 GLU A CB  1 
ATOM   1105 C CG  . GLU A 1 136 ? 35.582  -7.594  -8.369  1.00 175.05 ? 160 GLU A CG  1 
ATOM   1106 C CD  . GLU A 1 136 ? 35.866  -9.046  -8.712  1.00 175.51 ? 160 GLU A CD  1 
ATOM   1107 O OE1 . GLU A 1 136 ? 34.969  -9.718  -9.266  1.00 175.60 ? 160 GLU A OE1 1 
ATOM   1108 O OE2 . GLU A 1 136 ? 36.990  -9.515  -8.429  1.00 175.83 ? 160 GLU A OE2 1 
ATOM   1109 N N   . SER A 1 137 ? 36.269  -3.754  -10.847 1.00 173.24 ? 161 SER A N   1 
ATOM   1110 C CA  . SER A 1 137 ? 36.482  -2.988  -12.073 1.00 172.66 ? 161 SER A CA  1 
ATOM   1111 C C   . SER A 1 137 ? 36.466  -3.891  -13.307 1.00 172.51 ? 161 SER A C   1 
ATOM   1112 O O   . SER A 1 137 ? 37.506  -4.398  -13.732 1.00 172.65 ? 161 SER A O   1 
ATOM   1113 C CB  . SER A 1 137 ? 37.820  -2.246  -11.998 1.00 172.27 ? 161 SER A CB  1 
ATOM   1114 O OG  . SER A 1 137 ? 38.082  -1.541  -13.196 1.00 171.35 ? 161 SER A OG  1 
ATOM   1115 N N   . GLY A 1 138 ? 35.279  -4.081  -13.879 1.00 171.94 ? 162 GLY A N   1 
ATOM   1116 C CA  . GLY A 1 138 ? 35.145  -4.927  -15.051 1.00 170.77 ? 162 GLY A CA  1 
ATOM   1117 C C   . GLY A 1 138 ? 34.248  -6.115  -14.765 1.00 170.21 ? 162 GLY A C   1 
ATOM   1118 O O   . GLY A 1 138 ? 34.547  -7.243  -15.161 1.00 170.17 ? 162 GLY A O   1 
ATOM   1119 N N   . ARG A 1 139 ? 33.144  -5.858  -14.069 1.00 169.72 ? 163 ARG A N   1 
ATOM   1120 C CA  . ARG A 1 139 ? 32.186  -6.901  -13.717 1.00 169.19 ? 163 ARG A CA  1 
ATOM   1121 C C   . ARG A 1 139 ? 30.765  -6.408  -13.998 1.00 168.78 ? 163 ARG A C   1 
ATOM   1122 O O   . ARG A 1 139 ? 30.447  -5.240  -13.768 1.00 168.38 ? 163 ARG A O   1 
ATOM   1123 C CB  . ARG A 1 139 ? 32.330  -7.263  -12.240 1.00 169.14 ? 163 ARG A CB  1 
ATOM   1124 C CG  . ARG A 1 139 ? 32.105  -8.731  -11.931 1.00 169.08 ? 163 ARG A CG  1 
ATOM   1125 C CD  . ARG A 1 139 ? 32.270  -8.989  -10.444 1.00 169.26 ? 163 ARG A CD  1 
ATOM   1126 N NE  . ARG A 1 139 ? 32.343  -10.411 -10.121 1.00 169.19 ? 163 ARG A NE  1 
ATOM   1127 C CZ  . ARG A 1 139 ? 31.397  -11.300 -10.406 1.00 169.30 ? 163 ARG A CZ  1 
ATOM   1128 N NH1 . ARG A 1 139 ? 30.290  -10.920 -11.031 1.00 169.39 ? 163 ARG A NH1 1 
ATOM   1129 N NH2 . ARG A 1 139 ? 31.555  -12.570 -10.061 1.00 169.17 ? 163 ARG A NH2 1 
ATOM   1130 N N   . PRO A 1 140 ? 29.892  -7.298  -14.500 1.00 168.41 ? 164 PRO A N   1 
ATOM   1131 C CA  . PRO A 1 140 ? 28.498  -6.972  -14.825 1.00 168.21 ? 164 PRO A CA  1 
ATOM   1132 C C   . PRO A 1 140 ? 27.557  -6.934  -13.619 1.00 168.11 ? 164 PRO A C   1 
ATOM   1133 O O   . PRO A 1 140 ? 26.559  -7.658  -13.578 1.00 168.28 ? 164 PRO A O   1 
ATOM   1134 C CB  . PRO A 1 140 ? 28.123  -8.071  -15.807 1.00 167.94 ? 164 PRO A CB  1 
ATOM   1135 C CG  . PRO A 1 140 ? 28.836  -9.251  -15.226 1.00 167.82 ? 164 PRO A CG  1 
ATOM   1136 C CD  . PRO A 1 140 ? 30.204  -8.686  -14.886 1.00 167.89 ? 164 PRO A CD  1 
ATOM   1137 N N   . THR A 1 141 ? 27.872  -6.084  -12.646 1.00 167.55 ? 165 THR A N   1 
ATOM   1138 C CA  . THR A 1 141 ? 27.050  -5.958  -11.444 1.00 166.43 ? 165 THR A CA  1 
ATOM   1139 C C   . THR A 1 141 ? 25.697  -5.325  -11.777 1.00 165.63 ? 165 THR A C   1 
ATOM   1140 O O   . THR A 1 141 ? 25.608  -4.445  -12.636 1.00 165.35 ? 165 THR A O   1 
ATOM   1141 C CB  . THR A 1 141 ? 27.759  -5.094  -10.375 1.00 166.23 ? 165 THR A CB  1 
ATOM   1142 O OG1 . THR A 1 141 ? 29.061  -5.630  -10.109 1.00 166.45 ? 165 THR A OG1 1 
ATOM   1143 C CG2 . THR A 1 141 ? 26.956  -5.083  -9.082  1.00 166.06 ? 165 THR A CG2 1 
ATOM   1144 N N   . ARG A 1 142 ? 24.646  -5.779  -11.098 1.00 164.59 ? 166 ARG A N   1 
ATOM   1145 C CA  . ARG A 1 142 ? 23.300  -5.256  -11.326 1.00 163.35 ? 166 ARG A CA  1 
ATOM   1146 C C   . ARG A 1 142 ? 22.696  -4.692  -10.039 1.00 161.89 ? 166 ARG A C   1 
ATOM   1147 O O   . ARG A 1 142 ? 22.652  -5.366  -9.008  1.00 161.80 ? 166 ARG A O   1 
ATOM   1148 C CB  . ARG A 1 142 ? 22.402  -6.357  -11.901 1.00 164.12 ? 166 ARG A CB  1 
ATOM   1149 C CG  . ARG A 1 142 ? 22.967  -6.995  -13.164 1.00 164.71 ? 166 ARG A CG  1 
ATOM   1150 C CD  . ARG A 1 142 ? 22.021  -8.016  -13.782 1.00 165.14 ? 166 ARG A CD  1 
ATOM   1151 N NE  . ARG A 1 142 ? 22.620  -8.660  -14.951 1.00 165.30 ? 166 ARG A NE  1 
ATOM   1152 C CZ  . ARG A 1 142 ? 21.990  -9.520  -15.745 1.00 165.35 ? 166 ARG A CZ  1 
ATOM   1153 N NH1 . ARG A 1 142 ? 20.727  -9.850  -15.503 1.00 165.47 ? 166 ARG A NH1 1 
ATOM   1154 N NH2 . ARG A 1 142 ? 22.622  -10.054 -16.783 1.00 165.11 ? 166 ARG A NH2 1 
ATOM   1155 N N   . LEU A 1 143 ? 22.232  -3.448  -10.116 1.00 159.89 ? 167 LEU A N   1 
ATOM   1156 C CA  . LEU A 1 143 ? 21.644  -2.758  -8.973  1.00 157.86 ? 167 LEU A CA  1 
ATOM   1157 C C   . LEU A 1 143 ? 20.120  -2.781  -9.019  1.00 156.44 ? 167 LEU A C   1 
ATOM   1158 O O   . LEU A 1 143 ? 19.526  -3.020  -10.066 1.00 156.80 ? 167 LEU A O   1 
ATOM   1159 C CB  . LEU A 1 143 ? 22.130  -1.310  -8.951  1.00 157.29 ? 167 LEU A CB  1 
ATOM   1160 C CG  . LEU A 1 143 ? 23.648  -1.144  -9.036  1.00 156.13 ? 167 LEU A CG  1 
ATOM   1161 C CD1 . LEU A 1 143 ? 23.993  0.317   -9.262  1.00 155.38 ? 167 LEU A CD1 1 
ATOM   1162 C CD2 . LEU A 1 143 ? 24.291  -1.678  -7.764  1.00 155.37 ? 167 LEU A CD2 1 
ATOM   1163 N N   . SER A 1 144 ? 19.491  -2.519  -7.879  1.00 154.29 ? 168 SER A N   1 
ATOM   1164 C CA  . SER A 1 144 ? 18.035  -2.514  -7.793  1.00 151.79 ? 168 SER A CA  1 
ATOM   1165 C C   . SER A 1 144 ? 17.552  -1.479  -6.782  1.00 150.12 ? 168 SER A C   1 
ATOM   1166 O O   . SER A 1 144 ? 17.770  -1.627  -5.579  1.00 150.33 ? 168 SER A O   1 
ATOM   1167 C CB  . SER A 1 144 ? 17.538  -3.902  -7.386  1.00 151.79 ? 168 SER A CB  1 
ATOM   1168 O OG  . SER A 1 144 ? 18.121  -4.306  -6.158  1.00 151.24 ? 168 SER A OG  1 
ATOM   1169 N N   . CYS A 1 145 ? 16.889  -0.438  -7.275  1.00 147.58 ? 169 CYS A N   1 
ATOM   1170 C CA  . CYS A 1 145 ? 16.386  0.630   -6.417  1.00 145.11 ? 169 CYS A CA  1 
ATOM   1171 C C   . CYS A 1 145 ? 14.892  0.502   -6.136  1.00 143.99 ? 169 CYS A C   1 
ATOM   1172 O O   . CYS A 1 145 ? 14.063  0.977   -6.911  1.00 143.76 ? 169 CYS A O   1 
ATOM   1173 C CB  . CYS A 1 145 ? 16.687  1.988   -7.059  1.00 144.70 ? 169 CYS A CB  1 
ATOM   1174 S SG  . CYS A 1 145 ? 16.056  3.451   -6.176  1.00 143.15 ? 169 CYS A SG  1 
ATOM   1175 N N   . SER A 1 146 ? 14.560  -0.142  -5.020  1.00 142.54 ? 170 SER A N   1 
ATOM   1176 C CA  . SER A 1 146 ? 13.168  -0.340  -4.618  1.00 140.75 ? 170 SER A CA  1 
ATOM   1177 C C   . SER A 1 146 ? 12.812  0.574   -3.449  1.00 139.82 ? 170 SER A C   1 
ATOM   1178 O O   . SER A 1 146 ? 13.587  1.459   -3.089  1.00 140.79 ? 170 SER A O   1 
ATOM   1179 C CB  . SER A 1 146 ? 12.942  -1.795  -4.208  1.00 140.62 ? 170 SER A CB  1 
ATOM   1180 O OG  . SER A 1 146 ? 13.746  -2.133  -3.093  1.00 140.49 ? 170 SER A OG  1 
ATOM   1181 N N   . LEU A 1 147 ? 11.643  0.355   -2.854  1.00 138.09 ? 171 LEU A N   1 
ATOM   1182 C CA  . LEU A 1 147 ? 11.198  1.168   -1.724  1.00 135.62 ? 171 LEU A CA  1 
ATOM   1183 C C   . LEU A 1 147 ? 10.386  0.372   -0.706  1.00 133.98 ? 171 LEU A C   1 
ATOM   1184 O O   . LEU A 1 147 ? 9.321   -0.154  -1.019  1.00 134.20 ? 171 LEU A O   1 
ATOM   1185 C CB  . LEU A 1 147 ? 10.368  2.353   -2.225  1.00 135.15 ? 171 LEU A CB  1 
ATOM   1186 C CG  . LEU A 1 147 ? 9.613   3.165   -1.168  1.00 134.72 ? 171 LEU A CG  1 
ATOM   1187 C CD1 . LEU A 1 147 ? 10.543  3.558   -0.031  1.00 133.92 ? 171 LEU A CD1 1 
ATOM   1188 C CD2 . LEU A 1 147 ? 9.013   4.398   -1.821  1.00 133.97 ? 171 LEU A CD2 1 
ATOM   1189 N N   . PRO A 1 148 ? 10.883  0.278   0.535   1.00 132.49 ? 172 PRO A N   1 
ATOM   1190 C CA  . PRO A 1 148 ? 10.210  -0.454  1.612   1.00 131.09 ? 172 PRO A CA  1 
ATOM   1191 C C   . PRO A 1 148 ? 8.784   0.035   1.858   1.00 129.63 ? 172 PRO A C   1 
ATOM   1192 O O   . PRO A 1 148 ? 8.460   1.190   1.578   1.00 129.27 ? 172 PRO A O   1 
ATOM   1193 C CB  . PRO A 1 148 ? 11.113  -0.201  2.816   1.00 131.35 ? 172 PRO A CB  1 
ATOM   1194 C CG  . PRO A 1 148 ? 12.463  -0.096  2.195   1.00 132.02 ? 172 PRO A CG  1 
ATOM   1195 C CD  . PRO A 1 148 ? 12.196  0.773   0.986   1.00 132.32 ? 172 PRO A CD  1 
ATOM   1196 N N   . GLY A 1 149 ? 7.943   -0.855  2.379   1.00 128.12 ? 173 GLY A N   1 
ATOM   1197 C CA  . GLY A 1 149 ? 6.562   -0.509  2.671   1.00 125.88 ? 173 GLY A CA  1 
ATOM   1198 C C   . GLY A 1 149 ? 5.735   -0.101  1.467   1.00 124.78 ? 173 GLY A C   1 
ATOM   1199 O O   . GLY A 1 149 ? 4.657   0.469   1.620   1.00 125.16 ? 173 GLY A O   1 
ATOM   1200 N N   . SER A 1 150 ? 6.233   -0.387  0.269   1.00 123.72 ? 174 SER A N   1 
ATOM   1201 C CA  . SER A 1 150 ? 5.523   -0.047  -0.958  1.00 121.85 ? 174 SER A CA  1 
ATOM   1202 C C   . SER A 1 150 ? 4.605   -1.204  -1.366  1.00 121.46 ? 174 SER A C   1 
ATOM   1203 O O   . SER A 1 150 ? 4.790   -2.347  -0.933  1.00 120.05 ? 174 SER A O   1 
ATOM   1204 C CB  . SER A 1 150 ? 6.530   0.254   -2.078  1.00 121.55 ? 174 SER A CB  1 
ATOM   1205 O OG  . SER A 1 150 ? 5.896   0.750   -3.246  1.00 119.70 ? 174 SER A OG  1 
ATOM   1206 N N   . CYS A 1 151 ? 3.611   -0.886  -2.188  1.00 121.21 ? 175 CYS A N   1 
ATOM   1207 C CA  . CYS A 1 151 ? 2.640   -1.855  -2.684  1.00 122.01 ? 175 CYS A CA  1 
ATOM   1208 C C   . CYS A 1 151 ? 2.446   -1.590  -4.159  1.00 124.66 ? 175 CYS A C   1 
ATOM   1209 O O   . CYS A 1 151 ? 2.773   -0.509  -4.644  1.00 124.90 ? 175 CYS A O   1 
ATOM   1210 C CB  . CYS A 1 151 ? 1.282   -1.670  -2.000  1.00 118.83 ? 175 CYS A CB  1 
ATOM   1211 S SG  . CYS A 1 151 ? 1.073   -2.431  -0.359  1.00 117.31 ? 175 CYS A SG  1 
ATOM   1212 N N   . GLU A 1 152 ? 1.916   -2.574  -4.875  1.00 128.17 ? 176 GLU A N   1 
ATOM   1213 C CA  . GLU A 1 152 ? 1.641   -2.382  -6.291  1.00 132.14 ? 176 GLU A CA  1 
ATOM   1214 C C   . GLU A 1 152 ? 0.189   -1.920  -6.352  1.00 133.61 ? 176 GLU A C   1 
ATOM   1215 O O   . GLU A 1 152 ? -0.547  -2.247  -7.281  1.00 134.80 ? 176 GLU A O   1 
ATOM   1216 C CB  . GLU A 1 152 ? 1.838   -3.685  -7.078  1.00 133.38 ? 176 GLU A CB  1 
ATOM   1217 C CG  . GLU A 1 152 ? 1.078   -4.887  -6.535  1.00 136.42 ? 176 GLU A CG  1 
ATOM   1218 C CD  . GLU A 1 152 ? 1.217   -6.122  -7.421  1.00 138.07 ? 176 GLU A CD  1 
ATOM   1219 O OE1 . GLU A 1 152 ? 2.366   -6.540  -7.693  1.00 138.79 ? 176 GLU A OE1 1 
ATOM   1220 O OE2 . GLU A 1 152 ? 0.173   -6.674  -7.843  1.00 137.82 ? 176 GLU A OE2 1 
ATOM   1221 N N   . ALA A 1 153 ? -0.202  -1.153  -5.335  1.00 134.97 ? 177 ALA A N   1 
ATOM   1222 C CA  . ALA A 1 153 ? -1.555  -0.621  -5.205  1.00 135.87 ? 177 ALA A CA  1 
ATOM   1223 C C   . ALA A 1 153 ? -1.868  0.455   -6.236  1.00 136.47 ? 177 ALA A C   1 
ATOM   1224 O O   . ALA A 1 153 ? -2.498  0.182   -7.255  1.00 137.10 ? 177 ALA A O   1 
ATOM   1225 C CB  . ALA A 1 153 ? -1.757  -0.064  -3.803  1.00 135.86 ? 177 ALA A CB  1 
ATOM   1226 N N   . GLY A 1 154 ? -1.431  1.679   -5.964  1.00 136.91 ? 178 GLY A N   1 
ATOM   1227 C CA  . GLY A 1 154 ? -1.692  2.769   -6.888  1.00 138.14 ? 178 GLY A CA  1 
ATOM   1228 C C   . GLY A 1 154 ? -1.013  2.604   -8.239  1.00 139.18 ? 178 GLY A C   1 
ATOM   1229 O O   . GLY A 1 154 ? -0.762  1.482   -8.685  1.00 138.69 ? 178 GLY A O   1 
ATOM   1230 N N   . PRO A 1 155 ? -0.719  3.721   -8.928  1.00 139.91 ? 179 PRO A N   1 
ATOM   1231 C CA  . PRO A 1 155 ? -0.061  3.706   -10.239 1.00 140.57 ? 179 PRO A CA  1 
ATOM   1232 C C   . PRO A 1 155 ? 1.453   3.562   -10.079 1.00 141.50 ? 179 PRO A C   1 
ATOM   1233 O O   . PRO A 1 155 ? 2.088   4.365   -9.395  1.00 141.62 ? 179 PRO A O   1 
ATOM   1234 C CB  . PRO A 1 155 ? -0.458  5.052   -10.826 1.00 140.20 ? 179 PRO A CB  1 
ATOM   1235 C CG  . PRO A 1 155 ? -0.447  5.936   -9.619  1.00 139.97 ? 179 PRO A CG  1 
ATOM   1236 C CD  . PRO A 1 155 ? -1.149  5.087   -8.573  1.00 139.84 ? 179 PRO A CD  1 
ATOM   1237 N N   . PRO A 1 156 ? 2.050   2.541   -10.718 1.00 142.33 ? 180 PRO A N   1 
ATOM   1238 C CA  . PRO A 1 156 ? 3.490   2.273   -10.656 1.00 142.73 ? 180 PRO A CA  1 
ATOM   1239 C C   . PRO A 1 156 ? 4.390   3.499   -10.460 1.00 143.12 ? 180 PRO A C   1 
ATOM   1240 O O   . PRO A 1 156 ? 4.077   4.603   -10.914 1.00 142.79 ? 180 PRO A O   1 
ATOM   1241 C CB  . PRO A 1 156 ? 3.749   1.547   -11.967 1.00 142.43 ? 180 PRO A CB  1 
ATOM   1242 C CG  . PRO A 1 156 ? 2.525   0.695   -12.080 1.00 142.25 ? 180 PRO A CG  1 
ATOM   1243 C CD  . PRO A 1 156 ? 1.408   1.666   -11.720 1.00 142.43 ? 180 PRO A CD  1 
ATOM   1244 N N   . LEU A 1 157 ? 5.510   3.282   -9.774  1.00 143.23 ? 181 LEU A N   1 
ATOM   1245 C CA  . LEU A 1 157 ? 6.472   4.337   -9.481  1.00 143.35 ? 181 LEU A CA  1 
ATOM   1246 C C   . LEU A 1 157 ? 7.378   4.683   -10.653 1.00 143.55 ? 181 LEU A C   1 
ATOM   1247 O O   . LEU A 1 157 ? 7.467   3.939   -11.626 1.00 143.58 ? 181 LEU A O   1 
ATOM   1248 C CB  . LEU A 1 157 ? 7.328   3.933   -8.282  1.00 143.19 ? 181 LEU A CB  1 
ATOM   1249 C CG  . LEU A 1 157 ? 6.611   3.975   -6.931  1.00 143.50 ? 181 LEU A CG  1 
ATOM   1250 C CD1 . LEU A 1 157 ? 7.365   3.140   -5.910  1.00 143.99 ? 181 LEU A CD1 1 
ATOM   1251 C CD2 . LEU A 1 157 ? 6.488   5.419   -6.474  1.00 142.72 ? 181 LEU A CD2 1 
ATOM   1252 N N   . THR A 1 158 ? 8.053   5.823   -10.540 1.00 144.12 ? 182 THR A N   1 
ATOM   1253 C CA  . THR A 1 158 ? 8.961   6.294   -11.579 1.00 144.63 ? 182 THR A CA  1 
ATOM   1254 C C   . THR A 1 158 ? 10.353  6.575   -10.996 1.00 144.98 ? 182 THR A C   1 
ATOM   1255 O O   . THR A 1 158 ? 10.490  7.294   -10.004 1.00 144.52 ? 182 THR A O   1 
ATOM   1256 C CB  . THR A 1 158 ? 8.400   7.573   -12.255 1.00 144.24 ? 182 THR A CB  1 
ATOM   1257 O OG1 . THR A 1 158 ? 9.313   8.030   -13.257 1.00 144.50 ? 182 THR A OG1 1 
ATOM   1258 C CG2 . THR A 1 158 ? 8.189   8.670   -11.236 1.00 143.93 ? 182 THR A CG2 1 
ATOM   1259 N N   . PHE A 1 159 ? 11.379  5.996   -11.619 1.00 145.28 ? 183 PHE A N   1 
ATOM   1260 C CA  . PHE A 1 159 ? 12.759  6.163   -11.166 1.00 145.12 ? 183 PHE A CA  1 
ATOM   1261 C C   . PHE A 1 159 ? 13.604  6.972   -12.149 1.00 144.93 ? 183 PHE A C   1 
ATOM   1262 O O   . PHE A 1 159 ? 13.287  7.069   -13.336 1.00 144.86 ? 183 PHE A O   1 
ATOM   1263 C CB  . PHE A 1 159 ? 13.441  4.803   -10.975 1.00 144.81 ? 183 PHE A CB  1 
ATOM   1264 C CG  . PHE A 1 159 ? 12.546  3.731   -10.427 1.00 144.74 ? 183 PHE A CG  1 
ATOM   1265 C CD1 . PHE A 1 159 ? 11.477  3.248   -11.174 1.00 144.44 ? 183 PHE A CD1 1 
ATOM   1266 C CD2 . PHE A 1 159 ? 12.803  3.165   -9.184  1.00 144.83 ? 183 PHE A CD2 1 
ATOM   1267 C CE1 . PHE A 1 159 ? 10.680  2.216   -10.691 1.00 145.04 ? 183 PHE A CE1 1 
ATOM   1268 C CE2 . PHE A 1 159 ? 12.011  2.130   -8.693  1.00 144.45 ? 183 PHE A CE2 1 
ATOM   1269 C CZ  . PHE A 1 159 ? 10.950  1.655   -9.448  1.00 144.70 ? 183 PHE A CZ  1 
ATOM   1270 N N   . SER A 1 160 ? 14.694  7.532   -11.638 1.00 144.81 ? 184 SER A N   1 
ATOM   1271 C CA  . SER A 1 160 ? 15.625  8.324   -12.433 1.00 144.37 ? 184 SER A CA  1 
ATOM   1272 C C   . SER A 1 160 ? 16.941  8.391   -11.668 1.00 144.58 ? 184 SER A C   1 
ATOM   1273 O O   . SER A 1 160 ? 17.007  8.980   -10.589 1.00 144.73 ? 184 SER A O   1 
ATOM   1274 C CB  . SER A 1 160 ? 15.075  9.736   -12.654 1.00 143.62 ? 184 SER A CB  1 
ATOM   1275 O OG  . SER A 1 160 ? 14.886  10.410  -11.423 1.00 142.85 ? 184 SER A OG  1 
ATOM   1276 N N   . TRP A 1 161 ? 17.986  7.780   -12.221 1.00 144.86 ? 185 TRP A N   1 
ATOM   1277 C CA  . TRP A 1 161 ? 19.287  7.770   -11.563 1.00 145.25 ? 185 TRP A CA  1 
ATOM   1278 C C   . TRP A 1 161 ? 20.132  9.011   -11.827 1.00 146.52 ? 185 TRP A C   1 
ATOM   1279 O O   . TRP A 1 161 ? 20.144  9.554   -12.934 1.00 146.63 ? 185 TRP A O   1 
ATOM   1280 C CB  . TRP A 1 161 ? 20.080  6.532   -11.976 1.00 143.35 ? 185 TRP A CB  1 
ATOM   1281 C CG  . TRP A 1 161 ? 19.389  5.251   -11.665 1.00 141.98 ? 185 TRP A CG  1 
ATOM   1282 C CD1 . TRP A 1 161 ? 18.327  4.712   -12.329 1.00 141.77 ? 185 TRP A CD1 1 
ATOM   1283 C CD2 . TRP A 1 161 ? 19.724  4.327   -10.624 1.00 141.11 ? 185 TRP A CD2 1 
ATOM   1284 N NE1 . TRP A 1 161 ? 17.983  3.504   -11.771 1.00 141.69 ? 185 TRP A NE1 1 
ATOM   1285 C CE2 . TRP A 1 161 ? 18.825  3.243   -10.723 1.00 141.10 ? 185 TRP A CE2 1 
ATOM   1286 C CE3 . TRP A 1 161 ? 20.699  4.307   -9.619  1.00 140.09 ? 185 TRP A CE3 1 
ATOM   1287 C CZ2 . TRP A 1 161 ? 18.873  2.147   -9.854  1.00 140.64 ? 185 TRP A CZ2 1 
ATOM   1288 C CZ3 . TRP A 1 161 ? 20.747  3.218   -8.754  1.00 139.77 ? 185 TRP A CZ3 1 
ATOM   1289 C CH2 . TRP A 1 161 ? 19.839  2.153   -8.879  1.00 139.86 ? 185 TRP A CH2 1 
ATOM   1290 N N   . THR A 1 162 ? 20.844  9.444   -10.791 1.00 148.04 ? 186 THR A N   1 
ATOM   1291 C CA  . THR A 1 162 ? 21.712  10.615  -10.857 1.00 148.99 ? 186 THR A CA  1 
ATOM   1292 C C   . THR A 1 162 ? 23.130  10.239  -10.424 1.00 149.62 ? 186 THR A C   1 
ATOM   1293 O O   . THR A 1 162 ? 23.325  9.328   -9.617  1.00 149.31 ? 186 THR A O   1 
ATOM   1294 C CB  . THR A 1 162 ? 21.183  11.749  -9.940  1.00 149.05 ? 186 THR A CB  1 
ATOM   1295 O OG1 . THR A 1 162 ? 19.923  12.217  -10.437 1.00 149.26 ? 186 THR A OG1 1 
ATOM   1296 C CG2 . THR A 1 162 ? 22.166  12.908  -9.888  1.00 149.03 ? 186 THR A CG2 1 
ATOM   1297 N N   . GLY A 1 163 ? 24.116  10.944  -10.969 1.00 150.68 ? 187 GLY A N   1 
ATOM   1298 C CA  . GLY A 1 163 ? 25.501  10.670  -10.633 1.00 151.86 ? 187 GLY A CA  1 
ATOM   1299 C C   . GLY A 1 163 ? 26.435  10.913  -11.803 1.00 152.68 ? 187 GLY A C   1 
ATOM   1300 O O   . GLY A 1 163 ? 25.997  10.995  -12.951 1.00 153.07 ? 187 GLY A O   1 
ATOM   1301 N N   . ASN A 1 164 ? 27.726  11.033  -11.515 1.00 153.21 ? 188 ASN A N   1 
ATOM   1302 C CA  . ASN A 1 164 ? 28.713  11.263  -12.560 1.00 154.06 ? 188 ASN A CA  1 
ATOM   1303 C C   . ASN A 1 164 ? 29.051  9.966   -13.288 1.00 154.55 ? 188 ASN A C   1 
ATOM   1304 O O   . ASN A 1 164 ? 29.461  9.983   -14.449 1.00 154.73 ? 188 ASN A O   1 
ATOM   1305 C CB  . ASN A 1 164 ? 29.986  11.870  -11.960 1.00 153.99 ? 188 ASN A CB  1 
ATOM   1306 C CG  . ASN A 1 164 ? 29.824  13.341  -11.609 1.00 154.22 ? 188 ASN A CG  1 
ATOM   1307 O OD1 . ASN A 1 164 ? 28.876  13.729  -10.924 1.00 154.39 ? 188 ASN A OD1 1 
ATOM   1308 N ND2 . ASN A 1 164 ? 30.755  14.166  -12.077 1.00 154.40 ? 188 ASN A ND2 1 
ATOM   1309 N N   . ALA A 1 165 ? 28.862  8.843   -12.604 1.00 155.07 ? 189 ALA A N   1 
ATOM   1310 C CA  . ALA A 1 165 ? 29.164  7.536   -13.173 1.00 156.05 ? 189 ALA A CA  1 
ATOM   1311 C C   . ALA A 1 165 ? 28.022  6.958   -14.006 1.00 156.99 ? 189 ALA A C   1 
ATOM   1312 O O   . ALA A 1 165 ? 27.773  5.752   -13.971 1.00 156.85 ? 189 ALA A O   1 
ATOM   1313 C CB  . ALA A 1 165 ? 29.530  6.567   -12.058 1.00 155.80 ? 189 ALA A CB  1 
ATOM   1314 N N   . LEU A 1 166 ? 27.337  7.810   -14.762 1.00 158.31 ? 190 LEU A N   1 
ATOM   1315 C CA  . LEU A 1 166 ? 26.223  7.351   -15.589 1.00 159.77 ? 190 LEU A CA  1 
ATOM   1316 C C   . LEU A 1 166 ? 26.470  7.548   -17.085 1.00 160.63 ? 190 LEU A C   1 
ATOM   1317 O O   . LEU A 1 166 ? 25.544  7.466   -17.896 1.00 160.68 ? 190 LEU A O   1 
ATOM   1318 C CB  . LEU A 1 166 ? 24.934  8.066   -15.173 1.00 159.75 ? 190 LEU A CB  1 
ATOM   1319 C CG  . LEU A 1 166 ? 24.453  7.857   -13.732 1.00 159.83 ? 190 LEU A CG  1 
ATOM   1320 C CD1 . LEU A 1 166 ? 23.197  8.673   -13.494 1.00 160.05 ? 190 LEU A CD1 1 
ATOM   1321 C CD2 . LEU A 1 166 ? 24.181  6.384   -13.477 1.00 159.89 ? 190 LEU A CD2 1 
ATOM   1322 N N   . SER A 1 167 ? 27.724  7.800   -17.447 1.00 161.58 ? 191 SER A N   1 
ATOM   1323 C CA  . SER A 1 167 ? 28.091  7.995   -18.845 1.00 162.39 ? 191 SER A CA  1 
ATOM   1324 C C   . SER A 1 167 ? 28.839  6.806   -19.468 1.00 163.45 ? 191 SER A C   1 
ATOM   1325 O O   . SER A 1 167 ? 28.816  6.638   -20.689 1.00 163.16 ? 191 SER A O   1 
ATOM   1326 C CB  . SER A 1 167 ? 28.931  9.262   -18.999 1.00 161.77 ? 191 SER A CB  1 
ATOM   1327 O OG  . SER A 1 167 ? 29.181  9.529   -20.366 1.00 161.10 ? 191 SER A OG  1 
ATOM   1328 N N   . PRO A 1 168 ? 29.520  5.974   -18.645 1.00 164.56 ? 192 PRO A N   1 
ATOM   1329 C CA  . PRO A 1 168 ? 30.254  4.817   -19.181 1.00 165.32 ? 192 PRO A CA  1 
ATOM   1330 C C   . PRO A 1 168 ? 29.418  3.943   -20.116 1.00 166.30 ? 192 PRO A C   1 
ATOM   1331 O O   . PRO A 1 168 ? 29.930  3.411   -21.101 1.00 166.14 ? 192 PRO A O   1 
ATOM   1332 C CB  . PRO A 1 168 ? 30.683  4.077   -17.920 1.00 164.71 ? 192 PRO A CB  1 
ATOM   1333 C CG  . PRO A 1 168 ? 30.969  5.198   -16.983 1.00 164.46 ? 192 PRO A CG  1 
ATOM   1334 C CD  . PRO A 1 168 ? 29.774  6.112   -17.197 1.00 164.68 ? 192 PRO A CD  1 
ATOM   1335 N N   . LEU A 1 169 ? 28.135  3.793   -19.796 1.00 167.54 ? 193 LEU A N   1 
ATOM   1336 C CA  . LEU A 1 169 ? 27.220  3.003   -20.616 1.00 168.63 ? 193 LEU A CA  1 
ATOM   1337 C C   . LEU A 1 169 ? 26.035  3.849   -21.077 1.00 169.60 ? 193 LEU A C   1 
ATOM   1338 O O   . LEU A 1 169 ? 26.109  5.080   -21.086 1.00 169.71 ? 193 LEU A O   1 
ATOM   1339 C CB  . LEU A 1 169 ? 26.722  1.773   -19.844 1.00 167.97 ? 193 LEU A CB  1 
ATOM   1340 C CG  . LEU A 1 169 ? 27.606  0.523   -19.919 1.00 167.40 ? 193 LEU A CG  1 
ATOM   1341 C CD1 . LEU A 1 169 ? 27.065  -0.553  -18.994 1.00 167.24 ? 193 LEU A CD1 1 
ATOM   1342 C CD2 . LEU A 1 169 ? 27.650  0.015   -21.351 1.00 167.06 ? 193 LEU A CD2 1 
ATOM   1343 N N   . ASP A 1 170 ? 24.950  3.181   -21.460 1.00 170.59 ? 194 ASP A N   1 
ATOM   1344 C CA  . ASP A 1 170 ? 23.744  3.855   -21.940 1.00 171.42 ? 194 ASP A CA  1 
ATOM   1345 C C   . ASP A 1 170 ? 23.410  5.148   -21.201 1.00 171.56 ? 194 ASP A C   1 
ATOM   1346 O O   . ASP A 1 170 ? 23.329  5.175   -19.971 1.00 172.00 ? 194 ASP A O   1 
ATOM   1347 C CB  . ASP A 1 170 ? 22.543  2.911   -21.864 1.00 171.91 ? 194 ASP A CB  1 
ATOM   1348 C CG  . ASP A 1 170 ? 22.672  1.728   -22.802 1.00 172.67 ? 194 ASP A CG  1 
ATOM   1349 O OD1 . ASP A 1 170 ? 23.604  0.917   -22.615 1.00 173.41 ? 194 ASP A OD1 1 
ATOM   1350 O OD2 . ASP A 1 170 ? 21.841  1.615   -23.728 1.00 172.80 ? 194 ASP A OD2 1 
ATOM   1351 N N   . PRO A 1 171 ? 23.220  6.244   -21.954 1.00 171.22 ? 195 PRO A N   1 
ATOM   1352 C CA  . PRO A 1 171 ? 22.890  7.562   -21.408 1.00 170.67 ? 195 PRO A CA  1 
ATOM   1353 C C   . PRO A 1 171 ? 21.382  7.797   -21.400 1.00 170.10 ? 195 PRO A C   1 
ATOM   1354 O O   . PRO A 1 171 ? 20.925  8.938   -21.484 1.00 169.19 ? 195 PRO A O   1 
ATOM   1355 C CB  . PRO A 1 171 ? 23.601  8.498   -22.366 1.00 170.85 ? 195 PRO A CB  1 
ATOM   1356 C CG  . PRO A 1 171 ? 23.334  7.827   -23.679 1.00 171.08 ? 195 PRO A CG  1 
ATOM   1357 C CD  . PRO A 1 171 ? 23.594  6.356   -23.378 1.00 170.85 ? 195 PRO A CD  1 
ATOM   1358 N N   . GLU A 1 172 ? 20.616  6.714   -21.304 1.00 169.82 ? 196 GLU A N   1 
ATOM   1359 C CA  . GLU A 1 172 ? 19.162  6.817   -21.298 1.00 169.55 ? 196 GLU A CA  1 
ATOM   1360 C C   . GLU A 1 172 ? 18.485  5.624   -20.617 1.00 169.37 ? 196 GLU A C   1 
ATOM   1361 O O   . GLU A 1 172 ? 17.416  5.774   -20.028 1.00 169.63 ? 196 GLU A O   1 
ATOM   1362 C CB  . GLU A 1 172 ? 18.656  6.965   -22.739 1.00 169.44 ? 196 GLU A CB  1 
ATOM   1363 C CG  . GLU A 1 172 ? 17.245  7.520   -22.872 1.00 168.55 ? 196 GLU A CG  1 
ATOM   1364 C CD  . GLU A 1 172 ? 16.194  6.585   -22.321 1.00 168.40 ? 196 GLU A CD  1 
ATOM   1365 O OE1 . GLU A 1 172 ? 16.116  5.433   -22.796 1.00 168.21 ? 196 GLU A OE1 1 
ATOM   1366 O OE2 . GLU A 1 172 ? 15.445  7.003   -21.413 1.00 168.29 ? 196 GLU A OE2 1 
ATOM   1367 N N   . THR A 1 173 ? 19.100  4.445   -20.689 1.00 168.92 ? 197 THR A N   1 
ATOM   1368 C CA  . THR A 1 173 ? 18.517  3.262   -20.057 1.00 168.53 ? 197 THR A CA  1 
ATOM   1369 C C   . THR A 1 173 ? 18.776  3.289   -18.553 1.00 168.24 ? 197 THR A C   1 
ATOM   1370 O O   . THR A 1 173 ? 19.385  2.374   -17.995 1.00 167.89 ? 197 THR A O   1 
ATOM   1371 C CB  . THR A 1 173 ? 19.098  1.951   -20.631 1.00 168.38 ? 197 THR A CB  1 
ATOM   1372 O OG1 . THR A 1 173 ? 20.493  1.868   -20.319 1.00 168.24 ? 197 THR A OG1 1 
ATOM   1373 C CG2 . THR A 1 173 ? 18.910  1.895   -22.138 1.00 168.06 ? 197 THR A CG2 1 
ATOM   1374 N N   . THR A 1 174 ? 18.305  4.347   -17.902 1.00 167.90 ? 198 THR A N   1 
ATOM   1375 C CA  . THR A 1 174 ? 18.485  4.509   -16.467 1.00 167.51 ? 198 THR A CA  1 
ATOM   1376 C C   . THR A 1 174 ? 17.164  4.891   -15.803 1.00 167.30 ? 198 THR A C   1 
ATOM   1377 O O   . THR A 1 174 ? 17.123  5.746   -14.918 1.00 167.05 ? 198 THR A O   1 
ATOM   1378 C CB  . THR A 1 174 ? 19.526  5.597   -16.168 1.00 167.59 ? 198 THR A CB  1 
ATOM   1379 O OG1 . THR A 1 174 ? 20.209  5.949   -17.378 1.00 166.99 ? 198 THR A OG1 1 
ATOM   1380 C CG2 . THR A 1 174 ? 20.542  5.091   -15.154 1.00 167.90 ? 198 THR A CG2 1 
ATOM   1381 N N   . ARG A 1 175 ? 16.087  4.254   -16.245 1.00 167.04 ? 199 ARG A N   1 
ATOM   1382 C CA  . ARG A 1 175 ? 14.758  4.507   -15.703 1.00 166.38 ? 199 ARG A CA  1 
ATOM   1383 C C   . ARG A 1 175 ? 14.264  3.249   -15.009 1.00 165.86 ? 199 ARG A C   1 
ATOM   1384 O O   . ARG A 1 175 ? 13.423  3.302   -14.113 1.00 165.85 ? 199 ARG A O   1 
ATOM   1385 C CB  . ARG A 1 175 ? 13.796  4.884   -16.829 1.00 166.38 ? 199 ARG A CB  1 
ATOM   1386 C CG  . ARG A 1 175 ? 14.174  6.151   -17.562 1.00 166.61 ? 199 ARG A CG  1 
ATOM   1387 C CD  . ARG A 1 175 ? 14.036  7.363   -16.662 1.00 166.93 ? 199 ARG A CD  1 
ATOM   1388 N NE  . ARG A 1 175 ? 14.436  8.588   -17.347 1.00 167.78 ? 199 ARG A NE  1 
ATOM   1389 C CZ  . ARG A 1 175 ? 14.294  9.810   -16.842 1.00 168.19 ? 199 ARG A CZ  1 
ATOM   1390 N NH1 . ARG A 1 175 ? 13.756  9.976   -15.640 1.00 168.54 ? 199 ARG A NH1 1 
ATOM   1391 N NH2 . ARG A 1 175 ? 14.695  10.867  -17.539 1.00 168.07 ? 199 ARG A NH2 1 
ATOM   1392 N N   . SER A 1 176 ? 14.800  2.113   -15.437 1.00 165.37 ? 200 SER A N   1 
ATOM   1393 C CA  . SER A 1 176 ? 14.427  0.827   -14.870 1.00 165.23 ? 200 SER A CA  1 
ATOM   1394 C C   . SER A 1 176 ? 14.683  0.831   -13.371 1.00 164.92 ? 200 SER A C   1 
ATOM   1395 O O   . SER A 1 176 ? 15.523  1.584   -12.881 1.00 164.51 ? 200 SER A O   1 
ATOM   1396 C CB  . SER A 1 176 ? 15.248  -0.288  -15.520 1.00 165.48 ? 200 SER A CB  1 
ATOM   1397 O OG  . SER A 1 176 ? 15.192  -0.208  -16.934 1.00 165.46 ? 200 SER A OG  1 
ATOM   1398 N N   . SER A 1 177 ? 13.947  -0.001  -12.644 1.00 164.78 ? 201 SER A N   1 
ATOM   1399 C CA  . SER A 1 177 ? 14.135  -0.098  -11.204 1.00 164.96 ? 201 SER A CA  1 
ATOM   1400 C C   . SER A 1 177 ? 15.522  -0.698  -11.005 1.00 165.41 ? 201 SER A C   1 
ATOM   1401 O O   . SER A 1 177 ? 16.343  -0.178  -10.249 1.00 165.36 ? 201 SER A O   1 
ATOM   1402 C CB  . SER A 1 177 ? 13.077  -1.015  -10.587 1.00 164.66 ? 201 SER A CB  1 
ATOM   1403 O OG  . SER A 1 177 ? 13.169  -2.327  -11.114 1.00 164.25 ? 201 SER A OG  1 
ATOM   1404 N N   . GLU A 1 178 ? 15.772  -1.799  -11.706 1.00 165.69 ? 202 GLU A N   1 
ATOM   1405 C CA  . GLU A 1 178 ? 17.054  -2.480  -11.637 1.00 165.47 ? 202 GLU A CA  1 
ATOM   1406 C C   . GLU A 1 178 ? 17.961  -1.890  -12.708 1.00 165.27 ? 202 GLU A C   1 
ATOM   1407 O O   . GLU A 1 178 ? 17.485  -1.428  -13.747 1.00 164.66 ? 202 GLU A O   1 
ATOM   1408 C CB  . GLU A 1 178 ? 16.870  -3.979  -11.878 1.00 165.36 ? 202 GLU A CB  1 
ATOM   1409 C CG  . GLU A 1 178 ? 18.145  -4.783  -11.731 1.00 165.80 ? 202 GLU A CG  1 
ATOM   1410 C CD  . GLU A 1 178 ? 17.939  -6.254  -11.999 1.00 166.10 ? 202 GLU A CD  1 
ATOM   1411 O OE1 . GLU A 1 178 ? 17.614  -6.608  -13.153 1.00 166.24 ? 202 GLU A OE1 1 
ATOM   1412 O OE2 . GLU A 1 178 ? 18.104  -7.055  -11.054 1.00 165.95 ? 202 GLU A OE2 1 
ATOM   1413 N N   . LEU A 1 179 ? 19.266  -1.901  -12.451 1.00 165.39 ? 203 LEU A N   1 
ATOM   1414 C CA  . LEU A 1 179 ? 20.232  -1.361  -13.401 1.00 165.37 ? 203 LEU A CA  1 
ATOM   1415 C C   . LEU A 1 179 ? 21.496  -2.212  -13.486 1.00 165.65 ? 203 LEU A C   1 
ATOM   1416 O O   . LEU A 1 179 ? 22.120  -2.522  -12.472 1.00 165.40 ? 203 LEU A O   1 
ATOM   1417 C CB  . LEU A 1 179 ? 20.610  0.073   -13.013 1.00 164.24 ? 203 LEU A CB  1 
ATOM   1418 C CG  . LEU A 1 179 ? 21.602  0.796   -13.930 1.00 162.75 ? 203 LEU A CG  1 
ATOM   1419 C CD1 . LEU A 1 179 ? 21.001  0.949   -15.316 1.00 162.52 ? 203 LEU A CD1 1 
ATOM   1420 C CD2 . LEU A 1 179 ? 21.942  2.153   -13.347 1.00 162.03 ? 203 LEU A CD2 1 
ATOM   1421 N N   . THR A 1 180 ? 21.860  -2.588  -14.708 1.00 166.09 ? 204 THR A N   1 
ATOM   1422 C CA  . THR A 1 180 ? 23.056  -3.384  -14.945 1.00 166.26 ? 204 THR A CA  1 
ATOM   1423 C C   . THR A 1 180 ? 24.191  -2.418  -15.270 1.00 166.00 ? 204 THR A C   1 
ATOM   1424 O O   . THR A 1 180 ? 24.031  -1.517  -16.093 1.00 165.37 ? 204 THR A O   1 
ATOM   1425 C CB  . THR A 1 180 ? 22.860  -4.356  -16.134 1.00 166.70 ? 204 THR A CB  1 
ATOM   1426 O OG1 . THR A 1 180 ? 21.796  -5.271  -15.834 1.00 166.62 ? 204 THR A OG1 1 
ATOM   1427 C CG2 . THR A 1 180 ? 24.143  -5.140  -16.406 1.00 166.46 ? 204 THR A CG2 1 
ATOM   1428 N N   . LEU A 1 181 ? 25.332  -2.603  -14.616 1.00 166.04 ? 205 LEU A N   1 
ATOM   1429 C CA  . LEU A 1 181 ? 26.472  -1.729  -14.848 1.00 166.36 ? 205 LEU A CA  1 
ATOM   1430 C C   . LEU A 1 181 ? 27.809  -2.370  -14.504 1.00 166.99 ? 205 LEU A C   1 
ATOM   1431 O O   . LEU A 1 181 ? 27.939  -3.076  -13.502 1.00 167.01 ? 205 LEU A O   1 
ATOM   1432 C CB  . LEU A 1 181 ? 26.317  -0.438  -14.040 1.00 165.68 ? 205 LEU A CB  1 
ATOM   1433 C CG  . LEU A 1 181 ? 27.522  0.509   -14.026 1.00 165.34 ? 205 LEU A CG  1 
ATOM   1434 C CD1 . LEU A 1 181 ? 27.797  1.015   -15.431 1.00 165.01 ? 205 LEU A CD1 1 
ATOM   1435 C CD2 . LEU A 1 181 ? 27.251  1.669   -13.088 1.00 165.13 ? 205 LEU A CD2 1 
ATOM   1436 N N   . THR A 1 182 ? 28.799  -2.117  -15.355 1.00 167.35 ? 206 THR A N   1 
ATOM   1437 C CA  . THR A 1 182 ? 30.148  -2.622  -15.155 1.00 167.43 ? 206 THR A CA  1 
ATOM   1438 C C   . THR A 1 182 ? 30.990  -1.396  -14.804 1.00 167.77 ? 206 THR A C   1 
ATOM   1439 O O   . THR A 1 182 ? 31.427  -0.662  -15.687 1.00 167.76 ? 206 THR A O   1 
ATOM   1440 C CB  . THR A 1 182 ? 30.697  -3.276  -16.435 1.00 167.14 ? 206 THR A CB  1 
ATOM   1441 O OG1 . THR A 1 182 ? 29.823  -4.336  -16.842 1.00 166.81 ? 206 THR A OG1 1 
ATOM   1442 C CG2 . THR A 1 182 ? 32.088  -3.840  -16.189 1.00 166.93 ? 206 THR A CG2 1 
ATOM   1443 N N   . PRO A 1 183 ? 31.230  -1.170  -13.501 1.00 167.88 ? 207 PRO A N   1 
ATOM   1444 C CA  . PRO A 1 183 ? 32.007  -0.036  -12.992 1.00 167.79 ? 207 PRO A CA  1 
ATOM   1445 C C   . PRO A 1 183 ? 33.351  0.203   -13.657 1.00 168.36 ? 207 PRO A C   1 
ATOM   1446 O O   . PRO A 1 183 ? 34.312  -0.528  -13.411 1.00 168.38 ? 207 PRO A O   1 
ATOM   1447 C CB  . PRO A 1 183 ? 32.156  -0.362  -11.511 1.00 167.33 ? 207 PRO A CB  1 
ATOM   1448 C CG  . PRO A 1 183 ? 32.202  -1.850  -11.509 1.00 167.38 ? 207 PRO A CG  1 
ATOM   1449 C CD  . PRO A 1 183 ? 31.065  -2.185  -12.447 1.00 167.78 ? 207 PRO A CD  1 
ATOM   1450 N N   . ARG A 1 184 ? 33.417  1.227   -14.500 1.00 168.90 ? 208 ARG A N   1 
ATOM   1451 C CA  . ARG A 1 184 ? 34.668  1.560   -15.161 1.00 169.48 ? 208 ARG A CA  1 
ATOM   1452 C C   . ARG A 1 184 ? 35.509  2.390   -14.188 1.00 169.61 ? 208 ARG A C   1 
ATOM   1453 O O   . ARG A 1 184 ? 35.067  3.427   -13.690 1.00 169.33 ? 208 ARG A O   1 
ATOM   1454 C CB  . ARG A 1 184 ? 34.416  2.324   -16.466 1.00 169.76 ? 208 ARG A CB  1 
ATOM   1455 C CG  . ARG A 1 184 ? 33.871  1.438   -17.585 1.00 170.37 ? 208 ARG A CG  1 
ATOM   1456 C CD  . ARG A 1 184 ? 34.149  2.011   -18.969 1.00 171.54 ? 208 ARG A CD  1 
ATOM   1457 N NE  . ARG A 1 184 ? 33.797  1.065   -20.029 1.00 172.36 ? 208 ARG A NE  1 
ATOM   1458 C CZ  . ARG A 1 184 ? 34.121  1.211   -21.313 1.00 172.37 ? 208 ARG A CZ  1 
ATOM   1459 N NH1 . ARG A 1 184 ? 34.809  2.271   -21.713 1.00 172.56 ? 208 ARG A NH1 1 
ATOM   1460 N NH2 . ARG A 1 184 ? 33.756  0.292   -22.198 1.00 171.93 ? 208 ARG A NH2 1 
ATOM   1461 N N   . PRO A 1 185 ? 36.740  1.930   -13.912 1.00 169.76 ? 209 PRO A N   1 
ATOM   1462 C CA  . PRO A 1 185 ? 37.754  2.504   -13.022 1.00 169.42 ? 209 PRO A CA  1 
ATOM   1463 C C   . PRO A 1 185 ? 37.559  3.928   -12.487 1.00 168.60 ? 209 PRO A C   1 
ATOM   1464 O O   . PRO A 1 185 ? 37.321  4.110   -11.292 1.00 168.48 ? 209 PRO A O   1 
ATOM   1465 C CB  . PRO A 1 185 ? 39.026  2.352   -13.842 1.00 170.11 ? 209 PRO A CB  1 
ATOM   1466 C CG  . PRO A 1 185 ? 38.840  0.981   -14.411 1.00 169.96 ? 209 PRO A CG  1 
ATOM   1467 C CD  . PRO A 1 185 ? 37.369  0.952   -14.827 1.00 169.95 ? 209 PRO A CD  1 
ATOM   1468 N N   . GLU A 1 186 ? 37.673  4.926   -13.361 1.00 167.51 ? 210 GLU A N   1 
ATOM   1469 C CA  . GLU A 1 186 ? 37.532  6.334   -12.973 1.00 166.27 ? 210 GLU A CA  1 
ATOM   1470 C C   . GLU A 1 186 ? 36.378  6.573   -12.002 1.00 165.50 ? 210 GLU A C   1 
ATOM   1471 O O   . GLU A 1 186 ? 36.413  7.515   -11.207 1.00 165.08 ? 210 GLU A O   1 
ATOM   1472 C CB  . GLU A 1 186 ? 37.319  7.218   -14.208 1.00 166.32 ? 210 GLU A CB  1 
ATOM   1473 C CG  . GLU A 1 186 ? 38.078  6.786   -15.451 1.00 166.73 ? 210 GLU A CG  1 
ATOM   1474 C CD  . GLU A 1 186 ? 37.531  5.499   -16.044 1.00 167.22 ? 210 GLU A CD  1 
ATOM   1475 O OE1 . GLU A 1 186 ? 36.309  5.434   -16.303 1.00 167.12 ? 210 GLU A OE1 1 
ATOM   1476 O OE2 . GLU A 1 186 ? 38.321  4.553   -16.254 1.00 166.92 ? 210 GLU A OE2 1 
ATOM   1477 N N   . ASP A 1 187 ? 35.356  5.723   -12.080 1.00 164.54 ? 211 ASP A N   1 
ATOM   1478 C CA  . ASP A 1 187 ? 34.180  5.834   -11.219 1.00 163.12 ? 211 ASP A CA  1 
ATOM   1479 C C   . ASP A 1 187 ? 34.425  5.240   -9.834  1.00 162.02 ? 211 ASP A C   1 
ATOM   1480 O O   . ASP A 1 187 ? 34.148  4.063   -9.593  1.00 162.35 ? 211 ASP A O   1 
ATOM   1481 C CB  . ASP A 1 187 ? 32.984  5.132   -11.869 1.00 162.71 ? 211 ASP A CB  1 
ATOM   1482 C CG  . ASP A 1 187 ? 32.627  5.722   -13.217 1.00 162.90 ? 211 ASP A CG  1 
ATOM   1483 O OD1 . ASP A 1 187 ? 32.323  6.932   -13.275 1.00 162.65 ? 211 ASP A OD1 1 
ATOM   1484 O OD2 . ASP A 1 187 ? 32.654  4.977   -14.220 1.00 163.41 ? 211 ASP A OD2 1 
ATOM   1485 N N   . HIS A 1 188 ? 34.938  6.064   -8.926  1.00 159.97 ? 212 HIS A N   1 
ATOM   1486 C CA  . HIS A 1 188 ? 35.221  5.623   -7.567  1.00 157.55 ? 212 HIS A CA  1 
ATOM   1487 C C   . HIS A 1 188 ? 34.799  6.694   -6.572  1.00 155.46 ? 212 HIS A C   1 
ATOM   1488 O O   . HIS A 1 188 ? 35.115  7.867   -6.749  1.00 155.58 ? 212 HIS A O   1 
ATOM   1489 C CB  . HIS A 1 188 ? 36.713  5.345   -7.404  1.00 157.89 ? 212 HIS A CB  1 
ATOM   1490 C CG  . HIS A 1 188 ? 37.086  4.837   -6.047  1.00 158.48 ? 212 HIS A CG  1 
ATOM   1491 N ND1 . HIS A 1 188 ? 36.670  3.613   -5.571  1.00 159.07 ? 212 HIS A ND1 1 
ATOM   1492 C CD2 . HIS A 1 188 ? 37.820  5.397   -5.057  1.00 158.37 ? 212 HIS A CD2 1 
ATOM   1493 C CE1 . HIS A 1 188 ? 37.133  3.438   -4.347  1.00 158.95 ? 212 HIS A CE1 1 
ATOM   1494 N NE2 . HIS A 1 188 ? 37.835  4.506   -4.011  1.00 158.97 ? 212 HIS A NE2 1 
ATOM   1495 N N   . GLY A 1 189 ? 34.094  6.288   -5.522  1.00 152.96 ? 213 GLY A N   1 
ATOM   1496 C CA  . GLY A 1 189 ? 33.653  7.252   -4.531  1.00 149.93 ? 213 GLY A CA  1 
ATOM   1497 C C   . GLY A 1 189 ? 32.828  8.354   -5.165  1.00 148.04 ? 213 GLY A C   1 
ATOM   1498 O O   . GLY A 1 189 ? 32.976  9.531   -4.831  1.00 147.13 ? 213 GLY A O   1 
ATOM   1499 N N   . THR A 1 190 ? 31.962  7.966   -6.097  1.00 146.44 ? 214 THR A N   1 
ATOM   1500 C CA  . THR A 1 190 ? 31.092  8.914   -6.787  1.00 144.13 ? 214 THR A CA  1 
ATOM   1501 C C   . THR A 1 190 ? 29.672  8.752   -6.241  1.00 142.66 ? 214 THR A C   1 
ATOM   1502 O O   . THR A 1 190 ? 29.157  7.637   -6.137  1.00 142.50 ? 214 THR A O   1 
ATOM   1503 C CB  . THR A 1 190 ? 31.080  8.660   -8.313  1.00 143.85 ? 214 THR A CB  1 
ATOM   1504 O OG1 . THR A 1 190 ? 32.227  7.883   -8.684  1.00 142.71 ? 214 THR A OG1 1 
ATOM   1505 C CG2 . THR A 1 190 ? 31.118  9.983   -9.068  1.00 142.89 ? 214 THR A CG2 1 
ATOM   1506 N N   . ASN A 1 191 ? 29.045  9.867   -5.885  1.00 140.68 ? 215 ASN A N   1 
ATOM   1507 C CA  . ASN A 1 191 ? 27.695  9.839   -5.343  1.00 139.10 ? 215 ASN A CA  1 
ATOM   1508 C C   . ASN A 1 191 ? 26.689  9.350   -6.372  1.00 138.20 ? 215 ASN A C   1 
ATOM   1509 O O   . ASN A 1 191 ? 26.453  10.017  -7.377  1.00 138.17 ? 215 ASN A O   1 
ATOM   1510 C CB  . ASN A 1 191 ? 27.285  11.235  -4.872  1.00 139.51 ? 215 ASN A CB  1 
ATOM   1511 C CG  . ASN A 1 191 ? 28.199  11.780  -3.792  1.00 139.68 ? 215 ASN A CG  1 
ATOM   1512 O OD1 . ASN A 1 191 ? 28.431  11.128  -2.774  1.00 139.67 ? 215 ASN A OD1 1 
ATOM   1513 N ND2 . ASN A 1 191 ? 28.716  12.987  -4.007  1.00 139.09 ? 215 ASN A ND2 1 
ATOM   1514 N N   . LEU A 1 192 ? 26.097  8.187   -6.119  1.00 137.01 ? 216 LEU A N   1 
ATOM   1515 C CA  . LEU A 1 192 ? 25.099  7.623   -7.021  1.00 136.30 ? 216 LEU A CA  1 
ATOM   1516 C C   . LEU A 1 192 ? 23.726  7.787   -6.384  1.00 136.66 ? 216 LEU A C   1 
ATOM   1517 O O   . LEU A 1 192 ? 23.516  7.398   -5.235  1.00 136.45 ? 216 LEU A O   1 
ATOM   1518 C CB  . LEU A 1 192 ? 25.384  6.141   -7.290  1.00 134.49 ? 216 LEU A CB  1 
ATOM   1519 C CG  . LEU A 1 192 ? 24.436  5.422   -8.259  1.00 133.14 ? 216 LEU A CG  1 
ATOM   1520 C CD1 . LEU A 1 192 ? 24.351  6.174   -9.579  1.00 132.08 ? 216 LEU A CD1 1 
ATOM   1521 C CD2 . LEU A 1 192 ? 24.929  4.005   -8.483  1.00 131.62 ? 216 LEU A CD2 1 
ATOM   1522 N N   . THR A 1 193 ? 22.789  8.359   -7.132  1.00 137.32 ? 217 THR A N   1 
ATOM   1523 C CA  . THR A 1 193 ? 21.454  8.583   -6.598  1.00 138.25 ? 217 THR A CA  1 
ATOM   1524 C C   . THR A 1 193 ? 20.338  7.930   -7.411  1.00 139.05 ? 217 THR A C   1 
ATOM   1525 O O   . THR A 1 193 ? 20.513  7.580   -8.577  1.00 138.72 ? 217 THR A O   1 
ATOM   1526 C CB  . THR A 1 193 ? 21.173  10.095  -6.485  1.00 137.74 ? 217 THR A CB  1 
ATOM   1527 O OG1 . THR A 1 193 ? 22.292  10.742  -5.868  1.00 137.27 ? 217 THR A OG1 1 
ATOM   1528 C CG2 . THR A 1 193 ? 19.933  10.351  -5.637  1.00 137.65 ? 217 THR A CG2 1 
ATOM   1529 N N   . CYS A 1 194 ? 19.191  7.757   -6.761  1.00 140.71 ? 218 CYS A N   1 
ATOM   1530 C CA  . CYS A 1 194 ? 18.011  7.175   -7.382  1.00 142.01 ? 218 CYS A CA  1 
ATOM   1531 C C   . CYS A 1 194 ? 16.756  7.833   -6.819  1.00 142.87 ? 218 CYS A C   1 
ATOM   1532 O O   . CYS A 1 194 ? 16.350  7.552   -5.690  1.00 142.98 ? 218 CYS A O   1 
ATOM   1533 C CB  . CYS A 1 194 ? 17.945  5.661   -7.136  1.00 141.89 ? 218 CYS A CB  1 
ATOM   1534 S SG  . CYS A 1 194 ? 16.307  4.953   -7.520  1.00 142.43 ? 218 CYS A SG  1 
ATOM   1535 N N   . GLN A 1 195 ? 16.160  8.724   -7.608  1.00 143.93 ? 219 GLN A N   1 
ATOM   1536 C CA  . GLN A 1 195 ? 14.942  9.410   -7.206  1.00 144.92 ? 219 GLN A CA  1 
ATOM   1537 C C   . GLN A 1 195 ? 13.735  8.556   -7.554  1.00 145.13 ? 219 GLN A C   1 
ATOM   1538 O O   . GLN A 1 195 ? 13.845  7.589   -8.305  1.00 144.95 ? 219 GLN A O   1 
ATOM   1539 C CB  . GLN A 1 195 ? 14.815  10.755  -7.920  1.00 145.87 ? 219 GLN A CB  1 
ATOM   1540 C CG  . GLN A 1 195 ? 15.887  11.756  -7.562  1.00 148.04 ? 219 GLN A CG  1 
ATOM   1541 C CD  . GLN A 1 195 ? 15.482  13.176  -7.898  1.00 149.24 ? 219 GLN A CD  1 
ATOM   1542 O OE1 . GLN A 1 195 ? 14.400  13.628  -7.522  1.00 149.84 ? 219 GLN A OE1 1 
ATOM   1543 N NE2 . GLN A 1 195 ? 16.348  13.891  -8.619  1.00 149.76 ? 219 GLN A NE2 1 
ATOM   1544 N N   . MET A 1 196 ? 12.582  8.925   -7.010  1.00 145.31 ? 220 MET A N   1 
ATOM   1545 C CA  . MET A 1 196 ? 11.352  8.198   -7.271  1.00 145.13 ? 220 MET A CA  1 
ATOM   1546 C C   . MET A 1 196 ? 10.134  9.087   -7.068  1.00 146.09 ? 220 MET A C   1 
ATOM   1547 O O   . MET A 1 196 ? 10.138  9.994   -6.237  1.00 145.36 ? 220 MET A O   1 
ATOM   1548 C CB  . MET A 1 196 ? 11.256  6.971   -6.359  1.00 143.59 ? 220 MET A CB  1 
ATOM   1549 C CG  . MET A 1 196 ? 12.172  5.820   -6.743  1.00 141.92 ? 220 MET A CG  1 
ATOM   1550 S SD  . MET A 1 196 ? 12.259  4.546   -5.457  1.00 141.39 ? 220 MET A SD  1 
ATOM   1551 C CE  . MET A 1 196 ? 10.891  3.477   -5.877  1.00 140.44 ? 220 MET A CE  1 
ATOM   1552 N N   . LYS A 1 197 ? 9.100   8.822   -7.855  1.00 148.01 ? 221 LYS A N   1 
ATOM   1553 C CA  . LYS A 1 197 ? 7.842   9.555   -7.784  1.00 149.93 ? 221 LYS A CA  1 
ATOM   1554 C C   . LYS A 1 197 ? 6.735   8.557   -8.083  1.00 151.25 ? 221 LYS A C   1 
ATOM   1555 O O   . LYS A 1 197 ? 6.993   7.497   -8.655  1.00 151.64 ? 221 LYS A O   1 
ATOM   1556 C CB  . LYS A 1 197 ? 7.810   10.683  -8.819  1.00 149.95 ? 221 LYS A CB  1 
ATOM   1557 C CG  . LYS A 1 197 ? 8.181   12.056  -8.287  1.00 150.30 ? 221 LYS A CG  1 
ATOM   1558 C CD  . LYS A 1 197 ? 6.993   13.009  -8.398  1.00 150.33 ? 221 LYS A CD  1 
ATOM   1559 C CE  . LYS A 1 197 ? 7.368   14.437  -8.025  1.00 149.73 ? 221 LYS A CE  1 
ATOM   1560 N NZ  . LYS A 1 197 ? 6.246   15.389  -8.256  1.00 148.53 ? 221 LYS A NZ  1 
ATOM   1561 N N   . ARG A 1 198 ? 5.510   8.882   -7.685  1.00 152.78 ? 222 ARG A N   1 
ATOM   1562 C CA  . ARG A 1 198 ? 4.379   7.994   -7.943  1.00 154.07 ? 222 ARG A CA  1 
ATOM   1563 C C   . ARG A 1 198 ? 3.619   8.576   -9.127  1.00 154.15 ? 222 ARG A C   1 
ATOM   1564 O O   . ARG A 1 198 ? 2.447   8.926   -9.011  1.00 154.73 ? 222 ARG A O   1 
ATOM   1565 C CB  . ARG A 1 198 ? 3.458   7.918   -6.716  1.00 154.86 ? 222 ARG A CB  1 
ATOM   1566 C CG  . ARG A 1 198 ? 2.462   6.749   -6.725  1.00 155.73 ? 222 ARG A CG  1 
ATOM   1567 C CD  . ARG A 1 198 ? 3.136   5.416   -6.379  1.00 156.11 ? 222 ARG A CD  1 
ATOM   1568 N NE  . ARG A 1 198 ? 2.187   4.304   -6.309  1.00 156.14 ? 222 ARG A NE  1 
ATOM   1569 C CZ  . ARG A 1 198 ? 2.500   3.075   -5.905  1.00 156.15 ? 222 ARG A CZ  1 
ATOM   1570 N NH1 . ARG A 1 198 ? 3.740   2.792   -5.531  1.00 156.17 ? 222 ARG A NH1 1 
ATOM   1571 N NH2 . ARG A 1 198 ? 1.574   2.125   -5.879  1.00 156.13 ? 222 ARG A NH2 1 
ATOM   1572 N N   . GLN A 1 199 ? 4.304   8.689   -10.263 1.00 154.09 ? 223 GLN A N   1 
ATOM   1573 C CA  . GLN A 1 199 ? 3.711   9.240   -11.476 1.00 153.87 ? 223 GLN A CA  1 
ATOM   1574 C C   . GLN A 1 199 ? 3.496   10.740  -11.317 1.00 153.47 ? 223 GLN A C   1 
ATOM   1575 O O   . GLN A 1 199 ? 4.313   11.429  -10.705 1.00 153.06 ? 223 GLN A O   1 
ATOM   1576 C CB  . GLN A 1 199 ? 2.378   8.553   -11.775 1.00 154.30 ? 223 GLN A CB  1 
ATOM   1577 C CG  . GLN A 1 199 ? 2.483   7.040   -11.895 1.00 154.86 ? 223 GLN A CG  1 
ATOM   1578 C CD  . GLN A 1 199 ? 3.236   6.607   -13.134 1.00 154.78 ? 223 GLN A CD  1 
ATOM   1579 O OE1 . GLN A 1 199 ? 2.766   6.798   -14.256 1.00 154.60 ? 223 GLN A OE1 1 
ATOM   1580 N NE2 . GLN A 1 199 ? 4.414   6.023   -12.939 1.00 154.39 ? 223 GLN A NE2 1 
ATOM   1581 N N   . THR A 1 204 ? 9.747   14.574  -4.057  1.00 131.70 ? 228 THR A N   1 
ATOM   1582 C CA  . THR A 1 204 ? 10.482  13.506  -4.724  1.00 131.74 ? 228 THR A CA  1 
ATOM   1583 C C   . THR A 1 204 ? 11.638  13.028  -3.851  1.00 131.46 ? 228 THR A C   1 
ATOM   1584 O O   . THR A 1 204 ? 12.697  13.657  -3.814  1.00 131.89 ? 228 THR A O   1 
ATOM   1585 C CB  . THR A 1 204 ? 11.059  13.988  -6.062  1.00 132.23 ? 228 THR A CB  1 
ATOM   1586 O OG1 . THR A 1 204 ? 10.040  14.665  -6.805  1.00 132.51 ? 228 THR A OG1 1 
ATOM   1587 C CG2 . THR A 1 204 ? 11.568  12.808  -6.875  1.00 133.00 ? 228 THR A CG2 1 
ATOM   1588 N N   . THR A 1 205 ? 11.437  11.912  -3.156  1.00 130.53 ? 229 THR A N   1 
ATOM   1589 C CA  . THR A 1 205 ? 12.471  11.368  -2.281  1.00 129.78 ? 229 THR A CA  1 
ATOM   1590 C C   . THR A 1 205 ? 13.547  10.606  -3.049  1.00 129.28 ? 229 THR A C   1 
ATOM   1591 O O   . THR A 1 205 ? 13.319  10.138  -4.163  1.00 129.24 ? 229 THR A O   1 
ATOM   1592 C CB  . THR A 1 205 ? 11.873  10.428  -1.237  1.00 129.75 ? 229 THR A CB  1 
ATOM   1593 O OG1 . THR A 1 205 ? 11.349  9.265   -1.888  1.00 129.62 ? 229 THR A OG1 1 
ATOM   1594 C CG2 . THR A 1 205 ? 10.764  11.125  -0.470  1.00 130.36 ? 229 THR A CG2 1 
ATOM   1595 N N   . GLU A 1 206 ? 14.718  10.469  -2.434  1.00 129.01 ? 230 GLU A N   1 
ATOM   1596 C CA  . GLU A 1 206 ? 15.839  9.787   -3.071  1.00 127.72 ? 230 GLU A CA  1 
ATOM   1597 C C   . GLU A 1 206 ? 16.797  9.095   -2.096  1.00 125.55 ? 230 GLU A C   1 
ATOM   1598 O O   . GLU A 1 206 ? 16.636  9.166   -0.876  1.00 124.43 ? 230 GLU A O   1 
ATOM   1599 C CB  . GLU A 1 206 ? 16.606  10.798  -3.926  1.00 129.41 ? 230 GLU A CB  1 
ATOM   1600 C CG  . GLU A 1 206 ? 16.930  12.091  -3.182  1.00 132.13 ? 230 GLU A CG  1 
ATOM   1601 C CD  . GLU A 1 206 ? 17.388  13.213  -4.099  1.00 133.91 ? 230 GLU A CD  1 
ATOM   1602 O OE1 . GLU A 1 206 ? 16.598  13.626  -4.978  1.00 134.48 ? 230 GLU A OE1 1 
ATOM   1603 O OE2 . GLU A 1 206 ? 18.535  13.684  -3.937  1.00 134.47 ? 230 GLU A OE2 1 
ATOM   1604 N N   . ARG A 1 207 ? 17.796  8.425   -2.665  1.00 123.77 ? 231 ARG A N   1 
ATOM   1605 C CA  . ARG A 1 207 ? 18.812  7.697   -1.911  1.00 121.69 ? 231 ARG A CA  1 
ATOM   1606 C C   . ARG A 1 207 ? 20.166  7.837   -2.596  1.00 120.92 ? 231 ARG A C   1 
ATOM   1607 O O   . ARG A 1 207 ? 20.333  7.407   -3.735  1.00 120.09 ? 231 ARG A O   1 
ATOM   1608 C CB  . ARG A 1 207 ? 18.440  6.218   -1.838  1.00 120.48 ? 231 ARG A CB  1 
ATOM   1609 C CG  . ARG A 1 207 ? 19.596  5.296   -1.503  1.00 118.42 ? 231 ARG A CG  1 
ATOM   1610 C CD  . ARG A 1 207 ? 20.032  5.453   -0.069  1.00 116.21 ? 231 ARG A CD  1 
ATOM   1611 N NE  . ARG A 1 207 ? 18.961  5.073   0.839   1.00 115.21 ? 231 ARG A NE  1 
ATOM   1612 C CZ  . ARG A 1 207 ? 19.074  5.064   2.159   1.00 115.17 ? 231 ARG A CZ  1 
ATOM   1613 N NH1 . ARG A 1 207 ? 20.217  5.413   2.728   1.00 116.32 ? 231 ARG A NH1 1 
ATOM   1614 N NH2 . ARG A 1 207 ? 18.041  4.710   2.909   1.00 115.44 ? 231 ARG A NH2 1 
ATOM   1615 N N   . THR A 1 208 ? 21.132  8.430   -1.901  1.00 121.19 ? 232 THR A N   1 
ATOM   1616 C CA  . THR A 1 208 ? 22.469  8.618   -2.464  1.00 121.77 ? 232 THR A CA  1 
ATOM   1617 C C   . THR A 1 208 ? 23.503  7.725   -1.782  1.00 122.03 ? 232 THR A C   1 
ATOM   1618 O O   . THR A 1 208 ? 23.657  7.759   -0.564  1.00 122.32 ? 232 THR A O   1 
ATOM   1619 C CB  . THR A 1 208 ? 22.939  10.092  -2.331  1.00 121.46 ? 232 THR A CB  1 
ATOM   1620 O OG1 . THR A 1 208 ? 22.006  10.960  -2.988  1.00 120.78 ? 232 THR A OG1 1 
ATOM   1621 C CG2 . THR A 1 208 ? 24.313  10.268  -2.957  1.00 120.18 ? 232 THR A CG2 1 
ATOM   1622 N N   . VAL A 1 209 ? 24.207  6.922   -2.575  1.00 122.61 ? 233 VAL A N   1 
ATOM   1623 C CA  . VAL A 1 209 ? 25.237  6.031   -2.044  1.00 123.77 ? 233 VAL A CA  1 
ATOM   1624 C C   . VAL A 1 209 ? 26.595  6.301   -2.697  1.00 125.08 ? 233 VAL A C   1 
ATOM   1625 O O   . VAL A 1 209 ? 26.668  6.781   -3.832  1.00 125.71 ? 233 VAL A O   1 
ATOM   1626 C CB  . VAL A 1 209 ? 24.876  4.546   -2.264  1.00 122.76 ? 233 VAL A CB  1 
ATOM   1627 C CG1 . VAL A 1 209 ? 23.518  4.251   -1.660  1.00 122.01 ? 233 VAL A CG1 1 
ATOM   1628 C CG2 . VAL A 1 209 ? 24.905  4.216   -3.743  1.00 121.68 ? 233 VAL A CG2 1 
ATOM   1629 N N   . GLN A 1 210 ? 27.667  5.985   -1.974  1.00 125.88 ? 234 GLN A N   1 
ATOM   1630 C CA  . GLN A 1 210 ? 29.020  6.196   -2.473  1.00 125.52 ? 234 GLN A CA  1 
ATOM   1631 C C   . GLN A 1 210 ? 29.626  4.944   -3.081  1.00 126.28 ? 234 GLN A C   1 
ATOM   1632 O O   . GLN A 1 210 ? 29.644  3.877   -2.467  1.00 125.01 ? 234 GLN A O   1 
ATOM   1633 C CB  . GLN A 1 210 ? 29.925  6.685   -1.355  1.00 125.17 ? 234 GLN A CB  1 
ATOM   1634 C CG  . GLN A 1 210 ? 30.416  8.092   -1.553  1.00 124.16 ? 234 GLN A CG  1 
ATOM   1635 C CD  . GLN A 1 210 ? 31.668  8.360   -0.761  1.00 123.76 ? 234 GLN A CD  1 
ATOM   1636 O OE1 . GLN A 1 210 ? 32.699  7.731   -0.994  1.00 122.92 ? 234 GLN A OE1 1 
ATOM   1637 N NE2 . GLN A 1 210 ? 31.591  9.293   0.179   1.00 124.33 ? 234 GLN A NE2 1 
ATOM   1638 N N   . LEU A 1 211 ? 30.144  5.097   -4.290  1.00 128.21 ? 235 LEU A N   1 
ATOM   1639 C CA  . LEU A 1 211 ? 30.759  3.995   -5.009  1.00 130.93 ? 235 LEU A CA  1 
ATOM   1640 C C   . LEU A 1 211 ? 32.067  3.544   -4.369  1.00 132.45 ? 235 LEU A C   1 
ATOM   1641 O O   . LEU A 1 211 ? 32.636  4.230   -3.520  1.00 132.76 ? 235 LEU A O   1 
ATOM   1642 C CB  . LEU A 1 211 ? 31.022  4.407   -6.461  1.00 131.35 ? 235 LEU A CB  1 
ATOM   1643 C CG  . LEU A 1 211 ? 29.804  4.949   -7.213  1.00 131.12 ? 235 LEU A CG  1 
ATOM   1644 C CD1 . LEU A 1 211 ? 30.213  5.455   -8.593  1.00 130.26 ? 235 LEU A CD1 1 
ATOM   1645 C CD2 . LEU A 1 211 ? 28.761  3.852   -7.323  1.00 130.93 ? 235 LEU A CD2 1 
ATOM   1646 N N   . ASN A 1 212 ? 32.539  2.379   -4.795  1.00 134.10 ? 236 ASN A N   1 
ATOM   1647 C CA  . ASN A 1 212 ? 33.787  1.810   -4.298  1.00 135.51 ? 236 ASN A CA  1 
ATOM   1648 C C   . ASN A 1 212 ? 34.243  0.686   -5.220  1.00 136.23 ? 236 ASN A C   1 
ATOM   1649 O O   . ASN A 1 212 ? 33.640  -0.390  -5.253  1.00 136.75 ? 236 ASN A O   1 
ATOM   1650 C CB  . ASN A 1 212 ? 33.609  1.265   -2.881  1.00 136.51 ? 236 ASN A CB  1 
ATOM   1651 C CG  . ASN A 1 212 ? 34.540  0.103   -2.587  1.00 138.11 ? 236 ASN A CG  1 
ATOM   1652 O OD1 . ASN A 1 212 ? 34.095  -1.042  -2.462  1.00 139.34 ? 236 ASN A OD1 1 
ATOM   1653 N ND2 . ASN A 1 212 ? 35.838  0.382   -2.504  1.00 138.35 ? 236 ASN A ND2 1 
ATOM   1654 N N   . VAL A 1 213 ? 35.314  0.939   -5.965  1.00 136.42 ? 237 VAL A N   1 
ATOM   1655 C CA  . VAL A 1 213 ? 35.847  -0.048  -6.893  1.00 137.08 ? 237 VAL A CA  1 
ATOM   1656 C C   . VAL A 1 213 ? 37.169  -0.610  -6.397  1.00 137.81 ? 237 VAL A C   1 
ATOM   1657 O O   . VAL A 1 213 ? 37.954  0.099   -5.766  1.00 137.80 ? 237 VAL A O   1 
ATOM   1658 C CB  . VAL A 1 213 ? 36.061  0.568   -8.280  1.00 136.60 ? 237 VAL A CB  1 
ATOM   1659 C CG1 . VAL A 1 213 ? 36.313  -0.530  -9.297  1.00 136.53 ? 237 VAL A CG1 1 
ATOM   1660 C CG2 . VAL A 1 213 ? 34.852  1.407   -8.662  1.00 136.01 ? 237 VAL A CG2 1 
ATOM   1661 N N   . SER A 1 214 ? 37.397  -1.892  -6.672  1.00 138.34 ? 238 SER A N   1 
ATOM   1662 C CA  . SER A 1 214 ? 38.623  -2.570  -6.265  1.00 139.26 ? 238 SER A CA  1 
ATOM   1663 C C   . SER A 1 214 ? 39.065  -3.570  -7.333  1.00 138.92 ? 238 SER A C   1 
ATOM   1664 O O   . SER A 1 214 ? 40.128  -3.342  -7.958  1.00 138.07 ? 238 SER A O   1 
ATOM   1665 C CB  . SER A 1 214 ? 38.412  -3.284  -4.926  1.00 138.19 ? 238 SER A CB  1 
ATOM   1666 O OG  . SER A 1 214 ? 37.420  -4.291  -5.024  1.00 139.25 ? 238 SER A OG  1 
ATOM   1667 O OXT . SER A 1 214 ? 38.331  -4.555  -7.541  1.00 139.88 ? 238 SER A OXT 1 
HETATM 1668 C C1  . SIA B 2 .   ? -28.287 0.350   10.800  1.00 148.39 ? 241 SIA A C1  1 
HETATM 1669 C C2  . SIA B 2 .   ? -29.067 0.676   12.069  1.00 148.47 ? 241 SIA A C2  1 
HETATM 1670 C C3  . SIA B 2 .   ? -30.358 -0.152  12.107  1.00 148.20 ? 241 SIA A C3  1 
HETATM 1671 C C4  . SIA B 2 .   ? -30.044 -1.644  12.230  1.00 147.91 ? 241 SIA A C4  1 
HETATM 1672 C C5  . SIA B 2 .   ? -29.123 -1.893  13.424  1.00 147.70 ? 241 SIA A C5  1 
HETATM 1673 C C6  . SIA B 2 .   ? -27.862 -1.038  13.275  1.00 146.93 ? 241 SIA A C6  1 
HETATM 1674 C C7  . SIA B 2 .   ? -26.896 -1.275  14.445  1.00 145.21 ? 241 SIA A C7  1 
HETATM 1675 C C8  . SIA B 2 .   ? -25.987 -0.068  14.667  1.00 143.67 ? 241 SIA A C8  1 
HETATM 1676 C C9  . SIA B 2 .   ? -24.914 -0.388  15.700  1.00 142.93 ? 241 SIA A C9  1 
HETATM 1677 C C10 . SIA B 2 .   ? -29.353 -4.110  14.386  1.00 149.81 ? 241 SIA A C10 1 
HETATM 1678 C C11 . SIA B 2 .   ? -30.733 -3.742  14.923  1.00 150.64 ? 241 SIA A C11 1 
HETATM 1679 N N5  . SIA B 2 .   ? -28.778 -3.302  13.495  1.00 148.70 ? 241 SIA A N5  1 
HETATM 1680 O O1A . SIA B 2 .   ? -28.836 -0.345  9.915   1.00 147.60 ? 241 SIA A O1A 1 
HETATM 1681 O O1B . SIA B 2 .   ? -27.126 0.796   10.684  1.00 148.37 ? 241 SIA A O1B 1 
HETATM 1682 O O2  . SIA B 2 .   ? -29.366 2.027   12.106  1.00 107.07 ? 241 SIA A O2  1 
HETATM 1683 O O4  . SIA B 2 .   ? -31.248 -2.378  12.394  1.00 147.81 ? 241 SIA A O4  1 
HETATM 1684 O O6  . SIA B 2 .   ? -28.231 0.364   13.200  1.00 148.59 ? 241 SIA A O6  1 
HETATM 1685 O O7  . SIA B 2 .   ? -27.627 -1.540  15.634  1.00 144.62 ? 241 SIA A O7  1 
HETATM 1686 O O8  . SIA B 2 .   ? -25.373 0.300   13.444  1.00 143.86 ? 241 SIA A O8  1 
HETATM 1687 O O9  . SIA B 2 .   ? -24.042 0.725   15.838  1.00 142.06 ? 241 SIA A O9  1 
HETATM 1688 O O10 . SIA B 2 .   ? -28.816 -5.148  14.773  1.00 149.99 ? 241 SIA A O10 1 
HETATM 1689 O O   . HOH C 3 .   ? -24.745 3.635   10.303  1.00 89.26  ? 242 HOH A O   1 
HETATM 1690 O O   . HOH C 3 .   ? -11.936 -4.998  -1.439  1.00 52.28  ? 243 HOH A O   1 
HETATM 1691 O O   . HOH C 3 .   ? 28.379  8.947   -9.611  1.00 111.09 ? 244 HOH A O   1 
HETATM 1692 O O   . HOH C 3 .   ? 26.072  10.450  -16.217 1.00 94.94  ? 245 HOH A O   1 
HETATM 1693 O O   . HOH C 3 .   ? -6.805  -11.890 10.103  1.00 66.58  ? 246 HOH A O   1 
HETATM 1694 O O   . HOH C 3 .   ? -9.410  -2.884  20.402  1.00 74.07  ? 247 HOH A O   1 
HETATM 1695 O O   . HOH C 3 .   ? 1.881   0.864   -0.965  1.00 72.28  ? 248 HOH A O   1 
HETATM 1696 O O   . HOH C 3 .   ? -12.129 -0.731  -2.415  1.00 63.98  ? 249 HOH A O   1 
HETATM 1697 O O   . HOH C 3 .   ? -10.895 0.310   17.440  1.00 74.06  ? 250 HOH A O   1 
HETATM 1698 O O   . HOH C 3 .   ? -12.527 -1.368  18.548  1.00 59.66  ? 251 HOH A O   1 
HETATM 1699 O O   . HOH C 3 .   ? -7.134  -17.680 8.665   1.00 81.87  ? 252 HOH A O   1 
HETATM 1700 O O   . HOH C 3 .   ? -14.286 -10.921 21.785  1.00 76.63  ? 253 HOH A O   1 
HETATM 1701 O O   . HOH C 3 .   ? -29.620 2.361   14.695  1.00 92.79  ? 254 HOH A O   1 
HETATM 1702 O O   . HOH C 3 .   ? 24.439  -6.845  -7.745  1.00 100.45 ? 255 HOH A O   1 
HETATM 1703 O O   . HOH C 3 .   ? -11.374 4.398   17.530  1.00 72.95  ? 256 HOH A O   1 
HETATM 1704 O O   . HOH C 3 .   ? 12.550  8.427   0.270   1.00 96.22  ? 257 HOH A O   1 
HETATM 1705 O O   . HOH C 3 .   ? -5.440  -4.676  13.780  1.00 67.64  ? 258 HOH A O   1 
HETATM 1706 O O   . HOH C 3 .   ? -25.237 3.439   13.101  1.00 78.16  ? 259 HOH A O   1 
HETATM 1707 O O   . HOH C 3 .   ? -13.625 -2.950  -2.078  1.00 46.73  ? 260 HOH A O   1 
HETATM 1708 O O   . HOH C 3 .   ? -27.676 -7.629  -8.247  1.00 69.56  ? 261 HOH A O   1 
HETATM 1709 O O   . HOH C 3 .   ? -6.371  -1.338  20.486  1.00 49.47  ? 262 HOH A O   1 
HETATM 1710 O O   . HOH C 3 .   ? -13.122 9.984   8.383   1.00 74.94  ? 263 HOH A O   1 
HETATM 1711 O O   . HOH C 3 .   ? -19.295 -1.412  17.281  1.00 69.37  ? 264 HOH A O   1 
HETATM 1712 O O   . HOH C 3 .   ? 29.561  0.544   -17.726 1.00 100.48 ? 265 HOH A O   1 
HETATM 1713 O O   . HOH C 3 .   ? -36.970 -14.028 8.819   1.00 92.19  ? 266 HOH A O   1 
HETATM 1714 O O   . HOH C 3 .   ? -30.248 -19.308 8.493   1.00 105.28 ? 267 HOH A O   1 
HETATM 1715 O O   . HOH C 3 .   ? -16.034 -0.121  12.926  1.00 66.02  ? 268 HOH A O   1 
HETATM 1716 O O   . HOH C 3 .   ? 20.630  9.721   0.774   1.00 62.69  ? 269 HOH A O   1 
HETATM 1717 O O   . HOH C 3 .   ? -15.829 10.745  8.043   1.00 67.88  ? 270 HOH A O   1 
HETATM 1718 O O   . HOH C 3 .   ? -28.663 3.852   6.908   1.00 98.91  ? 271 HOH A O   1 
HETATM 1719 O O   . HOH C 3 .   ? -27.859 -10.625 1.634   1.00 78.16  ? 272 HOH A O   1 
HETATM 1720 O O   . HOH C 3 .   ? 4.480   16.086  -6.521  1.00 96.31  ? 273 HOH A O   1 
HETATM 1721 O O   . HOH C 3 .   ? 7.116   9.120   9.271   1.00 72.17  ? 274 HOH A O   1 
HETATM 1722 O O   . HOH C 3 .   ? 31.407  1.604   -16.121 1.00 89.82  ? 275 HOH A O   1 
HETATM 1723 O O   . HOH C 3 .   ? -34.205 -5.219  3.644   1.00 96.03  ? 276 HOH A O   1 
HETATM 1724 O O   . HOH C 3 .   ? 25.094  -5.501  -4.528  1.00 96.44  ? 277 HOH A O   1 
HETATM 1725 O O   . HOH C 3 .   ? -26.418 -25.332 6.239   1.00 90.50  ? 278 HOH A O   1 
HETATM 1726 O O   . HOH C 3 .   ? -27.110 -20.329 6.355   1.00 97.81  ? 279 HOH A O   1 
HETATM 1727 O O   . HOH C 3 .   ? -20.559 -15.764 12.332  1.00 83.48  ? 280 HOH A O   1 
HETATM 1728 O O   . HOH C 3 .   ? 0.860   9.685   -1.882  1.00 103.20 ? 281 HOH A O   1 
HETATM 1729 O O   . HOH C 3 .   ? 21.718  7.448   1.650   1.00 95.97  ? 282 HOH A O   1 
# 
